data_7XTJ
#
_entry.id   7XTJ
#
_cell.length_a   120.881
_cell.length_b   120.881
_cell.length_c   266.443
_cell.angle_alpha   90.000
_cell.angle_beta   90.000
_cell.angle_gamma   90.000
#
_symmetry.space_group_name_H-M   'P 41 21 2'
#
loop_
_entity.id
_entity.type
_entity.pdbx_description
1 polymer 'Xylan 1,4-beta-xylosidase'
2 branched alpha-D-mannopyranose-(1-2)-alpha-D-mannopyranose-(1-3)-[alpha-D-mannopyranose-(1-6)]beta-D-mannopyranose-(1-4)-2-acetamido-2-deoxy-beta-D-glucopyranose-(1-4)-2-acetamido-2-deoxy-beta-D-glucopyranose
3 branched 2-acetamido-2-deoxy-beta-D-glucopyranose-(1-4)-2-acetamido-2-deoxy-beta-D-glucopyranose
4 branched beta-D-mannopyranose-(1-4)-2-acetamido-2-deoxy-beta-D-glucopyranose-(1-4)-2-acetamido-2-deoxy-beta-D-glucopyranose
5 non-polymer 2-acetamido-2-deoxy-beta-D-glucopyranose
6 non-polymer GLYCEROL
7 water water
#
_entity_poly.entity_id   1
_entity_poly.type   'polypeptide(L)'
_entity_poly.pdbx_seq_one_letter_code
;AHHHHHHHHAAANTSYVDYNVEANPDLYPLCVETIPLSFPDCQNGPLRSHLICDESATPYDRAASLISLFTLDELIANTG
NTGLGVSRLGLPAYQVWSAALHGLDRANFSDSGSYNWATSFPQPILTTAALNRTLIHQIASIISTQGRAFNNAGRYGLDV
YAPNINTFRHPVWGRGQETPGEDVSLAAVYAYEYITGIQGPDPDSNLKLAATAKHYAGYDIENWHNHSRLGNDMNITQQD
LSEYYTPQFHVAARDAKVHSVMCAYNAVNGVPACADSYFLQTLLRDTFGFVDHGYVSSDCDAAYNIYNPHGYASSQAAAA
AEAILAGTDIDCGTTYQWHLNESITAGDLSRDDIEKGVIRLYTTLVQAGYFDSNTTKANNPYRDLTWSDVVETDAWNISY
QAATQGIVLLKNSNNVLPLTEKAYPPSNTTVALIGPWANATTQLLGNYYGNAPYMISPRAAFEEAGYNVNFAEGTGISST
STSGFAAALSAAQSADVIIYAGGIDNTLEAEALDRESIAWPGNQLDLIQKLASSAGNKPLIVLQMGGGQVDSSSLKNNTN
VSALLWGGYPGQSGGFALRDIITGRKNPAGRLVTTQYPASYAEEFPATDMNLRPEGDNPGQTYKWYTGEAVYEFGHGLFY
TTFAESSSNTTTREIKLNIQDILSQTHEDLASITQLPVLNFTANIQNTGKVESDYTAMVFANTSDAGPAPYPVKWLVGWD
RLGDVKVGETRELRVPIEVGSFARVNEDGDWVLFPGTFELGLNLERKVRVKVVLSGEEEVVLKWPGKE
;
_entity_poly.pdbx_strand_id   A,B
#
loop_
_chem_comp.id
_chem_comp.type
_chem_comp.name
_chem_comp.formula
BMA D-saccharide, beta linking beta-D-mannopyranose 'C6 H12 O6'
GOL non-polymer GLYCEROL 'C3 H8 O3'
MAN D-saccharide, alpha linking alpha-D-mannopyranose 'C6 H12 O6'
NAG D-saccharide, beta linking 2-acetamido-2-deoxy-beta-D-glucopyranose 'C8 H15 N O6'
#
# COMPACT_ATOMS: atom_id res chain seq x y z
N PRO A 36 -20.18 -0.53 27.00
CA PRO A 36 -20.56 -1.80 26.37
C PRO A 36 -19.41 -2.42 25.55
N LEU A 37 -18.21 -2.49 26.14
CA LEU A 37 -17.04 -3.00 25.44
C LEU A 37 -16.79 -4.45 25.86
N SER A 38 -16.75 -5.35 24.87
CA SER A 38 -16.51 -6.77 25.10
C SER A 38 -15.71 -7.34 23.93
N PHE A 39 -15.44 -8.65 23.99
CA PHE A 39 -14.71 -9.36 22.95
C PHE A 39 -15.61 -10.33 22.21
N PRO A 40 -15.48 -10.45 20.89
CA PRO A 40 -16.28 -11.44 20.16
C PRO A 40 -15.93 -12.85 20.59
N ASP A 41 -16.94 -13.72 20.57
CA ASP A 41 -16.79 -15.13 20.93
C ASP A 41 -16.52 -15.92 19.65
N CYS A 42 -15.24 -16.16 19.36
CA CYS A 42 -14.87 -16.85 18.14
C CYS A 42 -14.93 -18.37 18.28
N GLN A 43 -15.24 -18.89 19.47
CA GLN A 43 -15.32 -20.33 19.69
C GLN A 43 -16.75 -20.84 19.68
N ASN A 44 -17.70 -20.12 20.26
CA ASN A 44 -19.09 -20.55 20.27
C ASN A 44 -20.04 -19.48 19.76
N GLY A 45 -19.52 -18.47 19.07
CA GLY A 45 -20.34 -17.39 18.55
C GLY A 45 -20.66 -17.54 17.07
N PRO A 46 -21.52 -16.65 16.55
CA PRO A 46 -21.97 -16.78 15.16
C PRO A 46 -20.85 -16.69 14.15
N LEU A 47 -19.68 -16.19 14.53
CA LEU A 47 -18.53 -16.08 13.64
C LEU A 47 -17.57 -17.25 13.74
N ARG A 48 -17.87 -18.25 14.58
CA ARG A 48 -16.92 -19.34 14.81
C ARG A 48 -16.60 -20.12 13.54
N SER A 49 -17.48 -20.08 12.55
CA SER A 49 -17.34 -20.86 11.33
C SER A 49 -16.68 -20.09 10.19
N HIS A 50 -16.39 -18.81 10.38
CA HIS A 50 -15.90 -17.96 9.30
C HIS A 50 -14.43 -17.65 9.46
N LEU A 51 -13.82 -17.17 8.36
CA LEU A 51 -12.38 -16.95 8.33
C LEU A 51 -11.95 -15.90 9.35
N ILE A 52 -12.85 -15.00 9.76
CA ILE A 52 -12.49 -14.00 10.75
C ILE A 52 -12.00 -14.69 12.02
N CYS A 53 -12.46 -15.91 12.28
CA CYS A 53 -12.12 -16.66 13.49
C CYS A 53 -11.05 -17.73 13.25
N ASP A 54 -10.38 -17.72 12.09
CA ASP A 54 -9.35 -18.70 11.78
C ASP A 54 -7.99 -18.08 12.05
N GLU A 55 -7.38 -18.44 13.19
CA GLU A 55 -6.14 -17.81 13.62
C GLU A 55 -4.97 -18.08 12.67
N SER A 56 -5.15 -18.98 11.68
CA SER A 56 -4.11 -19.26 10.71
C SER A 56 -4.15 -18.33 9.50
N ALA A 57 -5.28 -17.71 9.20
CA ALA A 57 -5.35 -16.80 8.07
C ALA A 57 -4.51 -15.55 8.35
N THR A 58 -4.31 -14.76 7.30
CA THR A 58 -3.61 -13.49 7.48
C THR A 58 -4.56 -12.46 8.09
N PRO A 59 -4.03 -11.52 8.89
CA PRO A 59 -4.92 -10.55 9.55
C PRO A 59 -5.79 -9.78 8.58
N TYR A 60 -5.22 -9.38 7.44
CA TYR A 60 -6.00 -8.64 6.45
C TYR A 60 -7.16 -9.48 5.93
N ASP A 61 -6.89 -10.75 5.58
CA ASP A 61 -7.94 -11.59 5.02
C ASP A 61 -9.03 -11.86 6.04
N ARG A 62 -8.65 -12.07 7.31
CA ARG A 62 -9.66 -12.23 8.35
C ARG A 62 -10.58 -11.01 8.40
N ALA A 63 -10.00 -9.81 8.47
CA ALA A 63 -10.84 -8.62 8.55
C ALA A 63 -11.69 -8.45 7.30
N ALA A 64 -11.14 -8.79 6.13
CA ALA A 64 -11.88 -8.65 4.89
C ALA A 64 -13.09 -9.57 4.88
N SER A 65 -12.92 -10.82 5.32
CA SER A 65 -14.07 -11.72 5.38
C SER A 65 -15.11 -11.19 6.37
N LEU A 66 -14.67 -10.69 7.51
CA LEU A 66 -15.63 -10.14 8.47
C LEU A 66 -16.46 -9.05 7.82
N ILE A 67 -15.81 -8.11 7.14
CA ILE A 67 -16.57 -7.04 6.49
C ILE A 67 -17.47 -7.61 5.40
N SER A 68 -17.00 -8.64 4.69
CA SER A 68 -17.83 -9.28 3.66
C SER A 68 -19.09 -9.90 4.25
N LEU A 69 -19.12 -10.16 5.56
CA LEU A 69 -20.33 -10.63 6.20
C LEU A 69 -21.33 -9.52 6.53
N PHE A 70 -20.98 -8.25 6.31
CA PHE A 70 -21.88 -7.16 6.69
C PHE A 70 -22.88 -6.84 5.57
N THR A 71 -23.94 -6.12 5.95
CA THR A 71 -24.80 -5.41 5.03
C THR A 71 -24.26 -3.99 4.85
N LEU A 72 -24.84 -3.26 3.90
CA LEU A 72 -24.42 -1.87 3.72
C LEU A 72 -24.75 -1.04 4.96
N ASP A 73 -25.94 -1.22 5.53
CA ASP A 73 -26.30 -0.47 6.73
C ASP A 73 -25.40 -0.83 7.91
N GLU A 74 -25.13 -2.12 8.08
CA GLU A 74 -24.22 -2.54 9.14
C GLU A 74 -22.81 -2.00 8.90
N LEU A 75 -22.36 -2.01 7.65
CA LEU A 75 -21.05 -1.46 7.34
C LEU A 75 -20.97 0.02 7.71
N ILE A 76 -21.94 0.82 7.25
CA ILE A 76 -21.93 2.25 7.53
C ILE A 76 -22.03 2.49 9.03
N ALA A 77 -22.75 1.63 9.75
CA ALA A 77 -22.88 1.80 11.19
C ALA A 77 -21.56 1.68 11.92
N ASN A 78 -20.50 1.16 11.29
CA ASN A 78 -19.20 1.01 11.92
C ASN A 78 -18.12 1.87 11.26
N THR A 79 -18.52 2.97 10.60
CA THR A 79 -17.55 3.87 10.01
C THR A 79 -17.16 5.04 10.91
N GLY A 80 -17.73 5.13 12.12
CA GLY A 80 -17.39 6.17 13.07
C GLY A 80 -16.65 5.62 14.28
N ASN A 81 -16.13 6.54 15.09
CA ASN A 81 -15.41 6.15 16.30
C ASN A 81 -16.28 5.30 17.22
N THR A 82 -17.56 5.66 17.38
CA THR A 82 -18.48 4.85 18.18
C THR A 82 -19.13 3.85 17.25
N GLY A 83 -18.40 2.78 16.97
CA GLY A 83 -18.89 1.75 16.06
C GLY A 83 -19.96 0.92 16.73
N LEU A 84 -21.10 0.75 16.06
CA LEU A 84 -22.25 0.10 16.67
C LEU A 84 -22.14 -1.41 16.71
N GLY A 85 -21.18 -1.99 16.01
CA GLY A 85 -21.09 -3.43 15.96
C GLY A 85 -22.19 -4.02 15.06
N VAL A 86 -22.26 -5.34 15.08
CA VAL A 86 -23.25 -6.10 14.34
C VAL A 86 -23.82 -7.13 15.29
N SER A 87 -25.06 -6.90 15.73
CA SER A 87 -25.60 -7.72 16.79
C SER A 87 -25.83 -9.15 16.33
N ARG A 88 -26.39 -9.34 15.13
CA ARG A 88 -26.72 -10.68 14.68
C ARG A 88 -25.50 -11.57 14.55
N LEU A 89 -24.31 -11.00 14.41
CA LEU A 89 -23.09 -11.78 14.26
C LEU A 89 -22.31 -11.94 15.56
N GLY A 90 -22.84 -11.44 16.67
CA GLY A 90 -22.06 -11.46 17.89
C GLY A 90 -20.87 -10.54 17.88
N LEU A 91 -20.90 -9.50 17.04
CA LEU A 91 -19.77 -8.59 16.93
C LEU A 91 -19.98 -7.43 17.89
N PRO A 92 -19.14 -7.25 18.89
CA PRO A 92 -19.37 -6.19 19.87
C PRO A 92 -19.23 -4.81 19.26
N ALA A 93 -19.89 -3.84 19.90
CA ALA A 93 -19.59 -2.44 19.61
C ALA A 93 -18.15 -2.14 20.00
N TYR A 94 -17.50 -1.27 19.24
CA TYR A 94 -16.14 -0.90 19.53
C TYR A 94 -16.00 0.61 19.48
N GLN A 95 -15.26 1.17 20.43
CA GLN A 95 -15.07 2.61 20.56
C GLN A 95 -13.63 2.94 20.17
N VAL A 96 -13.48 3.71 19.10
CA VAL A 96 -12.15 4.03 18.60
C VAL A 96 -11.48 5.10 19.43
N TRP A 97 -12.26 5.98 20.06
CA TRP A 97 -11.72 7.13 20.78
C TRP A 97 -11.34 6.71 22.19
N SER A 98 -10.03 6.54 22.43
CA SER A 98 -9.48 6.40 23.77
C SER A 98 -8.35 7.40 23.94
N ALA A 99 -8.27 7.99 25.13
CA ALA A 99 -7.27 9.02 25.40
C ALA A 99 -6.13 8.44 26.19
N ALA A 100 -4.90 8.65 25.71
CA ALA A 100 -3.75 8.14 26.44
C ALA A 100 -2.57 9.11 26.45
N LEU A 101 -2.77 10.39 26.12
CA LEU A 101 -1.64 11.28 25.88
C LEU A 101 -0.62 11.23 27.00
N HIS A 102 -1.08 11.28 28.25
CA HIS A 102 -0.17 11.23 29.40
C HIS A 102 -0.75 10.35 30.50
N GLY A 103 -1.47 9.30 30.12
CA GLY A 103 -2.06 8.38 31.06
C GLY A 103 -3.44 7.98 30.59
N LEU A 104 -4.17 7.18 31.36
CA LEU A 104 -5.54 6.89 31.00
C LEU A 104 -6.35 8.15 31.25
N ASP A 105 -6.21 9.13 30.35
CA ASP A 105 -6.78 10.45 30.57
C ASP A 105 -8.29 10.47 30.46
N ARG A 106 -8.91 9.40 29.97
CA ARG A 106 -10.36 9.29 29.96
C ARG A 106 -10.71 7.82 29.78
N ALA A 107 -11.36 7.23 30.77
CA ALA A 107 -11.78 5.84 30.72
C ALA A 107 -13.06 5.70 31.55
N ASN A 108 -13.66 4.52 31.48
CA ASN A 108 -14.86 4.21 32.25
C ASN A 108 -14.41 3.75 33.65
N PHE A 109 -14.13 4.74 34.49
CA PHE A 109 -13.67 4.49 35.85
C PHE A 109 -14.81 4.03 36.75
N SER A 110 -14.44 3.29 37.79
CA SER A 110 -15.35 2.93 38.86
C SER A 110 -15.39 4.05 39.91
N ASP A 111 -16.46 4.03 40.71
CA ASP A 111 -16.60 5.00 41.79
C ASP A 111 -15.77 4.63 43.02
N SER A 112 -15.31 3.38 43.12
CA SER A 112 -14.52 2.94 44.27
C SER A 112 -13.87 1.61 43.93
N GLY A 113 -12.82 1.29 44.67
CA GLY A 113 -12.23 -0.03 44.53
C GLY A 113 -11.47 -0.19 43.23
N SER A 114 -11.69 -1.31 42.56
CA SER A 114 -10.96 -1.63 41.34
C SER A 114 -11.34 -0.70 40.18
N TYR A 115 -10.34 -0.32 39.39
CA TYR A 115 -10.56 0.51 38.21
C TYR A 115 -11.10 1.89 38.58
N ASN A 116 -10.76 2.36 39.79
CA ASN A 116 -11.17 3.68 40.25
C ASN A 116 -10.23 4.79 39.81
N TRP A 117 -9.00 4.46 39.43
CA TRP A 117 -8.04 5.49 39.03
C TRP A 117 -6.99 4.88 38.10
N ALA A 118 -6.14 5.76 37.57
CA ALA A 118 -5.05 5.35 36.70
C ALA A 118 -3.96 6.41 36.80
N THR A 119 -2.72 6.00 36.54
CA THR A 119 -1.59 6.91 36.70
C THR A 119 -1.70 8.08 35.74
N SER A 120 -1.49 9.29 36.27
CA SER A 120 -1.44 10.51 35.47
C SER A 120 -0.02 11.05 35.47
N PHE A 121 0.68 10.88 34.35
CA PHE A 121 2.05 11.36 34.18
C PHE A 121 2.06 12.85 33.87
N PRO A 122 3.22 13.50 34.00
CA PRO A 122 3.33 14.91 33.60
C PRO A 122 2.83 15.12 32.17
N GLN A 123 2.57 16.36 31.78
CA GLN A 123 2.28 16.61 30.39
C GLN A 123 3.53 16.35 29.55
N PRO A 124 3.35 15.95 28.29
CA PRO A 124 4.52 15.56 27.48
C PRO A 124 5.60 16.62 27.44
N ILE A 125 5.23 17.89 27.52
CA ILE A 125 6.21 18.97 27.39
C ILE A 125 7.26 18.88 28.49
N LEU A 126 6.84 18.51 29.71
CA LEU A 126 7.80 18.39 30.82
C LEU A 126 8.65 17.14 30.71
N THR A 127 8.04 16.01 30.36
CA THR A 127 8.79 14.77 30.20
C THR A 127 9.89 14.94 29.16
N THR A 128 9.55 15.55 28.02
CA THR A 128 10.52 15.75 26.96
C THR A 128 11.72 16.59 27.42
N ALA A 129 11.55 17.43 28.44
CA ALA A 129 12.67 18.26 28.90
C ALA A 129 13.69 17.46 29.70
N ALA A 130 13.37 16.24 30.12
CA ALA A 130 14.38 15.40 30.76
C ALA A 130 15.39 14.83 29.78
N LEU A 131 15.10 14.91 28.47
CA LEU A 131 16.03 14.48 27.42
C LEU A 131 16.47 13.03 27.64
N ASN A 132 15.51 12.19 28.02
CA ASN A 132 15.74 10.78 28.36
C ASN A 132 14.74 9.94 27.57
N ARG A 133 15.23 9.30 26.49
N ARG A 133 15.23 9.30 26.49
CA ARG A 133 14.37 8.52 25.60
CA ARG A 133 14.36 8.53 25.60
C ARG A 133 13.73 7.34 26.30
C ARG A 133 13.73 7.34 26.32
N THR A 134 14.52 6.64 27.12
CA THR A 134 14.00 5.47 27.82
C THR A 134 12.86 5.84 28.74
N LEU A 135 12.91 7.03 29.34
CA LEU A 135 11.81 7.50 30.17
C LEU A 135 10.51 7.52 29.38
N ILE A 136 10.54 8.12 28.19
CA ILE A 136 9.33 8.16 27.37
C ILE A 136 8.87 6.75 27.05
N HIS A 137 9.81 5.88 26.68
CA HIS A 137 9.38 4.52 26.33
C HIS A 137 8.70 3.86 27.51
N GLN A 138 9.26 4.00 28.71
CA GLN A 138 8.67 3.33 29.87
C GLN A 138 7.30 3.89 30.21
N ILE A 139 7.14 5.21 30.11
CA ILE A 139 5.84 5.81 30.39
C ILE A 139 4.80 5.24 29.43
N ALA A 140 5.16 5.14 28.15
CA ALA A 140 4.21 4.63 27.18
C ALA A 140 3.86 3.17 27.47
N SER A 141 4.87 2.37 27.84
CA SER A 141 4.60 0.97 28.15
C SER A 141 3.69 0.82 29.35
N ILE A 142 3.89 1.65 30.38
CA ILE A 142 3.02 1.61 31.56
C ILE A 142 1.59 1.99 31.18
N ILE A 143 1.44 3.07 30.41
CA ILE A 143 0.13 3.49 29.95
C ILE A 143 -0.56 2.35 29.20
N SER A 144 0.17 1.69 28.30
CA SER A 144 -0.42 0.61 27.51
C SER A 144 -0.81 -0.56 28.40
N THR A 145 0.00 -0.90 29.41
CA THR A 145 -0.39 -1.94 30.34
C THR A 145 -1.71 -1.60 31.05
N GLN A 146 -1.80 -0.41 31.63
CA GLN A 146 -3.03 -0.05 32.34
C GLN A 146 -4.22 -0.02 31.39
N GLY A 147 -3.99 0.46 30.15
CA GLY A 147 -5.04 0.46 29.16
C GLY A 147 -5.55 -0.93 28.86
N ARG A 148 -4.63 -1.89 28.67
CA ARG A 148 -5.05 -3.26 28.45
C ARG A 148 -5.81 -3.79 29.66
N ALA A 149 -5.36 -3.45 30.87
CA ALA A 149 -6.07 -3.89 32.06
C ALA A 149 -7.50 -3.38 32.05
N PHE A 150 -7.70 -2.10 31.71
CA PHE A 150 -9.06 -1.58 31.68
C PHE A 150 -9.89 -2.18 30.56
N ASN A 151 -9.25 -2.45 29.42
CA ASN A 151 -9.97 -3.06 28.31
C ASN A 151 -10.39 -4.50 28.63
N ASN A 152 -9.57 -5.23 29.37
CA ASN A 152 -9.95 -6.55 29.83
C ASN A 152 -11.18 -6.48 30.75
N ALA A 153 -11.38 -5.35 31.41
CA ALA A 153 -12.55 -5.13 32.25
C ALA A 153 -13.69 -4.41 31.53
N GLY A 154 -13.52 -4.09 30.25
CA GLY A 154 -14.55 -3.44 29.48
C GLY A 154 -14.62 -1.94 29.62
N ARG A 155 -13.58 -1.30 30.15
CA ARG A 155 -13.61 0.12 30.49
C ARG A 155 -12.67 0.96 29.63
N TYR A 156 -12.17 0.43 28.52
CA TYR A 156 -11.19 1.13 27.70
C TYR A 156 -11.08 0.38 26.38
N GLY A 157 -10.56 1.07 25.36
CA GLY A 157 -10.44 0.51 24.03
C GLY A 157 -9.13 -0.22 23.79
N LEU A 158 -8.89 -0.54 22.52
CA LEU A 158 -7.64 -1.16 22.11
C LEU A 158 -6.78 -0.26 21.23
N ASP A 159 -7.28 0.92 20.85
CA ASP A 159 -6.45 1.91 20.17
C ASP A 159 -6.63 3.26 20.86
N VAL A 160 -5.55 4.06 20.83
CA VAL A 160 -5.49 5.30 21.58
C VAL A 160 -5.13 6.45 20.65
N TYR A 161 -5.79 7.59 20.85
CA TYR A 161 -5.54 8.79 20.05
C TYR A 161 -4.33 9.55 20.56
N ALA A 162 -3.21 8.86 20.71
CA ALA A 162 -1.94 9.43 21.15
C ALA A 162 -0.82 8.72 20.42
N PRO A 163 0.34 9.37 20.28
CA PRO A 163 0.76 10.66 20.83
C PRO A 163 0.56 11.88 19.94
N ASN A 164 0.36 13.04 20.54
CA ASN A 164 0.50 14.30 19.81
C ASN A 164 1.97 14.55 19.48
N ILE A 165 2.30 14.69 18.20
CA ILE A 165 3.69 14.88 17.84
C ILE A 165 3.87 16.12 16.96
N ASN A 166 2.87 17.00 16.92
CA ASN A 166 3.07 18.34 16.40
C ASN A 166 4.15 19.03 17.23
N THR A 167 4.70 20.11 16.69
CA THR A 167 5.69 20.91 17.42
C THR A 167 5.08 22.20 17.94
N PHE A 168 5.60 22.66 19.07
CA PHE A 168 5.20 23.93 19.67
C PHE A 168 5.85 25.11 18.94
N ARG A 169 5.43 25.31 17.68
CA ARG A 169 6.07 26.33 16.85
C ARG A 169 5.89 27.72 17.43
N HIS A 170 4.65 28.10 17.71
CA HIS A 170 4.40 29.45 18.20
C HIS A 170 4.02 29.40 19.67
N PRO A 171 4.58 30.29 20.49
CA PRO A 171 4.43 30.14 21.95
C PRO A 171 3.01 30.31 22.47
N VAL A 172 2.07 30.89 21.70
CA VAL A 172 0.73 31.10 22.23
C VAL A 172 -0.16 29.87 22.16
N TRP A 173 0.26 28.80 21.48
CA TRP A 173 -0.63 27.68 21.23
C TRP A 173 -1.13 27.08 22.53
N GLY A 174 -2.45 26.89 22.63
CA GLY A 174 -3.04 26.37 23.85
C GLY A 174 -2.84 24.89 24.08
N ARG A 175 -2.38 24.15 23.08
CA ARG A 175 -2.08 22.74 23.23
C ARG A 175 -0.58 22.43 23.21
N GLY A 176 0.27 23.45 23.15
CA GLY A 176 1.69 23.20 23.17
C GLY A 176 2.14 22.36 24.34
N GLN A 177 1.37 22.37 25.44
CA GLN A 177 1.72 21.54 26.57
C GLN A 177 1.71 20.06 26.22
N GLU A 178 0.93 19.68 25.21
CA GLU A 178 0.78 18.28 24.84
C GLU A 178 1.82 17.80 23.83
N THR A 179 2.77 18.67 23.44
CA THR A 179 3.75 18.38 22.41
C THR A 179 5.12 18.13 23.00
N PRO A 180 6.02 17.51 22.24
CA PRO A 180 7.41 17.35 22.67
C PRO A 180 8.27 18.61 22.53
N GLY A 181 7.69 19.77 22.28
CA GLY A 181 8.46 20.98 22.16
C GLY A 181 8.47 21.52 20.74
N GLU A 182 9.37 22.45 20.48
CA GLU A 182 9.41 23.14 19.20
C GLU A 182 10.36 22.50 18.20
N ASP A 183 11.11 21.47 18.59
CA ASP A 183 12.13 20.90 17.71
C ASP A 183 11.66 19.58 17.14
N VAL A 184 11.64 19.49 15.80
CA VAL A 184 11.02 18.33 15.17
C VAL A 184 11.81 17.05 15.43
N SER A 185 13.12 17.15 15.66
CA SER A 185 13.89 15.95 15.97
C SER A 185 13.47 15.36 17.32
N LEU A 186 13.34 16.20 18.35
CA LEU A 186 12.82 15.71 19.62
C LEU A 186 11.42 15.14 19.46
N ALA A 187 10.59 15.78 18.64
CA ALA A 187 9.25 15.22 18.40
C ALA A 187 9.36 13.85 17.74
N ALA A 188 10.30 13.68 16.81
CA ALA A 188 10.46 12.40 16.13
C ALA A 188 10.89 11.29 17.10
N VAL A 189 11.86 11.59 17.96
CA VAL A 189 12.29 10.61 18.95
C VAL A 189 11.16 10.30 19.94
N TYR A 190 10.42 11.33 20.36
CA TYR A 190 9.29 11.10 21.24
C TYR A 190 8.27 10.21 20.57
N ALA A 191 7.98 10.48 19.29
CA ALA A 191 7.04 9.64 18.56
C ALA A 191 7.49 8.19 18.57
N TYR A 192 8.78 7.96 18.27
CA TYR A 192 9.27 6.58 18.20
C TYR A 192 9.16 5.87 19.55
N GLU A 193 9.69 6.50 20.60
CA GLU A 193 9.69 5.87 21.92
C GLU A 193 8.27 5.63 22.43
N TYR A 194 7.41 6.65 22.33
CA TYR A 194 6.04 6.52 22.81
C TYR A 194 5.25 5.50 22.01
N ILE A 195 5.31 5.58 20.67
CA ILE A 195 4.55 4.66 19.85
C ILE A 195 5.00 3.22 20.07
N THR A 196 6.31 3.00 20.23
CA THR A 196 6.77 1.65 20.49
C THR A 196 6.30 1.16 21.86
N GLY A 197 6.44 2.00 22.90
CA GLY A 197 5.96 1.61 24.21
C GLY A 197 4.47 1.28 24.21
N ILE A 198 3.69 2.05 23.45
CA ILE A 198 2.25 1.82 23.40
C ILE A 198 1.92 0.53 22.66
N GLN A 199 2.60 0.29 21.54
CA GLN A 199 2.19 -0.81 20.66
C GLN A 199 2.76 -2.15 21.11
N GLY A 200 4.00 -2.15 21.61
CA GLY A 200 4.63 -3.38 22.04
C GLY A 200 5.76 -3.80 21.13
N PRO A 201 6.44 -4.89 21.50
CA PRO A 201 7.62 -5.31 20.72
C PRO A 201 7.28 -5.92 19.37
N ASP A 202 6.10 -6.50 19.21
CA ASP A 202 5.67 -7.18 17.98
C ASP A 202 4.35 -6.56 17.54
N PRO A 203 4.39 -5.36 16.96
CA PRO A 203 3.14 -4.69 16.55
C PRO A 203 2.38 -5.39 15.44
N ASP A 204 3.04 -6.20 14.62
CA ASP A 204 2.36 -6.83 13.49
C ASP A 204 1.55 -8.05 13.90
N SER A 205 1.98 -8.76 14.95
CA SER A 205 1.38 -10.03 15.32
C SER A 205 0.73 -10.04 16.69
N ASN A 206 1.37 -9.48 17.72
CA ASN A 206 0.76 -9.35 19.05
C ASN A 206 0.85 -7.87 19.45
N LEU A 207 -0.13 -7.10 18.98
CA LEU A 207 -0.16 -5.66 19.24
C LEU A 207 -0.73 -5.42 20.63
N LYS A 208 -0.04 -4.61 21.42
CA LYS A 208 -0.58 -4.31 22.74
C LYS A 208 -1.73 -3.32 22.58
N LEU A 209 -1.44 -2.11 22.14
CA LEU A 209 -2.45 -1.15 21.77
C LEU A 209 -2.02 -0.43 20.50
N ALA A 210 -2.99 -0.11 19.66
CA ALA A 210 -2.70 0.69 18.47
C ALA A 210 -2.55 2.16 18.85
N ALA A 211 -1.48 2.78 18.38
CA ALA A 211 -1.26 4.20 18.59
C ALA A 211 -1.73 4.98 17.37
N THR A 212 -1.88 6.29 17.56
CA THR A 212 -2.35 7.19 16.51
C THR A 212 -1.51 8.46 16.57
N ALA A 213 -0.63 8.63 15.59
CA ALA A 213 0.12 9.89 15.51
C ALA A 213 -0.82 11.03 15.10
N LYS A 214 -0.75 12.13 15.83
CA LYS A 214 -1.61 13.27 15.57
C LYS A 214 -0.83 14.56 15.80
N HIS A 215 -1.26 15.63 15.16
CA HIS A 215 -2.36 15.73 14.20
C HIS A 215 -1.75 16.10 12.87
N TYR A 216 -2.13 15.36 11.84
CA TYR A 216 -1.44 15.38 10.54
C TYR A 216 -2.28 16.19 9.56
N ALA A 217 -1.79 17.36 9.16
CA ALA A 217 -0.53 18.00 9.56
C ALA A 217 -0.70 19.52 9.53
N GLY A 218 0.26 20.25 10.09
CA GLY A 218 0.17 21.69 10.07
C GLY A 218 -0.75 22.29 11.12
N TYR A 219 -1.08 21.52 12.15
CA TYR A 219 -1.98 21.96 13.22
C TYR A 219 -1.15 22.47 14.39
N ASP A 220 -1.10 23.80 14.55
CA ASP A 220 -0.40 24.35 15.71
C ASP A 220 -1.09 25.57 16.32
N ILE A 221 -2.33 25.87 15.97
CA ILE A 221 -3.04 27.06 16.43
C ILE A 221 -4.47 26.65 16.75
N GLU A 222 -5.02 27.18 17.85
CA GLU A 222 -6.39 26.86 18.25
C GLU A 222 -7.39 27.89 17.75
N ASN A 223 -7.26 29.12 18.25
CA ASN A 223 -8.22 30.15 17.87
C ASN A 223 -7.60 31.54 17.78
N TRP A 224 -6.29 31.68 17.72
CA TRP A 224 -5.68 33.00 17.87
C TRP A 224 -6.32 34.04 16.94
N HIS A 225 -6.76 35.15 17.54
CA HIS A 225 -7.40 36.25 16.81
C HIS A 225 -8.52 35.71 15.91
N ASN A 226 -9.34 34.82 16.46
CA ASN A 226 -10.49 34.24 15.79
C ASN A 226 -10.13 33.38 14.59
N HIS A 227 -8.85 33.04 14.41
CA HIS A 227 -8.43 32.09 13.37
C HIS A 227 -8.64 30.69 13.94
N SER A 228 -9.87 30.20 13.83
CA SER A 228 -10.20 28.90 14.39
C SER A 228 -9.54 27.78 13.62
N ARG A 229 -9.08 26.76 14.35
CA ARG A 229 -8.52 25.56 13.74
C ARG A 229 -9.52 24.92 12.78
N LEU A 230 -10.82 25.03 13.06
CA LEU A 230 -11.84 24.40 12.23
C LEU A 230 -11.89 25.00 10.83
N GLY A 231 -11.50 26.26 10.66
CA GLY A 231 -11.62 26.89 9.37
C GLY A 231 -10.30 27.32 8.77
N ASN A 232 -9.24 27.15 9.55
CA ASN A 232 -7.92 27.66 9.17
C ASN A 232 -7.43 27.00 7.89
N ASP A 233 -6.87 27.82 7.00
CA ASP A 233 -6.28 27.38 5.75
C ASP A 233 -4.84 27.87 5.73
N MET A 234 -3.93 27.04 6.23
CA MET A 234 -2.55 27.46 6.48
C MET A 234 -1.72 27.33 5.20
N ASN A 235 -0.91 28.34 4.93
CA ASN A 235 -0.04 28.37 3.76
C ASN A 235 1.36 27.92 4.19
N ILE A 236 1.78 26.76 3.70
CA ILE A 236 3.06 26.17 4.07
C ILE A 236 3.83 25.86 2.79
N THR A 237 5.09 26.30 2.74
CA THR A 237 5.94 25.96 1.61
C THR A 237 6.28 24.48 1.65
N GLN A 238 6.48 23.89 0.47
CA GLN A 238 6.92 22.49 0.40
C GLN A 238 8.18 22.28 1.21
N GLN A 239 9.07 23.29 1.23
CA GLN A 239 10.29 23.18 2.02
C GLN A 239 9.99 23.04 3.50
N ASP A 240 9.12 23.91 4.04
CA ASP A 240 8.74 23.78 5.45
C ASP A 240 7.94 22.51 5.70
N LEU A 241 7.13 22.09 4.74
CA LEU A 241 6.40 20.85 4.89
C LEU A 241 7.35 19.66 5.06
N SER A 242 8.42 19.62 4.27
CA SER A 242 9.35 18.50 4.30
C SER A 242 10.28 18.57 5.51
N GLU A 243 10.71 19.78 5.88
CA GLU A 243 11.77 19.98 6.86
C GLU A 243 11.26 20.01 8.31
N TYR A 244 10.08 20.59 8.55
CA TYR A 244 9.61 20.84 9.91
C TYR A 244 8.28 20.16 10.24
N TYR A 245 7.29 20.22 9.35
CA TYR A 245 5.93 19.82 9.71
C TYR A 245 5.65 18.33 9.55
N THR A 246 6.23 17.66 8.55
CA THR A 246 6.05 16.22 8.31
C THR A 246 7.07 15.25 8.94
N PRO A 247 8.38 15.59 9.03
CA PRO A 247 9.40 14.56 9.36
C PRO A 247 9.04 13.61 10.49
N GLN A 248 8.47 14.14 11.58
CA GLN A 248 8.17 13.29 12.73
C GLN A 248 7.12 12.24 12.38
N PHE A 249 6.17 12.59 11.50
CA PHE A 249 5.20 11.59 11.05
C PHE A 249 5.84 10.55 10.16
N HIS A 250 6.84 10.95 9.38
CA HIS A 250 7.63 9.96 8.66
C HIS A 250 8.27 8.97 9.63
N VAL A 251 8.85 9.47 10.73
CA VAL A 251 9.48 8.57 11.69
C VAL A 251 8.44 7.66 12.32
N ALA A 252 7.32 8.25 12.73
CA ALA A 252 6.26 7.45 13.35
C ALA A 252 5.80 6.33 12.43
N ALA A 253 5.77 6.59 11.11
CA ALA A 253 5.29 5.56 10.19
C ALA A 253 6.35 4.50 9.93
N ARG A 254 7.54 4.93 9.49
CA ARG A 254 8.57 4.00 9.02
C ARG A 254 9.27 3.28 10.17
N ASP A 255 9.74 4.05 11.16
CA ASP A 255 10.54 3.51 12.25
C ASP A 255 9.68 2.93 13.37
N ALA A 256 8.67 3.67 13.85
CA ALA A 256 7.84 3.16 14.94
C ALA A 256 6.69 2.30 14.46
N LYS A 257 6.45 2.24 13.16
CA LYS A 257 5.40 1.41 12.57
C LYS A 257 4.06 1.65 13.26
N VAL A 258 3.72 2.92 13.45
CA VAL A 258 2.45 3.27 14.03
C VAL A 258 1.32 2.71 13.18
N HIS A 259 0.28 2.21 13.85
CA HIS A 259 -0.85 1.61 13.13
C HIS A 259 -1.89 2.62 12.67
N SER A 260 -1.88 3.83 13.21
CA SER A 260 -2.91 4.80 12.85
C SER A 260 -2.35 6.21 12.86
N VAL A 261 -2.95 7.07 12.04
CA VAL A 261 -2.60 8.48 11.95
C VAL A 261 -3.90 9.27 11.92
N MET A 262 -3.92 10.42 12.59
CA MET A 262 -5.10 11.26 12.67
C MET A 262 -4.85 12.52 11.85
N CYS A 263 -5.76 12.84 10.94
CA CYS A 263 -5.61 14.02 10.11
C CYS A 263 -6.29 15.21 10.75
N ALA A 264 -5.66 16.38 10.63
CA ALA A 264 -6.01 17.55 11.44
C ALA A 264 -7.27 18.25 10.91
N TYR A 265 -7.82 19.11 11.77
CA TYR A 265 -8.98 19.93 11.38
C TYR A 265 -8.62 20.88 10.26
N ASN A 266 -7.45 21.48 10.33
CA ASN A 266 -7.08 22.59 9.46
C ASN A 266 -6.87 22.13 8.02
N ALA A 267 -6.85 23.10 7.12
CA ALA A 267 -6.46 22.87 5.74
C ALA A 267 -5.03 23.38 5.53
N VAL A 268 -4.35 22.81 4.53
CA VAL A 268 -3.01 23.21 4.16
C VAL A 268 -2.99 23.53 2.68
N ASN A 269 -2.59 24.74 2.33
CA ASN A 269 -2.58 25.21 0.95
C ASN A 269 -3.91 24.90 0.26
N GLY A 270 -5.01 25.14 0.97
CA GLY A 270 -6.33 25.13 0.38
C GLY A 270 -7.08 23.82 0.45
N VAL A 271 -6.55 22.80 1.13
CA VAL A 271 -7.16 21.48 1.16
C VAL A 271 -7.28 21.03 2.61
N PRO A 272 -8.48 20.69 3.09
CA PRO A 272 -8.58 20.15 4.45
C PRO A 272 -7.77 18.87 4.57
N ALA A 273 -7.08 18.73 5.71
CA ALA A 273 -6.13 17.65 5.90
C ALA A 273 -6.77 16.29 5.65
N CYS A 274 -7.98 16.08 6.13
CA CYS A 274 -8.64 14.79 5.96
C CYS A 274 -9.21 14.59 4.56
N ALA A 275 -9.14 15.61 3.71
CA ALA A 275 -9.54 15.47 2.31
C ALA A 275 -8.34 15.63 1.37
N ASP A 276 -7.13 15.50 1.91
CA ASP A 276 -5.90 15.86 1.21
C ASP A 276 -5.22 14.59 0.72
N SER A 277 -5.56 14.18 -0.51
CA SER A 277 -4.98 12.96 -1.05
C SER A 277 -3.46 13.03 -1.09
N TYR A 278 -2.89 14.23 -1.20
CA TYR A 278 -1.44 14.37 -1.19
C TYR A 278 -0.85 13.96 0.16
N PHE A 279 -1.43 14.45 1.25
CA PHE A 279 -0.92 14.11 2.58
C PHE A 279 -1.08 12.61 2.87
N LEU A 280 -2.24 12.04 2.54
CA LEU A 280 -2.59 10.71 3.01
C LEU A 280 -2.04 9.60 2.13
N GLN A 281 -2.13 9.73 0.82
CA GLN A 281 -1.65 8.69 -0.08
C GLN A 281 -0.21 8.92 -0.51
N THR A 282 0.07 10.07 -1.13
CA THR A 282 1.39 10.33 -1.69
C THR A 282 2.46 10.31 -0.61
N LEU A 283 2.26 11.09 0.45
CA LEU A 283 3.29 11.20 1.47
C LEU A 283 3.20 10.04 2.47
N LEU A 284 2.07 9.94 3.19
CA LEU A 284 2.01 9.02 4.31
C LEU A 284 2.11 7.57 3.83
N ARG A 285 1.28 7.19 2.87
CA ARG A 285 1.24 5.78 2.49
C ARG A 285 2.34 5.42 1.49
N ASP A 286 2.70 6.35 0.60
CA ASP A 286 3.61 6.05 -0.52
C ASP A 286 5.06 6.44 -0.27
N THR A 287 5.31 7.44 0.58
CA THR A 287 6.65 7.91 0.90
C THR A 287 7.09 7.57 2.32
N PHE A 288 6.21 7.70 3.31
CA PHE A 288 6.61 7.63 4.70
C PHE A 288 6.56 6.23 5.30
N GLY A 289 6.10 5.24 4.54
CA GLY A 289 6.20 3.87 5.00
C GLY A 289 5.14 3.45 5.99
N PHE A 290 3.97 4.07 5.94
CA PHE A 290 2.84 3.65 6.77
C PHE A 290 2.64 2.13 6.62
N VAL A 291 2.45 1.46 7.75
CA VAL A 291 2.38 0.01 7.84
C VAL A 291 1.29 -0.46 6.87
N ASP A 292 1.36 -1.71 6.44
CA ASP A 292 0.29 -2.27 5.64
C ASP A 292 -1.03 -2.15 6.38
N HIS A 293 -2.05 -1.70 5.67
CA HIS A 293 -3.42 -1.71 6.19
C HIS A 293 -3.60 -0.80 7.41
N GLY A 294 -2.62 0.05 7.70
CA GLY A 294 -2.84 1.09 8.69
C GLY A 294 -4.04 1.94 8.34
N TYR A 295 -4.75 2.38 9.38
CA TYR A 295 -5.99 3.15 9.22
C TYR A 295 -5.80 4.59 9.66
N VAL A 296 -6.45 5.50 8.95
CA VAL A 296 -6.43 6.92 9.26
C VAL A 296 -7.74 7.30 9.92
N SER A 297 -7.66 7.97 11.05
CA SER A 297 -8.81 8.52 11.74
C SER A 297 -8.85 10.02 11.54
N SER A 298 -10.06 10.56 11.39
CA SER A 298 -10.16 12.01 11.40
C SER A 298 -10.15 12.51 12.84
N ASP A 299 -9.81 13.78 13.00
CA ASP A 299 -10.02 14.42 14.29
C ASP A 299 -11.52 14.56 14.53
N CYS A 300 -11.90 14.93 15.76
CA CYS A 300 -13.30 14.92 16.17
C CYS A 300 -13.85 16.35 16.10
N ASP A 301 -14.59 16.67 15.02
CA ASP A 301 -14.91 15.90 13.81
C ASP A 301 -14.44 16.66 12.54
N ALA A 302 -13.22 16.37 12.07
CA ALA A 302 -12.65 17.08 10.93
C ALA A 302 -13.40 16.80 9.63
N ALA A 303 -13.96 15.59 9.49
CA ALA A 303 -14.73 15.28 8.30
C ALA A 303 -15.89 16.25 8.14
N TYR A 304 -16.62 16.52 9.22
CA TYR A 304 -17.70 17.48 9.14
C TYR A 304 -17.17 18.87 8.78
N ASN A 305 -16.04 19.26 9.37
CA ASN A 305 -15.49 20.58 9.06
C ASN A 305 -15.09 20.73 7.61
N ILE A 306 -14.85 19.62 6.90
CA ILE A 306 -14.66 19.75 5.45
C ILE A 306 -15.81 20.53 4.84
N TYR A 307 -17.03 20.22 5.26
CA TYR A 307 -18.21 20.95 4.82
C TYR A 307 -18.30 22.30 5.52
N ASN A 308 -18.28 22.28 6.84
CA ASN A 308 -18.51 23.45 7.67
C ASN A 308 -17.49 23.55 8.80
N PRO A 309 -16.67 24.61 8.84
CA PRO A 309 -16.70 25.82 8.01
C PRO A 309 -15.75 25.87 6.79
N HIS A 310 -15.04 24.82 6.40
CA HIS A 310 -14.08 24.96 5.29
C HIS A 310 -14.80 25.23 3.97
N GLY A 311 -15.96 24.62 3.75
CA GLY A 311 -16.64 24.82 2.49
C GLY A 311 -16.03 24.10 1.31
N TYR A 312 -15.06 23.20 1.57
CA TYR A 312 -14.48 22.40 0.50
C TYR A 312 -15.50 21.46 -0.13
N ALA A 313 -16.49 21.02 0.65
CA ALA A 313 -17.59 20.22 0.14
C ALA A 313 -18.89 21.00 0.32
N SER A 314 -19.87 20.70 -0.54
CA SER A 314 -21.13 21.40 -0.55
C SER A 314 -22.17 20.79 0.38
N SER A 315 -21.90 19.62 0.96
CA SER A 315 -22.85 18.90 1.78
C SER A 315 -22.09 17.95 2.69
N GLN A 316 -22.77 17.44 3.71
CA GLN A 316 -22.14 16.45 4.58
C GLN A 316 -21.85 15.17 3.80
N ALA A 317 -22.75 14.76 2.90
CA ALA A 317 -22.51 13.56 2.11
C ALA A 317 -21.25 13.71 1.25
N ALA A 318 -21.12 14.86 0.56
CA ALA A 318 -19.95 15.10 -0.26
C ALA A 318 -18.69 15.15 0.59
N ALA A 319 -18.77 15.76 1.77
CA ALA A 319 -17.61 15.82 2.66
C ALA A 319 -17.17 14.42 3.07
N ALA A 320 -18.12 13.55 3.41
CA ALA A 320 -17.77 12.18 3.78
C ALA A 320 -17.11 11.45 2.63
N ALA A 321 -17.66 11.59 1.42
CA ALA A 321 -17.07 10.90 0.27
C ALA A 321 -15.67 11.43 -0.01
N GLU A 322 -15.46 12.74 0.04
CA GLU A 322 -14.14 13.27 -0.24
C GLU A 322 -13.13 12.79 0.81
N ALA A 323 -13.50 12.84 2.09
CA ALA A 323 -12.60 12.32 3.12
C ALA A 323 -12.25 10.86 2.86
N ILE A 324 -13.25 10.01 2.59
CA ILE A 324 -12.95 8.59 2.36
C ILE A 324 -12.03 8.41 1.16
N LEU A 325 -12.35 9.09 0.05
CA LEU A 325 -11.58 8.89 -1.18
C LEU A 325 -10.14 9.36 -1.00
N ALA A 326 -9.91 10.37 -0.15
CA ALA A 326 -8.55 10.81 0.13
C ALA A 326 -7.82 9.89 1.09
N GLY A 327 -8.53 9.10 1.89
CA GLY A 327 -7.87 8.13 2.73
C GLY A 327 -8.19 8.17 4.22
N THR A 328 -9.21 8.94 4.63
CA THR A 328 -9.60 8.95 6.04
C THR A 328 -10.57 7.79 6.26
N ASP A 329 -10.06 6.71 6.86
CA ASP A 329 -10.79 5.46 6.90
C ASP A 329 -11.94 5.52 7.91
N ILE A 330 -11.73 6.18 9.04
CA ILE A 330 -12.66 6.16 10.15
C ILE A 330 -12.91 7.58 10.63
N ASP A 331 -14.17 7.92 10.84
CA ASP A 331 -14.59 9.25 11.23
C ASP A 331 -14.78 9.31 12.74
N CYS A 332 -14.16 10.30 13.39
CA CYS A 332 -14.48 10.61 14.78
C CYS A 332 -15.62 11.60 14.77
N GLY A 333 -16.81 11.12 15.09
CA GLY A 333 -18.03 11.87 14.93
C GLY A 333 -19.06 10.99 14.28
N THR A 334 -20.08 11.61 13.71
CA THR A 334 -21.19 10.88 13.10
C THR A 334 -21.44 11.29 11.65
N THR A 335 -20.56 12.10 11.07
CA THR A 335 -20.72 12.50 9.68
C THR A 335 -20.82 11.27 8.76
N TYR A 336 -19.84 10.37 8.85
CA TYR A 336 -19.88 9.17 8.01
C TYR A 336 -21.15 8.35 8.27
N GLN A 337 -21.43 8.04 9.54
CA GLN A 337 -22.50 7.10 9.88
C GLN A 337 -23.88 7.63 9.56
N TRP A 338 -24.06 8.95 9.55
CA TRP A 338 -25.36 9.52 9.27
C TRP A 338 -25.49 10.02 7.84
N HIS A 339 -24.40 10.12 7.07
CA HIS A 339 -24.53 10.70 5.74
C HIS A 339 -23.92 9.87 4.60
N LEU A 340 -23.28 8.73 4.89
CA LEU A 340 -22.78 7.91 3.78
C LEU A 340 -23.90 7.29 2.95
N ASN A 341 -25.12 7.12 3.48
CA ASN A 341 -26.21 6.71 2.59
C ASN A 341 -26.47 7.77 1.54
N GLU A 342 -26.45 9.03 1.93
CA GLU A 342 -26.58 10.12 0.96
C GLU A 342 -25.40 10.08 -0.01
N SER A 343 -24.19 9.86 0.50
CA SER A 343 -23.02 9.74 -0.38
C SER A 343 -23.27 8.69 -1.46
N ILE A 344 -23.73 7.51 -1.06
CA ILE A 344 -24.02 6.43 -2.02
C ILE A 344 -25.10 6.87 -3.00
N THR A 345 -26.16 7.49 -2.50
CA THR A 345 -27.29 7.88 -3.34
C THR A 345 -26.90 8.91 -4.38
N ALA A 346 -25.94 9.78 -4.06
CA ALA A 346 -25.49 10.83 -4.95
C ALA A 346 -24.38 10.38 -5.89
N GLY A 347 -23.99 9.10 -5.84
CA GLY A 347 -22.91 8.60 -6.64
C GLY A 347 -21.55 9.17 -6.30
N ASP A 348 -21.34 9.55 -5.04
CA ASP A 348 -20.05 10.10 -4.63
C ASP A 348 -19.00 9.02 -4.37
N LEU A 349 -19.42 7.79 -4.10
CA LEU A 349 -18.48 6.68 -3.91
C LEU A 349 -19.26 5.38 -3.99
N SER A 350 -18.54 4.28 -3.82
CA SER A 350 -19.12 2.95 -3.88
C SER A 350 -18.94 2.24 -2.55
N ARG A 351 -19.69 1.15 -2.38
CA ARG A 351 -19.61 0.38 -1.15
C ARG A 351 -18.19 -0.15 -0.93
N ASP A 352 -17.49 -0.53 -2.01
CA ASP A 352 -16.11 -0.97 -1.87
C ASP A 352 -15.23 0.12 -1.27
N ASP A 353 -15.46 1.38 -1.69
CA ASP A 353 -14.74 2.51 -1.10
C ASP A 353 -14.93 2.56 0.41
N ILE A 354 -16.16 2.32 0.87
CA ILE A 354 -16.42 2.36 2.30
C ILE A 354 -15.76 1.17 2.99
N GLU A 355 -15.83 -0.01 2.37
CA GLU A 355 -15.29 -1.21 2.99
C GLU A 355 -13.80 -1.10 3.24
N LYS A 356 -13.09 -0.36 2.39
CA LYS A 356 -11.64 -0.27 2.56
C LYS A 356 -11.25 0.20 3.98
N GLY A 357 -11.88 1.29 4.46
CA GLY A 357 -11.50 1.81 5.76
C GLY A 357 -11.87 0.90 6.93
N VAL A 358 -13.07 0.33 6.90
CA VAL A 358 -13.47 -0.57 7.98
C VAL A 358 -12.54 -1.77 8.01
N ILE A 359 -12.16 -2.27 6.83
CA ILE A 359 -11.26 -3.41 6.77
C ILE A 359 -9.92 -3.05 7.40
N ARG A 360 -9.40 -1.86 7.12
CA ARG A 360 -8.16 -1.45 7.77
C ARG A 360 -8.30 -1.46 9.29
N LEU A 361 -9.37 -0.83 9.81
CA LEU A 361 -9.53 -0.76 11.25
C LEU A 361 -9.55 -2.16 11.87
N TYR A 362 -10.35 -3.05 11.30
CA TYR A 362 -10.44 -4.38 11.91
C TYR A 362 -9.21 -5.24 11.63
N THR A 363 -8.40 -4.90 10.62
CA THR A 363 -7.10 -5.55 10.50
C THR A 363 -6.23 -5.21 11.69
N THR A 364 -6.24 -3.95 12.11
CA THR A 364 -5.52 -3.61 13.34
C THR A 364 -6.09 -4.37 14.53
N LEU A 365 -7.42 -4.46 14.62
CA LEU A 365 -8.01 -5.16 15.76
C LEU A 365 -7.61 -6.63 15.76
N VAL A 366 -7.60 -7.27 14.59
CA VAL A 366 -7.19 -8.67 14.51
C VAL A 366 -5.74 -8.82 14.96
N GLN A 367 -4.86 -7.91 14.52
CA GLN A 367 -3.48 -7.96 14.97
C GLN A 367 -3.36 -7.73 16.46
N ALA A 368 -4.37 -7.13 17.11
CA ALA A 368 -4.35 -6.96 18.55
C ALA A 368 -4.98 -8.14 19.30
N GLY A 369 -5.34 -9.22 18.59
CA GLY A 369 -5.91 -10.38 19.23
C GLY A 369 -7.39 -10.30 19.49
N TYR A 370 -8.07 -9.31 18.92
CA TYR A 370 -9.49 -9.10 19.21
C TYR A 370 -10.30 -10.37 18.99
N PHE A 371 -10.03 -11.09 17.91
CA PHE A 371 -10.77 -12.30 17.55
C PHE A 371 -10.04 -13.58 17.96
N ASP A 372 -9.11 -13.50 18.90
CA ASP A 372 -8.37 -14.67 19.34
C ASP A 372 -8.66 -15.01 20.81
N PRO A 381 -2.09 -13.27 26.11
CA PRO A 381 -0.90 -12.67 26.73
C PRO A 381 -1.24 -11.37 27.47
N TYR A 382 -1.46 -10.30 26.70
CA TYR A 382 -1.93 -9.05 27.28
C TYR A 382 -3.31 -9.20 27.91
N ARG A 383 -4.03 -10.28 27.59
CA ARG A 383 -5.41 -10.46 28.04
C ARG A 383 -5.51 -10.83 29.51
N ASP A 384 -4.40 -11.11 30.19
CA ASP A 384 -4.42 -11.45 31.60
C ASP A 384 -4.04 -10.28 32.49
N LEU A 385 -3.72 -9.12 31.92
CA LEU A 385 -3.45 -7.94 32.72
C LEU A 385 -4.71 -7.49 33.44
N THR A 386 -4.54 -7.02 34.67
CA THR A 386 -5.69 -6.76 35.53
C THR A 386 -5.36 -5.58 36.45
N TRP A 387 -6.27 -5.31 37.39
CA TRP A 387 -6.15 -4.11 38.22
C TRP A 387 -4.84 -4.09 39.01
N SER A 388 -4.42 -5.25 39.51
CA SER A 388 -3.19 -5.31 40.29
C SER A 388 -2.00 -4.81 39.48
N ASP A 389 -2.02 -4.99 38.17
CA ASP A 389 -0.95 -4.48 37.33
C ASP A 389 -0.97 -2.96 37.29
N VAL A 390 -2.15 -2.36 37.31
CA VAL A 390 -2.26 -0.91 37.44
C VAL A 390 -1.65 -0.47 38.76
N VAL A 391 -1.97 -1.17 39.85
CA VAL A 391 -1.44 -0.76 41.15
C VAL A 391 0.08 -0.83 41.14
N GLU A 392 0.63 -1.94 40.64
CA GLU A 392 2.09 -2.09 40.63
C GLU A 392 2.76 -1.02 39.77
N THR A 393 2.31 -0.87 38.53
CA THR A 393 2.96 0.09 37.65
C THR A 393 2.86 1.50 38.20
N ASP A 394 1.71 1.88 38.76
CA ASP A 394 1.62 3.17 39.42
C ASP A 394 2.62 3.27 40.55
N ALA A 395 2.71 2.21 41.37
CA ALA A 395 3.59 2.23 42.54
C ALA A 395 5.06 2.40 42.17
N TRP A 396 5.45 2.08 40.93
CA TRP A 396 6.82 2.41 40.54
C TRP A 396 7.10 3.92 40.63
N ASN A 397 6.07 4.75 40.61
CA ASN A 397 6.26 6.21 40.66
C ASN A 397 7.13 6.70 39.51
N ILE A 398 6.93 6.15 38.32
CA ILE A 398 7.61 6.73 37.16
C ILE A 398 7.10 8.13 36.87
N SER A 399 5.87 8.47 37.27
CA SER A 399 5.37 9.84 37.12
C SER A 399 6.23 10.82 37.92
N TYR A 400 6.48 10.51 39.19
CA TYR A 400 7.36 11.34 40.00
C TYR A 400 8.75 11.46 39.37
N GLN A 401 9.30 10.33 38.90
CA GLN A 401 10.62 10.36 38.30
C GLN A 401 10.63 11.23 37.05
N ALA A 402 9.59 11.14 36.23
CA ALA A 402 9.52 11.98 35.04
C ALA A 402 9.51 13.44 35.42
N ALA A 403 8.74 13.81 36.45
CA ALA A 403 8.72 15.20 36.89
C ALA A 403 10.10 15.64 37.36
N THR A 404 10.74 14.84 38.22
CA THR A 404 12.05 15.23 38.74
C THR A 404 13.08 15.35 37.63
N GLN A 405 12.99 14.48 36.61
CA GLN A 405 13.93 14.52 35.51
C GLN A 405 13.66 15.68 34.57
N GLY A 406 12.41 16.09 34.45
CA GLY A 406 12.06 17.12 33.48
C GLY A 406 12.12 18.55 33.96
N ILE A 407 12.03 18.76 35.28
CA ILE A 407 12.01 20.11 35.82
C ILE A 407 13.29 20.83 35.46
N VAL A 408 13.18 22.09 35.05
CA VAL A 408 14.29 22.87 34.55
C VAL A 408 14.62 23.99 35.54
N LEU A 409 15.90 24.11 35.88
CA LEU A 409 16.39 25.19 36.73
C LEU A 409 16.88 26.32 35.84
N LEU A 410 16.17 27.44 35.84
CA LEU A 410 16.51 28.54 34.95
C LEU A 410 17.46 29.54 35.60
N LYS A 411 17.29 29.78 36.90
CA LYS A 411 18.14 30.74 37.60
C LYS A 411 18.46 30.20 38.98
N ASN A 412 19.73 30.29 39.38
CA ASN A 412 20.16 29.97 40.74
C ASN A 412 21.26 30.98 41.10
N SER A 413 20.86 32.07 41.73
CA SER A 413 21.81 33.11 42.12
C SER A 413 22.52 32.69 43.40
N ASN A 414 23.85 32.70 43.36
CA ASN A 414 24.66 32.46 44.55
C ASN A 414 24.30 31.13 45.22
N ASN A 415 23.98 30.14 44.40
CA ASN A 415 23.70 28.78 44.87
C ASN A 415 22.73 28.79 46.05
N VAL A 416 21.71 29.66 46.01
CA VAL A 416 20.71 29.64 47.06
C VAL A 416 20.06 28.26 47.14
N LEU A 417 19.68 27.70 45.98
CA LEU A 417 19.24 26.32 45.97
C LEU A 417 20.44 25.39 45.84
N PRO A 418 20.34 24.17 46.37
CA PRO A 418 19.18 23.58 47.06
C PRO A 418 19.04 24.10 48.49
N LEU A 419 17.82 24.08 49.02
CA LEU A 419 17.58 24.37 50.44
C LEU A 419 17.70 23.05 51.21
N THR A 420 18.94 22.64 51.43
CA THR A 420 19.22 21.32 51.97
C THR A 420 18.50 21.11 53.29
N GLU A 421 18.19 19.84 53.57
CA GLU A 421 17.56 19.51 54.85
C GLU A 421 18.49 19.80 56.02
N LYS A 422 19.79 19.96 55.77
CA LYS A 422 20.71 20.32 56.83
C LYS A 422 20.68 21.83 57.09
N ALA A 423 20.78 22.64 56.04
CA ALA A 423 20.75 24.10 56.21
C ALA A 423 19.38 24.55 56.70
N TYR A 424 18.31 23.96 56.18
CA TYR A 424 16.94 24.34 56.52
C TYR A 424 16.21 23.10 56.99
N PRO A 425 16.42 22.68 58.24
CA PRO A 425 15.75 21.49 58.76
C PRO A 425 14.25 21.70 58.83
N PRO A 426 13.46 20.69 58.47
CA PRO A 426 11.99 20.88 58.47
C PRO A 426 11.42 21.32 59.80
N SER A 427 11.89 20.77 60.93
CA SER A 427 11.25 21.06 62.21
C SER A 427 11.52 22.49 62.67
N ASN A 428 12.55 23.15 62.14
CA ASN A 428 12.94 24.50 62.53
C ASN A 428 12.71 25.52 61.42
N THR A 429 11.98 25.14 60.37
CA THR A 429 11.80 26.00 59.19
C THR A 429 10.33 26.22 58.92
N THR A 430 9.96 27.48 58.67
CA THR A 430 8.66 27.81 58.10
C THR A 430 8.87 28.26 56.66
N VAL A 431 8.08 27.71 55.76
CA VAL A 431 8.10 28.05 54.34
C VAL A 431 6.78 28.71 54.00
N ALA A 432 6.85 29.85 53.34
CA ALA A 432 5.68 30.51 52.78
C ALA A 432 5.43 29.95 51.39
N LEU A 433 4.24 29.39 51.19
CA LEU A 433 3.84 28.87 49.90
C LEU A 433 2.74 29.77 49.37
N ILE A 434 3.08 30.55 48.34
CA ILE A 434 2.25 31.61 47.83
C ILE A 434 2.04 31.37 46.35
N GLY A 435 0.91 31.83 45.82
CA GLY A 435 0.71 31.83 44.39
C GLY A 435 -0.46 30.98 43.93
N PRO A 436 -0.94 31.25 42.72
CA PRO A 436 -2.08 30.49 42.18
C PRO A 436 -1.74 29.03 41.85
N TRP A 437 -0.47 28.62 41.94
CA TRP A 437 -0.08 27.23 41.78
C TRP A 437 0.27 26.54 43.10
N ALA A 438 0.29 27.29 44.20
CA ALA A 438 0.78 26.71 45.46
C ALA A 438 -0.12 25.57 45.96
N ASN A 439 -1.43 25.69 45.77
CA ASN A 439 -2.38 24.67 46.22
C ASN A 439 -2.84 23.76 45.10
N ALA A 440 -2.04 23.67 44.02
CA ALA A 440 -2.51 23.05 42.79
C ALA A 440 -2.63 21.55 42.93
N THR A 441 -3.82 21.01 42.62
CA THR A 441 -3.99 19.57 42.47
C THR A 441 -4.38 19.19 41.06
N THR A 442 -5.56 19.61 40.59
CA THR A 442 -5.94 19.27 39.22
C THR A 442 -5.09 20.03 38.23
N GLN A 443 -4.65 21.25 38.59
CA GLN A 443 -3.75 22.00 37.73
C GLN A 443 -2.51 21.19 37.39
N LEU A 444 -2.12 20.27 38.27
CA LEU A 444 -0.91 19.49 38.01
C LEU A 444 -1.07 18.64 36.75
N LEU A 445 -2.28 18.22 36.43
CA LEU A 445 -2.50 17.20 35.42
C LEU A 445 -2.68 17.75 34.00
N GLY A 446 -2.77 19.07 33.82
CA GLY A 446 -2.92 19.62 32.48
C GLY A 446 -4.32 19.52 31.91
N ASN A 447 -4.41 19.75 30.60
CA ASN A 447 -5.69 20.01 29.95
C ASN A 447 -6.69 18.90 30.18
N TYR A 448 -6.32 17.66 29.88
CA TYR A 448 -7.23 16.52 30.08
C TYR A 448 -6.54 15.49 30.95
N TYR A 449 -7.32 14.88 31.83
CA TYR A 449 -6.80 13.91 32.77
C TYR A 449 -7.96 13.03 33.20
N GLY A 450 -7.64 11.80 33.62
CA GLY A 450 -8.60 10.92 34.24
C GLY A 450 -8.42 10.86 35.75
N ASN A 451 -9.17 9.95 36.37
CA ASN A 451 -9.03 9.73 37.80
C ASN A 451 -7.60 9.38 38.18
N ALA A 452 -7.00 10.17 39.04
CA ALA A 452 -5.65 9.92 39.53
C ALA A 452 -5.71 9.27 40.91
N PRO A 453 -4.68 8.51 41.29
CA PRO A 453 -4.63 7.97 42.65
C PRO A 453 -4.53 9.06 43.70
N TYR A 454 -3.99 10.22 43.36
CA TYR A 454 -3.76 11.30 44.31
C TYR A 454 -3.19 12.49 43.55
N MET A 455 -3.35 13.68 44.12
CA MET A 455 -2.81 14.91 43.53
C MET A 455 -2.10 15.70 44.63
N ILE A 456 -0.77 15.76 44.56
CA ILE A 456 0.06 16.32 45.62
C ILE A 456 0.37 17.77 45.28
N SER A 457 -0.27 18.70 46.00
CA SER A 457 0.04 20.10 45.88
C SER A 457 1.43 20.39 46.46
N PRO A 458 2.10 21.43 45.99
CA PRO A 458 3.34 21.86 46.65
C PRO A 458 3.18 22.09 48.14
N ARG A 459 2.07 22.73 48.54
CA ARG A 459 1.79 22.96 49.95
C ARG A 459 1.71 21.63 50.69
N ALA A 460 0.91 20.71 50.19
CA ALA A 460 0.76 19.40 50.84
C ALA A 460 2.10 18.69 50.94
N ALA A 461 2.92 18.76 49.89
CA ALA A 461 4.21 18.09 49.92
C ALA A 461 5.10 18.67 51.00
N PHE A 462 5.21 20.00 51.07
CA PHE A 462 6.05 20.56 52.12
C PHE A 462 5.49 20.24 53.51
N GLU A 463 4.17 20.15 53.65
CA GLU A 463 3.60 19.80 54.95
C GLU A 463 3.96 18.37 55.34
N GLU A 464 3.81 17.42 54.40
CA GLU A 464 4.13 16.03 54.71
C GLU A 464 5.56 15.89 55.16
N ALA A 465 6.48 16.71 54.63
CA ALA A 465 7.88 16.64 55.01
C ALA A 465 8.16 17.14 56.42
N GLY A 466 7.16 17.71 57.09
CA GLY A 466 7.38 18.25 58.41
C GLY A 466 7.73 19.72 58.45
N TYR A 467 7.77 20.41 57.32
CA TYR A 467 7.92 21.85 57.33
C TYR A 467 6.65 22.52 57.89
N ASN A 468 6.83 23.66 58.54
CA ASN A 468 5.71 24.50 58.93
C ASN A 468 5.42 25.44 57.77
N VAL A 469 4.22 25.34 57.20
CA VAL A 469 3.89 25.99 55.92
C VAL A 469 2.82 27.05 56.16
N ASN A 470 3.10 28.26 55.70
CA ASN A 470 2.11 29.33 55.65
C ASN A 470 1.66 29.47 54.21
N PHE A 471 0.43 29.07 53.92
CA PHE A 471 -0.08 29.14 52.55
C PHE A 471 -0.91 30.39 52.36
N ALA A 472 -0.73 31.03 51.21
CA ALA A 472 -1.56 32.16 50.83
C ALA A 472 -1.62 32.23 49.31
N GLU A 473 -2.83 32.25 48.75
CA GLU A 473 -2.95 32.33 47.31
C GLU A 473 -2.31 33.61 46.77
N GLY A 474 -2.50 34.72 47.47
CA GLY A 474 -1.89 35.97 47.08
C GLY A 474 -2.66 36.64 45.96
N THR A 475 -2.62 36.03 44.78
CA THR A 475 -3.43 36.47 43.66
C THR A 475 -3.79 35.23 42.84
N GLY A 476 -4.57 35.44 41.78
CA GLY A 476 -4.93 34.38 40.86
C GLY A 476 -4.06 34.36 39.61
N ILE A 477 -4.49 33.54 38.64
CA ILE A 477 -3.73 33.44 37.39
C ILE A 477 -3.81 34.75 36.60
N SER A 478 -5.02 35.29 36.43
CA SER A 478 -5.27 36.44 35.57
C SER A 478 -6.11 37.48 36.29
N SER A 479 -5.80 37.78 37.55
CA SER A 479 -6.64 38.68 38.33
C SER A 479 -6.05 40.08 38.36
N THR A 480 -6.93 41.06 38.54
CA THR A 480 -6.54 42.45 38.75
C THR A 480 -6.71 42.91 40.20
N SER A 481 -7.24 42.05 41.08
CA SER A 481 -7.42 42.42 42.47
C SER A 481 -6.11 42.30 43.25
N THR A 482 -5.96 43.15 44.27
CA THR A 482 -4.85 43.06 45.19
C THR A 482 -5.29 42.61 46.58
N SER A 483 -6.56 42.24 46.74
CA SER A 483 -7.10 41.90 48.05
C SER A 483 -6.30 40.79 48.72
N GLY A 484 -5.73 39.88 47.95
CA GLY A 484 -4.99 38.78 48.51
C GLY A 484 -3.53 39.05 48.80
N PHE A 485 -3.02 40.23 48.41
CA PHE A 485 -1.60 40.50 48.60
C PHE A 485 -1.21 40.52 50.07
N ALA A 486 -2.02 41.16 50.92
CA ALA A 486 -1.63 41.35 52.31
C ALA A 486 -1.42 40.02 53.02
N ALA A 487 -2.35 39.08 52.86
CA ALA A 487 -2.18 37.76 53.45
C ALA A 487 -0.91 37.07 52.94
N ALA A 488 -0.63 37.22 51.64
CA ALA A 488 0.58 36.64 51.06
C ALA A 488 1.84 37.24 51.68
N LEU A 489 1.91 38.57 51.75
CA LEU A 489 3.06 39.22 52.35
C LEU A 489 3.21 38.82 53.81
N SER A 490 2.10 38.72 54.53
CA SER A 490 2.16 38.28 55.92
C SER A 490 2.76 36.88 56.04
N ALA A 491 2.29 35.95 55.22
CA ALA A 491 2.87 34.61 55.23
C ALA A 491 4.37 34.66 54.94
N ALA A 492 4.78 35.52 54.00
CA ALA A 492 6.20 35.65 53.70
C ALA A 492 6.99 36.20 54.88
N GLN A 493 6.42 37.16 55.61
CA GLN A 493 7.16 37.81 56.69
C GLN A 493 7.52 36.81 57.78
N SER A 494 6.62 35.91 58.14
CA SER A 494 6.90 34.96 59.20
C SER A 494 7.74 33.78 58.73
N ALA A 495 8.05 33.69 57.45
CA ALA A 495 8.69 32.50 56.92
C ALA A 495 10.21 32.67 56.88
N ASP A 496 10.90 31.52 56.88
CA ASP A 496 12.33 31.44 56.63
C ASP A 496 12.66 31.40 55.15
N VAL A 497 11.82 30.74 54.34
CA VAL A 497 11.98 30.71 52.89
C VAL A 497 10.63 30.98 52.26
N ILE A 498 10.66 31.63 51.10
CA ILE A 498 9.46 32.00 50.36
C ILE A 498 9.46 31.25 49.05
N ILE A 499 8.39 30.50 48.80
CA ILE A 499 8.20 29.77 47.55
C ILE A 499 6.96 30.34 46.88
N TYR A 500 7.14 31.07 45.79
CA TYR A 500 6.01 31.55 45.01
C TYR A 500 5.80 30.62 43.81
N ALA A 501 4.60 30.03 43.71
CA ALA A 501 4.26 29.10 42.63
C ALA A 501 3.15 29.71 41.79
N GLY A 502 3.47 30.09 40.56
CA GLY A 502 2.51 30.69 39.68
C GLY A 502 2.92 30.54 38.23
N GLY A 503 2.32 31.36 37.37
CA GLY A 503 2.55 31.27 35.94
C GLY A 503 1.27 31.23 35.13
N ILE A 504 1.04 30.13 34.40
CA ILE A 504 -0.16 29.96 33.59
C ILE A 504 -0.71 28.56 33.85
N ASP A 505 -1.89 28.31 33.32
CA ASP A 505 -2.54 27.02 33.45
C ASP A 505 -3.65 26.95 32.41
N ASN A 506 -4.56 26.00 32.58
CA ASN A 506 -5.53 25.74 31.53
C ASN A 506 -6.62 26.80 31.43
N THR A 507 -6.71 27.75 32.39
CA THR A 507 -7.61 28.88 32.16
C THR A 507 -7.07 29.82 31.10
N LEU A 508 -5.81 29.66 30.68
CA LEU A 508 -5.22 30.47 29.62
C LEU A 508 -4.78 29.68 28.40
N GLU A 509 -4.33 28.43 28.58
CA GLU A 509 -3.79 27.64 27.48
C GLU A 509 -4.45 26.26 27.51
N ALA A 510 -5.20 25.95 26.47
CA ALA A 510 -5.91 24.68 26.41
C ALA A 510 -6.39 24.47 24.98
N GLU A 511 -6.95 23.29 24.72
CA GLU A 511 -7.65 23.06 23.47
C GLU A 511 -8.75 24.08 23.33
N ALA A 512 -8.83 24.71 22.16
CA ALA A 512 -9.79 25.76 21.82
C ALA A 512 -9.44 27.09 22.47
N LEU A 513 -8.30 27.22 23.16
CA LEU A 513 -7.98 28.45 23.90
C LEU A 513 -6.49 28.76 23.80
N ASP A 514 -6.13 29.59 22.82
CA ASP A 514 -4.77 30.10 22.63
C ASP A 514 -4.54 31.34 23.49
N ARG A 515 -3.30 31.53 23.91
CA ARG A 515 -2.94 32.78 24.57
C ARG A 515 -2.85 33.91 23.55
N GLU A 516 -3.02 35.15 24.03
CA GLU A 516 -2.69 36.29 23.19
C GLU A 516 -1.43 36.99 23.62
N SER A 517 -1.11 36.96 24.91
CA SER A 517 0.11 37.52 25.45
C SER A 517 1.02 36.40 25.94
N ILE A 518 2.32 36.58 25.82
CA ILE A 518 3.25 35.64 26.44
C ILE A 518 3.99 36.27 27.60
N ALA A 519 3.58 37.45 28.05
CA ALA A 519 4.06 37.99 29.30
C ALA A 519 3.42 37.23 30.46
N TRP A 520 3.97 37.39 31.65
CA TRP A 520 3.26 36.89 32.82
C TRP A 520 1.86 37.48 32.84
N PRO A 521 0.85 36.70 33.18
CA PRO A 521 -0.52 37.22 33.22
C PRO A 521 -0.84 37.85 34.57
N GLY A 522 -2.01 38.48 34.63
CA GLY A 522 -2.51 39.02 35.87
C GLY A 522 -1.58 40.06 36.47
N ASN A 523 -1.55 40.08 37.81
CA ASN A 523 -0.65 40.94 38.56
C ASN A 523 0.40 40.12 39.32
N GLN A 524 0.69 38.90 38.85
CA GLN A 524 1.60 38.03 39.57
C GLN A 524 2.98 38.65 39.70
N LEU A 525 3.47 39.28 38.62
CA LEU A 525 4.79 39.90 38.69
C LEU A 525 4.83 40.99 39.75
N ASP A 526 3.75 41.78 39.88
CA ASP A 526 3.71 42.80 40.92
C ASP A 526 3.85 42.20 42.31
N LEU A 527 3.07 41.16 42.61
CA LEU A 527 3.18 40.49 43.89
C LEU A 527 4.57 39.89 44.10
N ILE A 528 5.12 39.29 43.05
CA ILE A 528 6.46 38.72 43.15
C ILE A 528 7.46 39.80 43.55
N GLN A 529 7.36 40.97 42.91
CA GLN A 529 8.29 42.05 43.23
C GLN A 529 8.09 42.55 44.66
N LYS A 530 6.86 42.64 45.10
CA LYS A 530 6.63 43.01 46.50
C LYS A 530 7.29 42.00 47.43
N LEU A 531 7.14 40.71 47.11
CA LEU A 531 7.77 39.67 47.94
C LEU A 531 9.29 39.82 47.91
N ALA A 532 9.85 40.11 46.75
CA ALA A 532 11.30 40.28 46.64
C ALA A 532 11.79 41.45 47.49
N SER A 533 11.04 42.56 47.50
CA SER A 533 11.47 43.73 48.25
C SER A 533 11.46 43.49 49.75
N SER A 534 10.47 42.76 50.24
CA SER A 534 10.36 42.53 51.68
C SER A 534 11.10 41.27 52.14
N ALA A 535 11.81 40.58 51.25
CA ALA A 535 12.36 39.28 51.58
C ALA A 535 13.47 39.38 52.64
N GLY A 536 14.37 40.35 52.49
CA GLY A 536 15.44 40.52 53.46
C GLY A 536 16.39 39.34 53.52
N ASN A 537 17.02 39.01 52.39
CA ASN A 537 17.99 37.93 52.24
C ASN A 537 17.41 36.55 52.52
N LYS A 538 16.10 36.45 52.70
CA LYS A 538 15.47 35.14 52.76
C LYS A 538 15.33 34.58 51.35
N PRO A 539 15.59 33.29 51.15
CA PRO A 539 15.56 32.73 49.79
C PRO A 539 14.18 32.86 49.18
N LEU A 540 14.13 33.44 47.98
CA LEU A 540 12.88 33.60 47.24
C LEU A 540 12.94 32.75 45.98
N ILE A 541 12.22 31.64 45.98
CA ILE A 541 12.22 30.68 44.88
C ILE A 541 10.92 30.86 44.10
N VAL A 542 11.06 31.09 42.79
CA VAL A 542 9.92 31.31 41.92
C VAL A 542 9.73 30.07 41.04
N LEU A 543 8.50 29.58 41.00
CA LEU A 543 8.10 28.40 40.24
C LEU A 543 7.19 28.86 39.10
N GLN A 544 7.73 28.86 37.89
CA GLN A 544 7.00 29.24 36.69
C GLN A 544 6.39 28.00 36.06
N MET A 545 5.07 27.84 36.21
CA MET A 545 4.34 26.65 35.78
C MET A 545 3.58 26.92 34.48
N GLY A 546 3.15 25.84 33.85
CA GLY A 546 2.46 25.91 32.58
C GLY A 546 3.31 25.35 31.44
N GLY A 547 2.61 24.98 30.36
CA GLY A 547 3.25 24.44 29.18
C GLY A 547 4.03 25.48 28.42
N GLY A 548 3.36 26.54 27.98
CA GLY A 548 4.06 27.62 27.32
C GLY A 548 4.93 28.42 28.28
N GLN A 549 5.90 29.12 27.71
CA GLN A 549 6.78 29.98 28.49
C GLN A 549 6.16 31.36 28.70
N VAL A 550 6.67 32.08 29.71
CA VAL A 550 6.28 33.45 29.97
C VAL A 550 7.54 34.29 30.19
N ASP A 551 7.47 35.55 29.75
CA ASP A 551 8.63 36.43 29.80
C ASP A 551 9.01 36.69 31.25
N SER A 552 10.10 36.07 31.70
CA SER A 552 10.58 36.22 33.07
C SER A 552 11.81 37.09 33.16
N SER A 553 12.08 37.90 32.12
CA SER A 553 13.23 38.80 32.16
C SER A 553 13.23 39.65 33.41
N SER A 554 12.06 40.06 33.88
CA SER A 554 11.95 40.80 35.13
C SER A 554 12.58 40.03 36.30
N LEU A 555 12.20 38.76 36.45
CA LEU A 555 12.78 37.95 37.52
C LEU A 555 14.25 37.66 37.26
N LYS A 556 14.65 37.59 36.00
CA LYS A 556 16.04 37.30 35.66
C LYS A 556 16.97 38.38 36.20
N ASN A 557 16.61 39.66 36.05
CA ASN A 557 17.48 40.74 36.49
C ASN A 557 17.17 41.21 37.92
N ASN A 558 16.28 40.55 38.63
CA ASN A 558 15.88 40.95 39.97
C ASN A 558 16.73 40.23 41.02
N THR A 559 17.63 40.96 41.68
CA THR A 559 18.59 40.35 42.58
C THR A 559 17.92 39.64 43.75
N ASN A 560 16.80 40.18 44.25
CA ASN A 560 16.15 39.56 45.40
C ASN A 560 15.39 38.29 45.05
N VAL A 561 15.22 37.99 43.77
CA VAL A 561 14.61 36.75 43.31
C VAL A 561 15.74 35.70 43.23
N SER A 562 15.77 34.80 44.21
CA SER A 562 16.91 33.90 44.38
C SER A 562 16.99 32.88 43.24
N ALA A 563 15.89 32.20 42.94
CA ALA A 563 15.92 31.10 42.01
C ALA A 563 14.65 31.05 41.18
N LEU A 564 14.79 30.53 39.97
CA LEU A 564 13.69 30.41 39.01
C LEU A 564 13.73 29.02 38.39
N LEU A 565 12.61 28.30 38.52
CA LEU A 565 12.43 26.96 38.00
C LEU A 565 11.20 26.92 37.11
N TRP A 566 11.25 26.08 36.07
CA TRP A 566 10.09 25.80 35.23
C TRP A 566 9.61 24.39 35.49
N GLY A 567 8.33 24.27 35.83
CA GLY A 567 7.75 22.99 36.21
C GLY A 567 6.69 22.43 35.27
N GLY A 568 6.34 23.16 34.21
CA GLY A 568 5.36 22.64 33.26
C GLY A 568 4.08 22.21 33.96
N TYR A 569 3.60 21.02 33.60
CA TYR A 569 2.48 20.37 34.31
C TYR A 569 3.00 19.05 34.87
N PRO A 570 3.44 19.02 36.14
CA PRO A 570 4.29 17.93 36.61
C PRO A 570 3.58 16.65 37.02
N GLY A 571 2.31 16.48 36.72
CA GLY A 571 1.66 15.21 36.98
C GLY A 571 1.27 15.00 38.43
N GLN A 572 0.80 13.77 38.69
CA GLN A 572 0.12 13.48 39.95
C GLN A 572 1.00 13.76 41.16
N SER A 573 2.31 13.48 41.06
CA SER A 573 3.25 13.70 42.15
C SER A 573 4.03 14.99 42.00
N GLY A 574 3.44 15.98 41.31
CA GLY A 574 4.18 17.20 41.05
C GLY A 574 4.69 17.86 42.31
N GLY A 575 3.87 17.87 43.37
CA GLY A 575 4.31 18.51 44.60
C GLY A 575 5.58 17.90 45.15
N PHE A 576 5.63 16.57 45.22
CA PHE A 576 6.83 15.92 45.72
C PHE A 576 8.04 16.22 44.83
N ALA A 577 7.84 16.20 43.51
CA ALA A 577 8.97 16.45 42.62
C ALA A 577 9.52 17.86 42.82
N LEU A 578 8.62 18.84 42.91
CA LEU A 578 9.05 20.22 43.10
C LEU A 578 9.73 20.40 44.44
N ARG A 579 9.13 19.85 45.49
CA ARG A 579 9.73 19.94 46.81
C ARG A 579 11.12 19.33 46.81
N ASP A 580 11.25 18.12 46.26
CA ASP A 580 12.52 17.41 46.30
C ASP A 580 13.58 18.12 45.46
N ILE A 581 13.21 18.72 44.32
CA ILE A 581 14.17 19.51 43.58
C ILE A 581 14.63 20.71 44.42
N ILE A 582 13.68 21.36 45.11
CA ILE A 582 14.03 22.56 45.88
C ILE A 582 14.95 22.20 47.05
N THR A 583 14.70 21.06 47.70
CA THR A 583 15.49 20.62 48.84
C THR A 583 16.80 19.95 48.44
N GLY A 584 16.99 19.62 47.17
CA GLY A 584 18.16 18.88 46.75
C GLY A 584 18.10 17.39 46.97
N ARG A 585 16.95 16.87 47.40
CA ARG A 585 16.78 15.41 47.45
C ARG A 585 16.88 14.82 46.05
N LYS A 586 16.61 15.63 45.02
CA LYS A 586 16.85 15.31 43.62
C LYS A 586 17.53 16.49 42.96
N ASN A 587 18.39 16.21 42.00
CA ASN A 587 19.08 17.36 41.45
C ASN A 587 18.60 17.66 40.03
N PRO A 588 18.33 18.92 39.70
CA PRO A 588 17.77 19.22 38.39
C PRO A 588 18.78 18.97 37.28
N ALA A 589 18.29 18.44 36.16
CA ALA A 589 19.07 18.38 34.93
C ALA A 589 18.26 18.64 33.66
N GLY A 590 16.98 18.95 33.77
CA GLY A 590 16.20 19.22 32.58
C GLY A 590 16.65 20.47 31.86
N ARG A 591 16.30 20.57 30.58
CA ARG A 591 16.58 21.74 29.77
C ARG A 591 15.33 22.14 29.00
N LEU A 592 15.28 23.41 28.60
CA LEU A 592 14.11 23.90 27.89
C LEU A 592 14.02 23.28 26.50
N VAL A 593 12.84 22.73 26.19
CA VAL A 593 12.51 22.24 24.86
C VAL A 593 11.69 23.23 24.07
N THR A 594 11.54 24.45 24.59
CA THR A 594 10.81 25.54 23.96
C THR A 594 11.58 26.81 24.28
N THR A 595 11.53 27.80 23.38
CA THR A 595 12.18 29.06 23.65
C THR A 595 11.28 29.94 24.50
N GLN A 596 11.86 30.60 25.49
CA GLN A 596 11.16 31.63 26.25
C GLN A 596 11.41 32.96 25.55
N TYR A 597 10.47 33.37 24.71
CA TYR A 597 10.60 34.57 23.92
C TYR A 597 10.33 35.82 24.75
N PRO A 598 10.83 36.98 24.32
CA PRO A 598 10.34 38.24 24.88
C PRO A 598 8.88 38.44 24.50
N ALA A 599 8.14 39.11 25.39
CA ALA A 599 6.70 39.29 25.19
C ALA A 599 6.39 39.89 23.82
N SER A 600 7.19 40.87 23.40
CA SER A 600 6.94 41.53 22.11
C SER A 600 6.96 40.55 20.95
N TYR A 601 7.58 39.38 21.11
CA TYR A 601 7.52 38.35 20.08
C TYR A 601 6.08 38.08 19.66
N ALA A 602 5.17 37.94 20.63
CA ALA A 602 3.79 37.60 20.32
C ALA A 602 3.04 38.71 19.60
N GLU A 603 3.64 39.90 19.51
CA GLU A 603 3.06 40.99 18.74
C GLU A 603 3.84 41.28 17.45
N GLU A 604 4.95 40.58 17.21
CA GLU A 604 5.83 40.98 16.12
C GLU A 604 5.27 40.58 14.75
N PHE A 605 4.50 39.50 14.68
CA PHE A 605 4.03 38.98 13.40
C PHE A 605 2.83 38.09 13.67
N PRO A 606 2.06 37.75 12.64
CA PRO A 606 0.87 36.89 12.85
C PRO A 606 1.28 35.49 13.25
N ALA A 607 0.71 35.01 14.35
CA ALA A 607 0.97 33.65 14.80
C ALA A 607 0.58 32.62 13.74
N THR A 608 -0.29 32.97 12.81
CA THR A 608 -0.69 32.06 11.74
C THR A 608 0.33 32.01 10.61
N ASP A 609 1.39 32.79 10.68
CA ASP A 609 2.48 32.70 9.72
C ASP A 609 3.23 31.39 9.93
N MET A 610 3.20 30.51 8.93
CA MET A 610 3.79 29.19 9.05
C MET A 610 5.25 29.14 8.60
N ASN A 611 5.81 30.24 8.12
CA ASN A 611 7.16 30.23 7.57
C ASN A 611 8.18 30.23 8.71
N LEU A 612 9.05 29.21 8.73
CA LEU A 612 10.08 29.12 9.76
C LEU A 612 11.17 30.17 9.58
N ARG A 613 11.67 30.33 8.34
CA ARG A 613 12.75 31.23 8.00
C ARG A 613 12.28 32.68 8.06
N PRO A 614 13.16 33.61 8.46
CA PRO A 614 12.75 35.01 8.57
C PRO A 614 12.22 35.54 7.24
N GLU A 615 11.11 36.28 7.33
CA GLU A 615 10.47 36.90 6.18
C GLU A 615 9.51 37.97 6.68
N GLY A 616 9.47 39.11 5.99
CA GLY A 616 8.61 40.20 6.42
C GLY A 616 8.99 40.62 7.83
N ASP A 617 7.97 40.72 8.70
CA ASP A 617 8.21 41.07 10.10
C ASP A 617 8.54 39.86 10.95
N ASN A 618 8.49 38.65 10.39
CA ASN A 618 8.85 37.43 11.12
C ASN A 618 10.35 37.33 11.31
N PRO A 619 10.85 37.22 12.55
CA PRO A 619 12.31 37.24 12.77
C PRO A 619 12.93 35.85 12.69
N GLY A 620 12.15 34.91 12.16
CA GLY A 620 12.47 33.51 12.29
C GLY A 620 11.81 32.92 13.53
N GLN A 621 11.28 31.72 13.42
CA GLN A 621 10.56 31.08 14.52
C GLN A 621 11.33 29.86 15.01
N THR A 622 11.22 29.61 16.32
CA THR A 622 11.89 28.47 16.92
C THR A 622 13.38 28.79 17.08
N TYR A 623 14.03 28.13 18.04
CA TYR A 623 15.45 28.38 18.25
C TYR A 623 16.25 28.34 16.94
N LYS A 624 15.81 27.50 15.99
CA LYS A 624 16.62 27.22 14.79
C LYS A 624 16.78 28.44 13.90
N TRP A 625 15.78 29.31 13.83
CA TRP A 625 15.78 30.43 12.92
C TRP A 625 15.59 31.79 13.58
N TYR A 626 15.34 31.83 14.88
CA TYR A 626 15.00 33.07 15.56
C TYR A 626 16.21 33.99 15.65
N THR A 627 16.09 35.18 15.04
CA THR A 627 17.19 36.14 15.01
C THR A 627 17.16 37.13 16.16
N GLY A 628 16.12 37.12 17.00
CA GLY A 628 16.03 38.00 18.14
C GLY A 628 16.76 37.46 19.36
N GLU A 629 16.58 38.16 20.49
CA GLU A 629 17.25 37.80 21.73
C GLU A 629 16.23 37.18 22.67
N ALA A 630 16.38 35.89 22.94
CA ALA A 630 15.48 35.19 23.83
C ALA A 630 15.77 35.55 25.28
N VAL A 631 14.76 35.43 26.12
CA VAL A 631 14.96 35.64 27.55
C VAL A 631 15.72 34.47 28.15
N TYR A 632 15.20 33.25 27.96
CA TYR A 632 15.94 32.03 28.24
C TYR A 632 15.89 31.16 26.99
N GLU A 633 17.05 30.66 26.56
CA GLU A 633 17.16 29.99 25.29
C GLU A 633 16.70 28.53 25.37
N PHE A 634 16.20 28.03 24.24
CA PHE A 634 15.98 26.59 24.07
C PHE A 634 17.26 25.83 24.41
N GLY A 635 17.13 24.81 25.26
CA GLY A 635 18.28 24.07 25.72
C GLY A 635 18.93 24.58 26.99
N HIS A 636 18.35 25.58 27.64
CA HIS A 636 18.93 26.13 28.87
C HIS A 636 18.51 25.29 30.06
N GLY A 637 19.40 25.21 31.04
CA GLY A 637 19.18 24.45 32.26
C GLY A 637 20.40 24.47 33.15
N LEU A 638 20.21 24.68 34.45
CA LEU A 638 21.32 24.71 35.39
C LEU A 638 21.32 23.42 36.22
N PHE A 639 22.44 23.18 36.89
CA PHE A 639 22.63 22.01 37.74
C PHE A 639 23.07 22.45 39.13
N TYR A 640 22.75 21.62 40.12
CA TYR A 640 23.23 21.86 41.49
C TYR A 640 24.74 21.56 41.66
N THR A 641 25.48 21.32 40.58
CA THR A 641 26.90 21.07 40.64
C THR A 641 27.54 21.62 39.37
N THR A 642 28.85 21.81 39.40
CA THR A 642 29.59 22.28 38.24
C THR A 642 30.16 21.09 37.47
N PHE A 643 29.99 21.12 36.15
CA PHE A 643 30.51 20.11 35.25
C PHE A 643 31.54 20.75 34.32
N ALA A 644 32.71 20.12 34.22
CA ALA A 644 33.75 20.53 33.28
C ALA A 644 33.61 19.74 32.00
N GLU A 645 33.57 20.44 30.87
CA GLU A 645 33.37 19.86 29.55
C GLU A 645 34.67 20.04 28.77
N SER A 646 35.34 18.93 28.48
CA SER A 646 36.62 18.95 27.80
C SER A 646 36.56 18.12 26.53
N SER A 647 37.47 18.43 25.61
CA SER A 647 37.59 17.63 24.40
C SER A 647 38.13 16.24 24.75
N SER A 648 37.61 15.21 24.08
CA SER A 648 38.00 13.83 24.37
C SER A 648 39.37 13.47 23.81
N ASN A 649 39.84 14.14 22.76
CA ASN A 649 41.16 13.88 22.18
C ASN A 649 41.84 15.24 21.94
N THR A 650 42.66 15.66 22.89
CA THR A 650 43.45 16.88 22.74
C THR A 650 44.48 16.73 21.61
N ARG A 653 42.23 16.70 14.13
CA ARG A 653 41.01 16.61 14.93
C ARG A 653 39.76 16.99 14.13
N GLU A 654 39.96 17.48 12.91
CA GLU A 654 38.85 17.67 11.99
C GLU A 654 38.36 16.31 11.51
N ILE A 655 37.08 16.25 11.13
CA ILE A 655 36.46 15.03 10.62
C ILE A 655 36.11 15.26 9.16
N LYS A 656 36.87 14.65 8.24
CA LYS A 656 36.64 14.77 6.81
C LYS A 656 35.98 13.49 6.29
N LEU A 657 34.84 13.64 5.61
CA LEU A 657 34.05 12.52 5.13
C LEU A 657 33.48 12.81 3.76
N ASN A 658 33.26 11.76 2.98
CA ASN A 658 32.84 11.87 1.58
C ASN A 658 31.38 11.45 1.47
N ILE A 659 30.57 12.25 0.78
CA ILE A 659 29.13 12.00 0.69
C ILE A 659 28.86 10.62 0.08
N GLN A 660 29.50 10.34 -1.06
CA GLN A 660 29.23 9.09 -1.75
C GLN A 660 29.67 7.88 -0.94
N ASP A 661 30.80 7.98 -0.26
CA ASP A 661 31.27 6.87 0.58
C ASP A 661 30.26 6.56 1.68
N ILE A 662 29.83 7.58 2.43
CA ILE A 662 28.92 7.31 3.54
C ILE A 662 27.57 6.84 3.03
N LEU A 663 27.10 7.39 1.91
CA LEU A 663 25.77 7.05 1.43
C LEU A 663 25.70 5.74 0.66
N SER A 664 26.83 5.15 0.27
CA SER A 664 26.79 3.86 -0.40
C SER A 664 26.99 2.69 0.56
N GLN A 665 27.11 2.94 1.86
CA GLN A 665 27.44 1.89 2.82
C GLN A 665 26.23 1.00 3.07
N THR A 666 26.47 -0.06 3.85
CA THR A 666 25.39 -0.90 4.36
C THR A 666 24.76 -0.24 5.58
N HIS A 667 23.48 -0.52 5.79
CA HIS A 667 22.71 0.04 6.91
C HIS A 667 21.85 -1.04 7.58
N GLU A 668 22.48 -2.16 7.95
CA GLU A 668 21.76 -3.24 8.60
C GLU A 668 21.00 -2.74 9.83
N ASP A 669 19.74 -3.20 9.96
CA ASP A 669 18.81 -2.87 11.04
C ASP A 669 18.26 -1.45 10.94
N LEU A 670 18.52 -0.75 9.85
CA LEU A 670 18.02 0.60 9.63
C LEU A 670 17.21 0.63 8.34
N ALA A 671 16.01 1.21 8.40
CA ALA A 671 15.17 1.23 7.21
C ALA A 671 15.76 2.12 6.11
N SER A 672 16.50 3.17 6.48
CA SER A 672 17.04 4.10 5.52
C SER A 672 18.48 4.45 5.85
N ILE A 673 19.25 4.79 4.81
CA ILE A 673 20.64 5.18 4.97
C ILE A 673 20.77 6.49 5.75
N THR A 674 19.71 7.30 5.78
CA THR A 674 19.74 8.54 6.56
C THR A 674 19.86 8.29 8.07
N GLN A 675 19.52 7.10 8.53
CA GLN A 675 19.63 6.78 9.94
C GLN A 675 21.02 6.29 10.35
N LEU A 676 21.95 6.23 9.40
CA LEU A 676 23.26 5.67 9.69
C LEU A 676 24.09 6.66 10.49
N PRO A 677 24.66 6.25 11.63
CA PRO A 677 25.63 7.12 12.32
C PRO A 677 26.86 7.35 11.45
N VAL A 678 27.18 8.63 11.23
CA VAL A 678 28.39 8.98 10.50
C VAL A 678 29.53 9.39 11.42
N LEU A 679 29.26 9.66 12.69
CA LEU A 679 30.32 9.98 13.63
C LEU A 679 29.72 9.96 15.03
N ASN A 680 30.58 9.89 16.03
CA ASN A 680 30.19 10.09 17.41
C ASN A 680 30.75 11.42 17.88
N PHE A 681 29.87 12.30 18.35
CA PHE A 681 30.30 13.50 19.08
C PHE A 681 30.60 13.09 20.51
N THR A 682 31.85 13.30 20.93
CA THR A 682 32.33 12.86 22.22
C THR A 682 32.99 14.01 22.96
N ALA A 683 32.82 13.98 24.28
CA ALA A 683 33.47 14.92 25.16
C ALA A 683 33.58 14.26 26.52
N ASN A 684 34.43 14.84 27.37
CA ASN A 684 34.62 14.39 28.73
C ASN A 684 33.87 15.32 29.67
N ILE A 685 32.98 14.75 30.46
CA ILE A 685 32.21 15.47 31.45
C ILE A 685 32.73 15.07 32.83
N GLN A 686 33.16 16.05 33.62
CA GLN A 686 33.67 15.79 34.95
C GLN A 686 32.85 16.56 35.99
N ASN A 687 32.52 15.88 37.09
CA ASN A 687 31.77 16.52 38.18
C ASN A 687 32.76 17.21 39.12
N THR A 688 32.99 18.50 38.89
CA THR A 688 33.89 19.29 39.72
C THR A 688 33.19 19.96 40.91
N GLY A 689 32.00 19.47 41.28
CA GLY A 689 31.21 20.04 42.36
C GLY A 689 31.11 19.15 43.57
N LYS A 690 30.17 19.48 44.45
CA LYS A 690 30.05 18.77 45.73
C LYS A 690 28.80 17.91 45.85
N VAL A 691 28.02 17.76 44.79
CA VAL A 691 26.84 16.88 44.79
C VAL A 691 26.84 16.03 43.52
N GLU A 692 26.43 14.78 43.66
CA GLU A 692 26.21 13.92 42.51
C GLU A 692 24.96 14.38 41.77
N SER A 693 25.02 14.34 40.44
CA SER A 693 23.92 14.84 39.63
C SER A 693 23.89 14.16 38.28
N ASP A 694 22.68 13.94 37.77
CA ASP A 694 22.56 13.60 36.36
C ASP A 694 23.00 14.79 35.52
N TYR A 695 23.40 14.50 34.28
CA TYR A 695 23.92 15.49 33.36
C TYR A 695 23.20 15.34 32.02
N THR A 696 22.79 16.45 31.43
CA THR A 696 22.12 16.42 30.14
C THR A 696 22.94 17.23 29.15
N ALA A 697 22.90 16.82 27.89
CA ALA A 697 23.65 17.53 26.86
C ALA A 697 22.84 17.55 25.57
N MET A 698 22.86 18.71 24.92
CA MET A 698 22.37 18.88 23.56
C MET A 698 23.54 19.23 22.65
N VAL A 699 23.61 18.57 21.50
CA VAL A 699 24.64 18.84 20.49
C VAL A 699 23.99 19.63 19.36
N PHE A 700 24.57 20.78 19.04
CA PHE A 700 24.03 21.65 18.01
C PHE A 700 24.97 21.69 16.81
N ALA A 701 24.41 21.89 15.63
CA ALA A 701 25.19 21.98 14.40
C ALA A 701 24.86 23.30 13.69
N ASN A 702 25.87 23.85 13.02
CA ASN A 702 25.64 25.00 12.14
C ASN A 702 26.55 24.92 10.93
N THR A 703 26.10 25.54 9.84
CA THR A 703 26.87 25.64 8.62
C THR A 703 26.65 27.02 7.99
N SER A 704 27.63 27.45 7.21
CA SER A 704 27.52 28.69 6.46
C SER A 704 27.72 28.49 4.96
N ASP A 705 28.07 27.30 4.51
CA ASP A 705 28.40 27.07 3.10
C ASP A 705 27.63 25.89 2.50
N ALA A 706 27.23 24.93 3.34
CA ALA A 706 26.65 23.68 2.86
C ALA A 706 25.19 23.89 2.50
N GLY A 707 24.88 23.85 1.20
CA GLY A 707 23.52 24.02 0.75
C GLY A 707 23.13 25.47 0.59
N PRO A 708 21.83 25.74 0.45
CA PRO A 708 21.38 27.09 0.11
C PRO A 708 21.15 27.95 1.33
N ALA A 709 21.29 29.26 1.12
CA ALA A 709 20.85 30.20 2.14
C ALA A 709 19.35 30.40 2.02
N PRO A 710 18.66 30.77 3.12
CA PRO A 710 19.17 31.22 4.42
C PRO A 710 19.83 30.12 5.24
N TYR A 711 20.75 30.50 6.12
CA TYR A 711 21.32 29.43 6.93
C TYR A 711 20.81 29.49 8.36
N PRO A 712 20.51 28.33 8.95
CA PRO A 712 19.93 28.34 10.30
C PRO A 712 20.92 28.89 11.32
N VAL A 713 20.36 29.47 12.40
CA VAL A 713 21.21 29.81 13.53
C VAL A 713 21.94 28.57 13.99
N LYS A 714 21.22 27.47 14.15
CA LYS A 714 21.74 26.18 14.57
C LYS A 714 20.59 25.20 14.58
N TRP A 715 20.89 23.90 14.60
CA TRP A 715 19.84 22.91 14.75
C TRP A 715 20.33 21.76 15.63
N LEU A 716 19.38 21.15 16.34
CA LEU A 716 19.70 20.05 17.26
C LEU A 716 20.00 18.76 16.48
N VAL A 717 21.17 18.17 16.70
CA VAL A 717 21.53 16.93 16.03
C VAL A 717 21.59 15.73 16.96
N GLY A 718 21.71 15.94 18.26
CA GLY A 718 21.69 14.81 19.17
C GLY A 718 21.58 15.29 20.60
N TRP A 719 21.30 14.36 21.51
CA TRP A 719 21.20 14.70 22.92
C TRP A 719 21.38 13.44 23.76
N ASP A 720 21.76 13.64 25.02
CA ASP A 720 21.94 12.49 25.90
C ASP A 720 21.79 12.92 27.35
N ARG A 721 21.63 11.91 28.21
CA ARG A 721 21.59 12.12 29.66
C ARG A 721 22.40 11.04 30.36
N LEU A 722 23.46 11.45 31.04
CA LEU A 722 24.29 10.59 31.88
C LEU A 722 23.78 10.59 33.31
N GLY A 723 23.49 9.39 33.84
CA GLY A 723 22.85 9.27 35.14
C GLY A 723 23.86 9.15 36.29
N ASP A 724 23.57 9.87 37.37
CA ASP A 724 24.24 9.70 38.66
C ASP A 724 25.77 9.81 38.53
N VAL A 725 26.22 10.98 38.07
CA VAL A 725 27.65 11.25 37.94
C VAL A 725 28.19 11.61 39.33
N LYS A 726 28.95 10.69 39.91
CA LYS A 726 29.47 10.87 41.27
C LYS A 726 30.43 12.05 41.33
N VAL A 727 30.66 12.53 42.56
CA VAL A 727 31.55 13.67 42.76
C VAL A 727 32.94 13.31 42.29
N GLY A 728 33.49 14.10 41.36
CA GLY A 728 34.82 13.90 40.85
C GLY A 728 34.91 12.99 39.64
N GLU A 729 33.88 12.18 39.40
CA GLU A 729 33.89 11.25 38.28
C GLU A 729 34.01 11.99 36.95
N THR A 730 34.72 11.37 36.01
CA THR A 730 34.79 11.85 34.63
C THR A 730 34.11 10.81 33.75
N ARG A 731 32.90 11.12 33.29
CA ARG A 731 32.20 10.27 32.35
C ARG A 731 32.33 10.82 30.93
N GLU A 732 32.27 9.92 29.95
CA GLU A 732 32.43 10.27 28.56
C GLU A 732 31.06 10.40 27.90
N LEU A 733 30.92 11.42 27.06
CA LEU A 733 29.69 11.67 26.31
C LEU A 733 29.86 11.10 24.91
N ARG A 734 28.97 10.21 24.53
CA ARG A 734 28.99 9.60 23.19
C ARG A 734 27.62 9.80 22.56
N VAL A 735 27.53 10.77 21.65
CA VAL A 735 26.30 11.03 20.92
C VAL A 735 26.52 10.63 19.46
N PRO A 736 25.88 9.57 18.98
CA PRO A 736 25.91 9.29 17.55
C PRO A 736 25.20 10.39 16.78
N ILE A 737 25.72 10.72 15.60
CA ILE A 737 25.16 11.75 14.74
C ILE A 737 24.84 11.09 13.42
N GLU A 738 23.55 10.91 13.15
CA GLU A 738 23.12 10.27 11.92
C GLU A 738 23.34 11.19 10.73
N VAL A 739 23.52 10.59 9.54
CA VAL A 739 23.74 11.37 8.33
C VAL A 739 22.55 12.26 8.04
N GLY A 740 21.34 11.84 8.48
CA GLY A 740 20.18 12.69 8.30
C GLY A 740 20.35 14.06 8.95
N SER A 741 20.97 14.09 10.13
CA SER A 741 21.20 15.37 10.81
C SER A 741 21.97 16.35 9.93
N PHE A 742 22.81 15.84 9.02
CA PHE A 742 23.62 16.70 8.17
C PHE A 742 22.91 17.13 6.90
N ALA A 743 21.77 16.54 6.57
CA ALA A 743 21.06 16.93 5.37
C ALA A 743 20.32 18.24 5.57
N ARG A 744 20.06 18.91 4.46
CA ARG A 744 19.29 20.15 4.45
C ARG A 744 18.26 20.07 3.32
N VAL A 745 17.23 20.91 3.43
CA VAL A 745 16.05 20.81 2.59
C VAL A 745 16.05 21.93 1.56
N ASN A 746 15.99 21.55 0.28
CA ASN A 746 15.85 22.48 -0.83
C ASN A 746 14.40 22.97 -0.93
N GLU A 747 14.17 23.93 -1.83
CA GLU A 747 12.86 24.54 -1.93
C GLU A 747 11.83 23.56 -2.49
N ASP A 748 12.25 22.62 -3.30
CA ASP A 748 11.34 21.58 -3.79
C ASP A 748 11.02 20.56 -2.71
N GLY A 749 11.51 20.76 -1.48
CA GLY A 749 11.28 19.81 -0.41
C GLY A 749 12.24 18.63 -0.38
N ASP A 750 13.18 18.54 -1.30
CA ASP A 750 14.13 17.43 -1.31
C ASP A 750 15.12 17.55 -0.16
N TRP A 751 15.38 16.42 0.49
CA TRP A 751 16.47 16.31 1.46
C TRP A 751 17.74 15.90 0.73
N VAL A 752 18.77 16.74 0.85
CA VAL A 752 20.02 16.61 0.12
C VAL A 752 21.17 16.77 1.10
N LEU A 753 22.18 15.93 0.95
CA LEU A 753 23.46 16.08 1.65
C LEU A 753 24.39 16.88 0.73
N PHE A 754 24.75 18.10 1.15
CA PHE A 754 25.62 19.02 0.44
C PHE A 754 27.04 18.95 0.98
N PRO A 755 28.03 19.26 0.14
CA PRO A 755 29.41 19.39 0.62
C PRO A 755 29.65 20.76 1.25
N GLY A 756 30.44 20.76 2.32
CA GLY A 756 30.78 21.99 3.00
C GLY A 756 31.19 21.71 4.43
N THR A 757 31.33 22.79 5.19
CA THR A 757 31.83 22.70 6.55
C THR A 757 30.69 22.87 7.54
N PHE A 758 30.60 21.93 8.48
CA PHE A 758 29.67 21.95 9.59
C PHE A 758 30.47 22.07 10.88
N GLU A 759 29.83 22.67 11.88
CA GLU A 759 30.39 22.83 13.21
C GLU A 759 29.41 22.21 14.19
N LEU A 760 29.92 21.35 15.07
CA LEU A 760 29.14 20.66 16.09
C LEU A 760 29.63 21.11 17.46
N GLY A 761 28.71 21.60 18.28
CA GLY A 761 29.06 22.21 19.56
C GLY A 761 28.22 21.67 20.69
N LEU A 762 28.87 21.53 21.85
CA LEU A 762 28.22 20.95 23.02
C LEU A 762 27.48 22.04 23.78
N ASN A 763 26.16 21.90 23.87
CA ASN A 763 25.30 22.81 24.60
C ASN A 763 25.40 24.25 24.09
N LEU A 764 24.93 25.19 24.92
CA LEU A 764 24.91 26.60 24.53
C LEU A 764 26.27 27.26 24.74
N GLU A 765 27.04 26.80 25.73
CA GLU A 765 28.38 27.34 25.93
C GLU A 765 29.28 27.05 24.72
N ARG A 766 29.06 25.93 24.03
CA ARG A 766 29.85 25.58 22.85
C ARG A 766 31.34 25.49 23.16
N LYS A 767 31.67 24.86 24.29
CA LYS A 767 33.08 24.71 24.67
C LYS A 767 33.74 23.61 23.85
N VAL A 768 33.26 22.38 23.99
CA VAL A 768 33.70 21.29 23.15
C VAL A 768 33.12 21.48 21.74
N ARG A 769 33.98 21.44 20.74
CA ARG A 769 33.54 21.63 19.35
C ARG A 769 34.26 20.66 18.43
N VAL A 770 33.61 20.34 17.32
CA VAL A 770 34.16 19.47 16.28
C VAL A 770 33.77 20.01 14.92
N LYS A 771 34.74 20.03 14.00
CA LYS A 771 34.51 20.44 12.62
C LYS A 771 34.32 19.22 11.75
N VAL A 772 33.27 19.23 10.94
CA VAL A 772 32.98 18.14 10.01
C VAL A 772 32.96 18.73 8.61
N VAL A 773 33.90 18.28 7.77
CA VAL A 773 33.96 18.70 6.38
C VAL A 773 33.43 17.56 5.53
N LEU A 774 32.31 17.80 4.85
CA LEU A 774 31.74 16.87 3.89
C LEU A 774 32.21 17.23 2.49
N SER A 775 32.81 16.27 1.81
CA SER A 775 33.33 16.38 0.46
C SER A 775 32.52 15.49 -0.48
N GLY A 776 32.77 15.66 -1.76
CA GLY A 776 32.06 14.95 -2.78
C GLY A 776 31.04 15.81 -3.50
N GLU A 777 30.03 15.17 -4.04
CA GLU A 777 28.94 15.84 -4.73
C GLU A 777 27.68 15.75 -3.89
N GLU A 778 26.81 16.74 -4.08
CA GLU A 778 25.53 16.71 -3.38
C GLU A 778 24.75 15.49 -3.82
N GLU A 779 24.00 14.90 -2.89
CA GLU A 779 23.19 13.73 -3.18
C GLU A 779 21.83 13.87 -2.49
N VAL A 780 20.79 13.45 -3.17
CA VAL A 780 19.44 13.50 -2.61
C VAL A 780 19.21 12.28 -1.74
N VAL A 781 18.81 12.50 -0.49
CA VAL A 781 18.45 11.40 0.40
C VAL A 781 16.95 11.33 0.65
N LEU A 782 16.17 12.33 0.24
CA LEU A 782 14.71 12.21 0.24
C LEU A 782 14.19 12.97 -0.97
N LYS A 783 13.59 12.25 -1.92
CA LYS A 783 13.06 12.86 -3.12
C LYS A 783 11.60 13.19 -2.84
N TRP A 784 11.31 14.47 -2.62
CA TRP A 784 9.98 14.92 -2.28
C TRP A 784 9.03 14.69 -3.46
N PRO A 785 7.94 13.97 -3.28
CA PRO A 785 7.05 13.67 -4.42
C PRO A 785 6.24 14.87 -4.84
N GLY A 786 5.73 14.80 -6.07
CA GLY A 786 4.82 15.80 -6.60
C GLY A 786 3.37 15.34 -6.56
N LYS A 787 2.48 16.30 -6.79
CA LYS A 787 1.04 16.03 -6.74
C LYS A 787 0.53 15.48 -8.07
N LEU B 37 25.38 -22.89 -6.37
CA LEU B 37 24.29 -22.60 -5.43
C LEU B 37 23.13 -21.90 -6.15
N SER B 38 21.99 -22.57 -6.18
CA SER B 38 20.78 -21.97 -6.73
C SER B 38 19.91 -21.34 -5.65
N PHE B 39 20.06 -21.76 -4.39
CA PHE B 39 19.36 -21.22 -3.24
C PHE B 39 20.38 -20.74 -2.21
N PRO B 40 20.10 -19.62 -1.52
CA PRO B 40 20.99 -19.20 -0.43
C PRO B 40 20.97 -20.18 0.73
N ASP B 41 22.13 -20.32 1.37
CA ASP B 41 22.30 -21.24 2.49
C ASP B 41 22.03 -20.50 3.79
N CYS B 42 20.83 -20.69 4.34
CA CYS B 42 20.44 -20.05 5.59
C CYS B 42 20.85 -20.85 6.82
N GLN B 43 21.52 -21.98 6.65
CA GLN B 43 22.03 -22.75 7.78
C GLN B 43 23.50 -22.46 8.07
N ASN B 44 24.34 -22.35 7.04
CA ASN B 44 25.75 -22.09 7.22
C ASN B 44 26.29 -20.96 6.36
N GLY B 45 25.44 -20.29 5.59
CA GLY B 45 25.88 -19.18 4.78
C GLY B 45 26.00 -17.92 5.58
N PRO B 46 26.53 -16.87 4.94
CA PRO B 46 26.73 -15.59 5.65
C PRO B 46 25.46 -15.02 6.24
N LEU B 47 24.30 -15.32 5.67
CA LEU B 47 23.04 -14.77 6.14
C LEU B 47 22.45 -15.53 7.32
N ARG B 48 23.13 -16.58 7.80
CA ARG B 48 22.52 -17.46 8.79
C ARG B 48 22.08 -16.69 10.04
N SER B 49 22.85 -15.68 10.46
CA SER B 49 22.54 -14.95 11.68
C SER B 49 21.54 -13.82 11.46
N HIS B 50 21.36 -13.37 10.23
CA HIS B 50 20.60 -12.15 10.00
C HIS B 50 19.10 -12.44 9.89
N LEU B 51 18.31 -11.37 9.97
CA LEU B 51 16.86 -11.54 10.01
C LEU B 51 16.32 -12.14 8.73
N ILE B 52 17.05 -12.02 7.62
CA ILE B 52 16.57 -12.57 6.36
C ILE B 52 16.32 -14.06 6.49
N CYS B 53 17.12 -14.76 7.31
CA CYS B 53 16.99 -16.20 7.49
C CYS B 53 16.09 -16.58 8.66
N ASP B 54 15.54 -15.60 9.37
CA ASP B 54 14.63 -15.88 10.49
C ASP B 54 13.24 -16.15 9.94
N GLU B 55 12.83 -17.42 9.94
CA GLU B 55 11.55 -17.81 9.39
C GLU B 55 10.35 -17.36 10.24
N SER B 56 10.58 -16.87 11.45
CA SER B 56 9.48 -16.35 12.25
C SER B 56 9.11 -14.93 11.88
N ALA B 57 9.99 -14.20 11.19
CA ALA B 57 9.72 -12.84 10.79
C ALA B 57 8.78 -12.80 9.58
N THR B 58 8.11 -11.66 9.42
CA THR B 58 7.25 -11.49 8.26
C THR B 58 8.10 -11.40 6.99
N PRO B 59 7.55 -11.80 5.84
CA PRO B 59 8.36 -11.77 4.61
C PRO B 59 8.95 -10.40 4.32
N TYR B 60 8.15 -9.34 4.51
CA TYR B 60 8.64 -8.00 4.19
C TYR B 60 9.83 -7.62 5.05
N ASP B 61 9.77 -7.91 6.35
CA ASP B 61 10.86 -7.54 7.24
C ASP B 61 12.13 -8.31 6.88
N ARG B 62 11.99 -9.58 6.49
CA ARG B 62 13.13 -10.35 6.03
C ARG B 62 13.76 -9.71 4.80
N ALA B 63 12.93 -9.37 3.81
CA ALA B 63 13.46 -8.77 2.58
C ALA B 63 14.13 -7.43 2.86
N ALA B 64 13.51 -6.63 3.74
CA ALA B 64 14.09 -5.34 4.09
C ALA B 64 15.44 -5.53 4.77
N SER B 65 15.54 -6.53 5.66
CA SER B 65 16.82 -6.85 6.28
C SER B 65 17.87 -7.15 5.22
N LEU B 66 17.53 -8.04 4.28
CA LEU B 66 18.51 -8.42 3.27
C LEU B 66 19.01 -7.18 2.53
N ILE B 67 18.08 -6.33 2.07
CA ILE B 67 18.49 -5.19 1.27
C ILE B 67 19.33 -4.23 2.09
N SER B 68 18.96 -4.03 3.36
CA SER B 68 19.80 -3.22 4.24
C SER B 68 21.21 -3.78 4.34
N LEU B 69 21.38 -5.08 4.07
CA LEU B 69 22.72 -5.64 4.08
C LEU B 69 23.54 -5.29 2.84
N PHE B 70 22.93 -4.69 1.82
CA PHE B 70 23.62 -4.38 0.57
C PHE B 70 24.36 -3.04 0.66
N THR B 71 25.35 -2.89 -0.21
CA THR B 71 25.87 -1.57 -0.54
C THR B 71 25.01 -0.98 -1.66
N LEU B 72 25.27 0.28 -1.98
CA LEU B 72 24.56 0.89 -3.10
C LEU B 72 24.87 0.15 -4.41
N ASP B 73 26.15 -0.16 -4.65
CA ASP B 73 26.55 -0.81 -5.89
C ASP B 73 25.86 -2.16 -6.05
N GLU B 74 25.87 -2.98 -5.00
CA GLU B 74 25.18 -4.27 -5.06
C GLU B 74 23.69 -4.07 -5.29
N LEU B 75 23.08 -3.12 -4.58
CA LEU B 75 21.66 -2.86 -4.74
C LEU B 75 21.35 -2.59 -6.20
N ILE B 76 22.03 -1.62 -6.80
CA ILE B 76 21.81 -1.27 -8.19
C ILE B 76 22.05 -2.47 -9.08
N ALA B 77 23.06 -3.28 -8.75
CA ALA B 77 23.35 -4.51 -9.48
C ALA B 77 22.23 -5.53 -9.39
N ASN B 78 21.29 -5.37 -8.46
CA ASN B 78 20.14 -6.27 -8.40
C ASN B 78 18.81 -5.59 -8.72
N THR B 79 18.82 -4.55 -9.56
CA THR B 79 17.57 -3.90 -9.97
C THR B 79 17.08 -4.34 -11.33
N GLY B 80 17.76 -5.28 -11.99
CA GLY B 80 17.39 -5.73 -13.32
C GLY B 80 17.06 -7.21 -13.30
N ASN B 81 16.39 -7.66 -14.36
CA ASN B 81 15.96 -9.06 -14.41
C ASN B 81 17.13 -10.02 -14.32
N THR B 82 18.31 -9.63 -14.82
CA THR B 82 19.51 -10.45 -14.63
C THR B 82 20.19 -9.98 -13.36
N GLY B 83 19.63 -10.38 -12.22
CA GLY B 83 20.16 -9.99 -10.93
C GLY B 83 21.46 -10.70 -10.63
N LEU B 84 22.54 -9.94 -10.44
CA LEU B 84 23.86 -10.53 -10.25
C LEU B 84 24.09 -11.10 -8.85
N GLY B 85 23.17 -10.87 -7.92
CA GLY B 85 23.37 -11.37 -6.57
C GLY B 85 24.46 -10.61 -5.82
N VAL B 86 24.80 -11.15 -4.65
CA VAL B 86 25.83 -10.58 -3.79
C VAL B 86 26.67 -11.74 -3.26
N SER B 87 27.94 -11.79 -3.67
CA SER B 87 28.76 -12.96 -3.35
C SER B 87 29.21 -12.92 -1.89
N ARG B 88 29.53 -11.74 -1.36
CA ARG B 88 29.98 -11.71 0.02
C ARG B 88 28.89 -12.14 0.98
N LEU B 89 27.62 -11.92 0.62
CA LEU B 89 26.50 -12.35 1.43
C LEU B 89 26.05 -13.77 1.12
N GLY B 90 26.63 -14.40 0.09
CA GLY B 90 26.12 -15.69 -0.35
C GLY B 90 24.81 -15.62 -1.09
N LEU B 91 24.44 -14.44 -1.59
CA LEU B 91 23.18 -14.28 -2.31
C LEU B 91 23.39 -14.66 -3.78
N PRO B 92 22.72 -15.69 -4.29
CA PRO B 92 22.96 -16.11 -5.67
C PRO B 92 22.48 -15.07 -6.66
N ALA B 93 22.93 -15.22 -7.90
CA ALA B 93 22.28 -14.52 -8.99
C ALA B 93 20.84 -15.01 -9.10
N TYR B 94 19.95 -14.12 -9.49
CA TYR B 94 18.56 -14.50 -9.73
C TYR B 94 18.09 -13.85 -11.03
N GLN B 95 17.35 -14.63 -11.81
CA GLN B 95 16.86 -14.22 -13.12
C GLN B 95 15.35 -14.09 -13.04
N VAL B 96 14.85 -12.88 -13.27
CA VAL B 96 13.42 -12.65 -13.16
C VAL B 96 12.70 -13.14 -14.41
N TRP B 97 13.37 -13.16 -15.56
CA TRP B 97 12.71 -13.52 -16.81
C TRP B 97 12.66 -15.04 -16.95
N SER B 98 11.48 -15.61 -16.75
CA SER B 98 11.17 -16.99 -17.12
C SER B 98 9.83 -16.99 -17.84
N ALA B 99 9.71 -17.82 -18.88
CA ALA B 99 8.52 -17.80 -19.72
C ALA B 99 7.63 -18.99 -19.42
N ALA B 100 6.32 -18.73 -19.31
CA ALA B 100 5.39 -19.82 -19.04
C ALA B 100 4.08 -19.70 -19.79
N LEU B 101 3.99 -18.93 -20.86
CA LEU B 101 2.68 -18.60 -21.43
C LEU B 101 1.84 -19.85 -21.71
N HIS B 102 2.45 -20.90 -22.30
CA HIS B 102 1.75 -22.16 -22.56
C HIS B 102 2.67 -23.34 -22.31
N GLY B 103 3.59 -23.20 -21.38
CA GLY B 103 4.56 -24.22 -21.06
C GLY B 103 5.84 -23.55 -20.62
N LEU B 104 6.74 -24.34 -20.05
CA LEU B 104 8.06 -23.79 -19.77
C LEU B 104 8.70 -23.46 -21.11
N ASP B 105 8.81 -22.17 -21.43
CA ASP B 105 9.15 -21.76 -22.79
C ASP B 105 10.54 -21.17 -22.91
N ARG B 106 11.18 -20.80 -21.80
CA ARG B 106 12.58 -20.38 -21.83
C ARG B 106 13.23 -20.94 -20.57
N ALA B 107 13.83 -22.13 -20.70
CA ALA B 107 14.51 -22.78 -19.60
C ALA B 107 15.88 -23.27 -20.06
N ASN B 108 16.74 -23.56 -19.10
CA ASN B 108 17.99 -24.27 -19.41
C ASN B 108 17.64 -25.75 -19.57
N PHE B 109 17.09 -26.07 -20.73
CA PHE B 109 16.90 -27.48 -21.08
C PHE B 109 18.26 -28.15 -21.25
N SER B 110 18.34 -29.40 -20.79
CA SER B 110 19.55 -30.18 -20.98
C SER B 110 19.60 -30.71 -22.41
N ASP B 111 20.76 -31.29 -22.76
CA ASP B 111 20.91 -31.86 -24.10
C ASP B 111 20.17 -33.19 -24.24
N SER B 112 19.99 -33.92 -23.14
CA SER B 112 19.39 -35.24 -23.23
C SER B 112 19.03 -35.72 -21.83
N GLY B 113 18.21 -36.76 -21.78
CA GLY B 113 17.84 -37.35 -20.49
C GLY B 113 16.99 -36.40 -19.67
N SER B 114 17.31 -36.32 -18.38
CA SER B 114 16.52 -35.51 -17.47
C SER B 114 16.53 -34.04 -17.87
N TYR B 115 15.37 -33.41 -17.76
CA TYR B 115 15.23 -31.97 -17.99
C TYR B 115 15.56 -31.57 -19.42
N ASN B 116 15.26 -32.47 -20.37
CA ASN B 116 15.46 -32.19 -21.79
C ASN B 116 14.29 -31.46 -22.42
N TRP B 117 13.07 -31.67 -21.91
CA TRP B 117 11.88 -31.12 -22.54
C TRP B 117 10.85 -30.76 -21.47
N ALA B 118 9.76 -30.12 -21.92
CA ALA B 118 8.63 -29.81 -21.06
C ALA B 118 7.37 -29.70 -21.90
N THR B 119 6.23 -29.90 -21.25
CA THR B 119 4.96 -29.94 -21.98
C THR B 119 4.70 -28.62 -22.70
N SER B 120 4.28 -28.71 -23.95
CA SER B 120 3.86 -27.54 -24.72
C SER B 120 2.37 -27.66 -24.96
N PHE B 121 1.60 -26.88 -24.22
CA PHE B 121 0.15 -26.84 -24.32
C PHE B 121 -0.26 -26.02 -25.54
N PRO B 122 -1.53 -26.10 -25.94
CA PRO B 122 -2.00 -25.20 -27.00
C PRO B 122 -1.75 -23.75 -26.65
N GLN B 123 -1.86 -22.89 -27.66
CA GLN B 123 -1.78 -21.46 -27.40
C GLN B 123 -3.01 -21.03 -26.61
N PRO B 124 -2.87 -20.02 -25.73
CA PRO B 124 -4.00 -19.63 -24.89
C PRO B 124 -5.29 -19.42 -25.65
N ILE B 125 -5.24 -18.93 -26.89
CA ILE B 125 -6.47 -18.65 -27.63
C ILE B 125 -7.29 -19.93 -27.80
N LEU B 126 -6.64 -21.01 -28.23
CA LEU B 126 -7.36 -22.27 -28.42
C LEU B 126 -7.86 -22.82 -27.10
N THR B 127 -7.02 -22.79 -26.05
CA THR B 127 -7.43 -23.27 -24.75
C THR B 127 -8.69 -22.56 -24.27
N THR B 128 -8.69 -21.22 -24.36
CA THR B 128 -9.86 -20.44 -23.95
C THR B 128 -11.08 -20.79 -24.77
N ALA B 129 -10.89 -21.18 -26.03
CA ALA B 129 -12.05 -21.51 -26.84
C ALA B 129 -12.86 -22.69 -26.28
N ALA B 130 -12.27 -23.47 -25.37
CA ALA B 130 -12.97 -24.62 -24.81
C ALA B 130 -13.99 -24.24 -23.74
N LEU B 131 -13.97 -22.99 -23.28
CA LEU B 131 -14.93 -22.49 -22.29
C LEU B 131 -14.97 -23.37 -21.04
N ASN B 132 -13.80 -23.81 -20.59
CA ASN B 132 -13.68 -24.71 -19.43
C ASN B 132 -12.66 -24.07 -18.47
N ARG B 133 -13.17 -23.39 -17.43
CA ARG B 133 -12.30 -22.69 -16.50
C ARG B 133 -11.33 -23.65 -15.80
N THR B 134 -11.83 -24.83 -15.41
CA THR B 134 -10.99 -25.79 -14.70
C THR B 134 -9.84 -26.27 -15.57
N LEU B 135 -10.05 -26.35 -16.88
CA LEU B 135 -8.97 -26.73 -17.78
C LEU B 135 -7.82 -25.74 -17.71
N ILE B 136 -8.13 -24.44 -17.76
CA ILE B 136 -7.09 -23.42 -17.64
C ILE B 136 -6.37 -23.57 -16.31
N HIS B 137 -7.13 -23.76 -15.23
CA HIS B 137 -6.49 -23.89 -13.92
C HIS B 137 -5.56 -25.09 -13.89
N GLN B 138 -5.96 -26.22 -14.48
CA GLN B 138 -5.14 -27.41 -14.41
C GLN B 138 -3.90 -27.27 -15.27
N ILE B 139 -4.04 -26.63 -16.44
CA ILE B 139 -2.88 -26.40 -17.29
C ILE B 139 -1.87 -25.55 -16.54
N ALA B 140 -2.33 -24.49 -15.88
CA ALA B 140 -1.41 -23.64 -15.12
C ALA B 140 -0.77 -24.42 -13.97
N SER B 141 -1.56 -25.26 -13.30
CA SER B 141 -1.03 -26.07 -12.20
C SER B 141 0.08 -26.98 -12.68
N ILE B 142 -0.12 -27.64 -13.82
CA ILE B 142 0.90 -28.50 -14.40
C ILE B 142 2.13 -27.67 -14.77
N ILE B 143 1.91 -26.50 -15.36
CA ILE B 143 3.03 -25.67 -15.77
C ILE B 143 3.89 -25.32 -14.56
N SER B 144 3.24 -24.90 -13.47
CA SER B 144 4.00 -24.51 -12.28
C SER B 144 4.66 -25.72 -11.61
N THR B 145 4.05 -26.91 -11.68
CA THR B 145 4.75 -28.09 -11.19
C THR B 145 6.05 -28.33 -11.96
N GLN B 146 5.97 -28.32 -13.30
CA GLN B 146 7.18 -28.53 -14.09
C GLN B 146 8.19 -27.42 -13.86
N GLY B 147 7.71 -26.18 -13.75
CA GLY B 147 8.62 -25.07 -13.49
C GLY B 147 9.34 -25.22 -12.17
N ARG B 148 8.62 -25.64 -11.13
CA ARG B 148 9.23 -25.87 -9.83
C ARG B 148 10.28 -26.96 -9.91
N ALA B 149 9.99 -28.05 -10.63
CA ALA B 149 10.99 -29.10 -10.81
C ALA B 149 12.26 -28.54 -11.44
N PHE B 150 12.12 -27.81 -12.54
CA PHE B 150 13.29 -27.23 -13.20
C PHE B 150 14.03 -26.28 -12.29
N ASN B 151 13.30 -25.49 -11.50
CA ASN B 151 13.95 -24.59 -10.53
C ASN B 151 14.75 -25.39 -9.50
N ASN B 152 14.17 -26.49 -9.02
CA ASN B 152 14.90 -27.34 -8.08
C ASN B 152 16.16 -27.89 -8.70
N ALA B 153 16.18 -28.02 -10.03
CA ALA B 153 17.40 -28.44 -10.72
C ALA B 153 18.31 -27.27 -11.10
N GLY B 154 17.93 -26.03 -10.80
CA GLY B 154 18.74 -24.89 -11.21
C GLY B 154 18.55 -24.43 -12.64
N ARG B 155 17.46 -24.83 -13.30
CA ARG B 155 17.25 -24.55 -14.71
C ARG B 155 16.06 -23.61 -14.97
N TYR B 156 15.56 -22.93 -13.95
CA TYR B 156 14.34 -22.14 -14.07
C TYR B 156 14.19 -21.33 -12.79
N GLY B 157 13.52 -20.18 -12.89
CA GLY B 157 13.35 -19.28 -11.76
C GLY B 157 12.12 -19.60 -10.93
N LEU B 158 11.74 -18.63 -10.10
CA LEU B 158 10.57 -18.76 -9.23
C LEU B 158 9.44 -17.80 -9.57
N ASP B 159 9.60 -16.96 -10.59
CA ASP B 159 8.52 -16.13 -11.11
C ASP B 159 8.49 -16.22 -12.64
N VAL B 160 7.29 -16.13 -13.20
CA VAL B 160 7.08 -16.31 -14.64
C VAL B 160 6.43 -15.06 -15.23
N TYR B 161 6.89 -14.67 -16.41
CA TYR B 161 6.29 -13.59 -17.18
C TYR B 161 5.04 -14.08 -17.92
N ALA B 162 4.06 -14.52 -17.14
CA ALA B 162 2.77 -14.94 -17.65
C ALA B 162 1.75 -14.83 -16.54
N PRO B 163 0.46 -14.75 -16.87
CA PRO B 163 -0.14 -14.84 -18.20
C PRO B 163 -0.31 -13.50 -18.92
N ASN B 164 -0.39 -13.55 -20.23
CA ASN B 164 -0.81 -12.39 -21.02
C ASN B 164 -2.34 -12.33 -21.01
N ILE B 165 -2.88 -11.27 -20.42
CA ILE B 165 -4.31 -11.13 -20.27
C ILE B 165 -4.85 -9.92 -21.03
N ASN B 166 -4.05 -9.36 -21.94
CA ASN B 166 -4.58 -8.40 -22.89
C ASN B 166 -5.60 -9.10 -23.79
N THR B 167 -6.52 -8.32 -24.34
CA THR B 167 -7.52 -8.85 -25.24
C THR B 167 -7.08 -8.73 -26.70
N PHE B 168 -7.53 -9.68 -27.52
CA PHE B 168 -7.33 -9.68 -28.96
C PHE B 168 -8.31 -8.69 -29.59
N ARG B 169 -8.11 -7.40 -29.29
CA ARG B 169 -9.09 -6.41 -29.71
C ARG B 169 -9.17 -6.30 -31.23
N HIS B 170 -8.03 -6.20 -31.89
CA HIS B 170 -8.03 -6.05 -33.34
C HIS B 170 -7.45 -7.30 -33.99
N PRO B 171 -8.11 -7.81 -35.03
CA PRO B 171 -7.67 -9.10 -35.60
C PRO B 171 -6.26 -9.10 -36.21
N VAL B 172 -5.62 -7.95 -36.46
CA VAL B 172 -4.30 -8.03 -37.05
C VAL B 172 -3.20 -8.33 -36.04
N TRP B 173 -3.51 -8.29 -34.75
CA TRP B 173 -2.45 -8.31 -33.74
C TRP B 173 -1.68 -9.63 -33.79
N GLY B 174 -0.35 -9.53 -33.90
CA GLY B 174 0.48 -10.72 -34.05
C GLY B 174 0.62 -11.54 -32.79
N ARG B 175 0.29 -10.98 -31.63
CA ARG B 175 0.36 -11.70 -30.36
C ARG B 175 -1.01 -12.13 -29.86
N GLY B 176 -2.07 -11.94 -30.64
CA GLY B 176 -3.39 -12.34 -30.21
C GLY B 176 -3.48 -13.82 -29.89
N GLN B 177 -2.65 -14.64 -30.53
CA GLN B 177 -2.63 -16.06 -30.21
C GLN B 177 -2.37 -16.29 -28.73
N GLU B 178 -1.65 -15.38 -28.06
CA GLU B 178 -1.31 -15.54 -26.66
C GLU B 178 -2.44 -15.16 -25.72
N THR B 179 -3.51 -14.54 -26.21
CA THR B 179 -4.52 -13.95 -25.34
C THR B 179 -5.69 -14.90 -25.13
N PRO B 180 -6.58 -14.57 -24.20
CA PRO B 180 -7.82 -15.34 -24.05
C PRO B 180 -8.94 -14.91 -25.00
N GLY B 181 -8.63 -14.16 -26.05
CA GLY B 181 -9.62 -13.72 -27.01
C GLY B 181 -9.95 -12.25 -26.82
N GLU B 182 -11.04 -11.84 -27.46
CA GLU B 182 -11.36 -10.42 -27.52
C GLU B 182 -12.23 -9.94 -26.37
N ASP B 183 -12.76 -10.82 -25.53
CA ASP B 183 -13.71 -10.42 -24.50
C ASP B 183 -13.02 -10.20 -23.16
N VAL B 184 -13.30 -9.05 -22.54
CA VAL B 184 -12.60 -8.74 -21.29
C VAL B 184 -13.01 -9.69 -20.17
N SER B 185 -14.27 -10.13 -20.14
CA SER B 185 -14.69 -11.06 -19.07
C SER B 185 -14.01 -12.42 -19.21
N LEU B 186 -13.92 -12.94 -20.44
CA LEU B 186 -13.20 -14.19 -20.65
C LEU B 186 -11.74 -14.04 -20.27
N ALA B 187 -11.14 -12.90 -20.60
CA ALA B 187 -9.75 -12.66 -20.22
C ALA B 187 -9.61 -12.60 -18.70
N ALA B 188 -10.58 -11.99 -18.01
CA ALA B 188 -10.51 -11.92 -16.55
C ALA B 188 -10.57 -13.30 -15.93
N VAL B 189 -11.54 -14.12 -16.35
CA VAL B 189 -11.63 -15.47 -15.79
C VAL B 189 -10.38 -16.27 -16.11
N TYR B 190 -9.87 -16.14 -17.34
CA TYR B 190 -8.61 -16.81 -17.66
C TYR B 190 -7.50 -16.36 -16.74
N ALA B 191 -7.40 -15.05 -16.50
CA ALA B 191 -6.36 -14.54 -15.61
C ALA B 191 -6.46 -15.17 -14.24
N TYR B 192 -7.67 -15.22 -13.68
CA TYR B 192 -7.85 -15.79 -12.36
C TYR B 192 -7.41 -17.26 -12.33
N GLU B 193 -7.94 -18.07 -13.25
CA GLU B 193 -7.64 -19.50 -13.23
C GLU B 193 -6.15 -19.74 -13.41
N TYR B 194 -5.54 -19.06 -14.39
CA TYR B 194 -4.14 -19.28 -14.69
C TYR B 194 -3.24 -18.82 -13.55
N ILE B 195 -3.51 -17.63 -13.01
CA ILE B 195 -2.64 -17.11 -11.96
C ILE B 195 -2.74 -17.98 -10.71
N THR B 196 -3.94 -18.39 -10.30
CA THR B 196 -4.01 -19.25 -9.12
C THR B 196 -3.33 -20.59 -9.40
N GLY B 197 -3.49 -21.12 -10.62
CA GLY B 197 -2.76 -22.33 -10.96
C GLY B 197 -1.26 -22.18 -10.81
N ILE B 198 -0.72 -21.03 -11.25
CA ILE B 198 0.72 -20.80 -11.15
C ILE B 198 1.16 -20.64 -9.70
N GLN B 199 0.48 -19.75 -8.97
CA GLN B 199 0.93 -19.34 -7.64
C GLN B 199 0.60 -20.37 -6.57
N GLY B 200 -0.45 -21.16 -6.78
CA GLY B 200 -0.82 -22.18 -5.83
C GLY B 200 -1.89 -21.68 -4.89
N PRO B 201 -2.35 -22.56 -3.99
CA PRO B 201 -3.47 -22.19 -3.11
C PRO B 201 -3.15 -21.13 -2.08
N ASP B 202 -1.88 -20.97 -1.66
CA ASP B 202 -1.52 -20.07 -0.57
C ASP B 202 -0.38 -19.14 -0.98
N PRO B 203 -0.69 -18.12 -1.79
CA PRO B 203 0.37 -17.22 -2.28
C PRO B 203 1.11 -16.42 -1.20
N ASP B 204 0.50 -16.19 -0.03
CA ASP B 204 1.17 -15.40 1.00
C ASP B 204 2.28 -16.17 1.71
N SER B 205 2.04 -17.44 2.01
CA SER B 205 2.94 -18.24 2.84
C SER B 205 3.71 -19.28 2.07
N ASN B 206 3.05 -20.02 1.17
CA ASN B 206 3.70 -21.03 0.33
C ASN B 206 3.36 -20.72 -1.13
N LEU B 207 4.12 -19.81 -1.72
CA LEU B 207 3.91 -19.43 -3.12
C LEU B 207 4.62 -20.44 -4.00
N LYS B 208 3.89 -21.03 -4.95
CA LYS B 208 4.51 -22.02 -5.82
C LYS B 208 5.44 -21.31 -6.80
N LEU B 209 4.86 -20.48 -7.66
CA LEU B 209 5.59 -19.63 -8.58
C LEU B 209 4.84 -18.30 -8.67
N ALA B 210 5.58 -17.20 -8.65
CA ALA B 210 4.96 -15.90 -8.79
C ALA B 210 4.56 -15.69 -10.25
N ALA B 211 3.34 -15.23 -10.47
CA ALA B 211 2.87 -14.92 -11.81
C ALA B 211 3.02 -13.42 -12.08
N THR B 212 3.01 -13.06 -13.36
CA THR B 212 3.06 -11.66 -13.78
C THR B 212 1.91 -11.42 -14.75
N ALA B 213 0.96 -10.57 -14.37
CA ALA B 213 -0.05 -10.13 -15.32
C ALA B 213 0.57 -9.16 -16.31
N LYS B 214 0.36 -9.40 -17.61
CA LYS B 214 0.90 -8.56 -18.67
C LYS B 214 -0.12 -8.47 -19.80
N HIS B 215 -0.06 -7.38 -20.55
CA HIS B 215 0.81 -6.21 -20.43
C HIS B 215 -0.04 -5.00 -20.08
N TYR B 216 0.33 -4.32 -19.01
CA TYR B 216 -0.49 -3.29 -18.38
C TYR B 216 0.00 -1.92 -18.84
N ALA B 217 -0.80 -1.23 -19.66
CA ALA B 217 -2.10 -1.55 -20.23
C ALA B 217 -2.27 -0.84 -21.58
N GLY B 218 -3.27 -1.25 -22.37
CA GLY B 218 -3.49 -0.68 -23.69
C GLY B 218 -2.53 -1.16 -24.76
N TYR B 219 -1.90 -2.31 -24.58
CA TYR B 219 -0.93 -2.85 -25.53
C TYR B 219 -1.60 -3.97 -26.29
N ASP B 220 -1.99 -3.70 -27.56
CA ASP B 220 -2.53 -4.75 -28.39
C ASP B 220 -2.11 -4.65 -29.87
N ILE B 221 -1.02 -3.94 -30.18
CA ILE B 221 -0.54 -3.74 -31.54
C ILE B 221 0.98 -3.88 -31.51
N GLU B 222 1.54 -4.53 -32.55
CA GLU B 222 2.99 -4.71 -32.67
C GLU B 222 3.63 -3.68 -33.60
N ASN B 223 3.31 -3.75 -34.91
CA ASN B 223 3.91 -2.79 -35.84
C ASN B 223 3.00 -2.33 -36.97
N TRP B 224 1.67 -2.40 -36.84
CA TRP B 224 0.78 -2.20 -37.97
C TRP B 224 1.01 -0.86 -38.67
N HIS B 225 1.29 -0.90 -39.99
CA HIS B 225 1.55 0.32 -40.76
C HIS B 225 2.66 1.14 -40.11
N ASN B 226 3.72 0.45 -39.67
CA ASN B 226 4.90 1.10 -39.12
C ASN B 226 4.60 1.91 -37.87
N HIS B 227 3.60 1.50 -37.10
CA HIS B 227 3.31 2.06 -35.78
C HIS B 227 3.89 1.09 -34.74
N SER B 228 5.17 1.29 -34.41
CA SER B 228 5.88 0.37 -33.53
C SER B 228 5.45 0.52 -32.08
N ARG B 229 5.33 -0.62 -31.40
CA ARG B 229 4.93 -0.65 -30.01
C ARG B 229 5.93 0.06 -29.09
N LEU B 230 7.18 0.24 -29.54
CA LEU B 230 8.19 0.90 -28.71
C LEU B 230 7.97 2.40 -28.60
N GLY B 231 7.27 3.01 -29.56
CA GLY B 231 7.01 4.42 -29.50
C GLY B 231 5.53 4.75 -29.65
N ASN B 232 4.68 3.72 -29.65
CA ASN B 232 3.26 3.91 -29.84
C ASN B 232 2.64 4.67 -28.66
N ASP B 233 1.80 5.65 -28.99
CA ASP B 233 1.09 6.46 -27.99
C ASP B 233 -0.42 6.35 -28.26
N MET B 234 -1.05 5.37 -27.62
CA MET B 234 -2.46 5.10 -27.86
C MET B 234 -3.33 6.05 -27.05
N ASN B 235 -4.36 6.60 -27.69
CA ASN B 235 -5.28 7.52 -27.04
C ASN B 235 -6.54 6.75 -26.68
N ILE B 236 -6.73 6.52 -25.38
CA ILE B 236 -7.84 5.72 -24.86
C ILE B 236 -8.65 6.57 -23.91
N THR B 237 -9.96 6.61 -24.13
CA THR B 237 -10.85 7.36 -23.26
C THR B 237 -10.91 6.70 -21.87
N GLN B 238 -11.20 7.51 -20.85
CA GLN B 238 -11.34 6.96 -19.51
C GLN B 238 -12.39 5.86 -19.49
N GLN B 239 -13.47 6.04 -20.25
CA GLN B 239 -14.53 5.03 -20.31
C GLN B 239 -13.98 3.70 -20.82
N ASP B 240 -13.23 3.73 -21.93
CA ASP B 240 -12.68 2.49 -22.46
C ASP B 240 -11.60 1.93 -21.54
N LEU B 241 -10.85 2.80 -20.87
CA LEU B 241 -9.83 2.31 -19.95
C LEU B 241 -10.47 1.51 -18.82
N SER B 242 -11.58 2.01 -18.27
CA SER B 242 -12.24 1.35 -17.16
C SER B 242 -13.04 0.12 -17.61
N GLU B 243 -13.70 0.23 -18.76
CA GLU B 243 -14.65 -0.79 -19.19
C GLU B 243 -13.99 -1.96 -19.92
N TYR B 244 -12.89 -1.74 -20.67
CA TYR B 244 -12.35 -2.78 -21.53
C TYR B 244 -10.86 -3.06 -21.29
N TYR B 245 -10.04 -2.04 -21.03
CA TYR B 245 -8.60 -2.28 -21.03
C TYR B 245 -8.04 -2.65 -19.65
N THR B 246 -8.64 -2.16 -18.56
CA THR B 246 -8.22 -2.50 -17.18
C THR B 246 -8.92 -3.68 -16.49
N PRO B 247 -10.23 -3.93 -16.69
CA PRO B 247 -10.93 -4.84 -15.76
C PRO B 247 -10.24 -6.16 -15.48
N GLN B 248 -9.62 -6.79 -16.49
CA GLN B 248 -9.00 -8.09 -16.23
C GLN B 248 -7.83 -7.96 -15.28
N PHE B 249 -7.09 -6.84 -15.36
CA PHE B 249 -6.02 -6.61 -14.39
C PHE B 249 -6.59 -6.37 -12.99
N HIS B 250 -7.75 -5.72 -12.88
CA HIS B 250 -8.42 -5.62 -11.59
C HIS B 250 -8.70 -7.01 -11.03
N VAL B 251 -9.21 -7.91 -11.87
CA VAL B 251 -9.50 -9.26 -11.37
C VAL B 251 -8.20 -9.96 -10.98
N ALA B 252 -7.15 -9.81 -11.78
CA ALA B 252 -5.88 -10.48 -11.50
C ALA B 252 -5.26 -9.99 -10.20
N ALA B 253 -5.44 -8.72 -9.87
CA ALA B 253 -4.85 -8.16 -8.65
C ALA B 253 -5.71 -8.48 -7.42
N ARG B 254 -6.99 -8.10 -7.44
CA ARG B 254 -7.84 -8.25 -6.27
C ARG B 254 -8.18 -9.71 -5.99
N ASP B 255 -8.57 -10.46 -7.02
CA ASP B 255 -9.10 -11.80 -6.82
C ASP B 255 -8.02 -12.89 -6.95
N ALA B 256 -7.19 -12.83 -7.99
CA ALA B 256 -6.15 -13.85 -8.16
C ALA B 256 -4.91 -13.58 -7.33
N LYS B 257 -4.82 -12.40 -6.71
CA LYS B 257 -3.68 -12.02 -5.87
C LYS B 257 -2.37 -12.18 -6.62
N VAL B 258 -2.34 -11.67 -7.85
CA VAL B 258 -1.11 -11.78 -8.64
C VAL B 258 0.02 -11.09 -7.91
N HIS B 259 1.20 -11.71 -7.89
CA HIS B 259 2.32 -11.11 -7.22
C HIS B 259 3.09 -10.11 -8.07
N SER B 260 2.80 -10.02 -9.37
CA SER B 260 3.55 -9.10 -10.20
C SER B 260 2.69 -8.62 -11.36
N VAL B 261 3.08 -7.48 -11.93
CA VAL B 261 2.47 -6.95 -13.15
C VAL B 261 3.57 -6.36 -14.01
N MET B 262 3.41 -6.49 -15.32
CA MET B 262 4.37 -5.96 -16.29
C MET B 262 3.71 -4.80 -17.03
N CYS B 263 4.33 -3.62 -16.95
CA CYS B 263 3.83 -2.46 -17.68
C CYS B 263 4.38 -2.46 -19.10
N ALA B 264 3.56 -1.96 -20.03
CA ALA B 264 3.74 -2.19 -21.45
C ALA B 264 4.78 -1.24 -22.04
N TYR B 265 5.25 -1.59 -23.25
CA TYR B 265 6.16 -0.69 -23.99
C TYR B 265 5.48 0.63 -24.29
N ASN B 266 4.22 0.57 -24.73
CA ASN B 266 3.53 1.69 -25.32
C ASN B 266 3.26 2.77 -24.28
N ALA B 267 2.83 3.92 -24.78
CA ALA B 267 2.33 5.00 -23.97
C ALA B 267 0.81 5.07 -24.10
N VAL B 268 0.16 5.56 -23.05
CA VAL B 268 -1.27 5.79 -23.07
C VAL B 268 -1.50 7.26 -22.78
N ASN B 269 -2.21 7.94 -23.68
CA ASN B 269 -2.51 9.36 -23.54
C ASN B 269 -1.28 10.16 -23.13
N GLY B 270 -0.16 9.87 -23.81
CA GLY B 270 1.06 10.63 -23.67
C GLY B 270 2.05 10.12 -22.66
N VAL B 271 1.73 9.07 -21.91
CA VAL B 271 2.56 8.62 -20.80
C VAL B 271 2.99 7.17 -21.06
N PRO B 272 4.28 6.88 -21.15
CA PRO B 272 4.70 5.48 -21.24
C PRO B 272 4.18 4.72 -20.04
N ALA B 273 3.69 3.51 -20.30
CA ALA B 273 3.01 2.75 -19.25
C ALA B 273 3.85 2.67 -17.97
N CYS B 274 5.15 2.42 -18.12
CA CYS B 274 6.04 2.19 -16.98
C CYS B 274 6.46 3.46 -16.27
N ALA B 275 6.05 4.63 -16.78
CA ALA B 275 6.24 5.89 -16.07
C ALA B 275 4.91 6.57 -15.78
N ASP B 276 3.82 5.81 -15.74
CA ASP B 276 2.47 6.34 -15.54
C ASP B 276 2.05 6.06 -14.10
N SER B 277 2.27 7.02 -13.20
CA SER B 277 1.88 6.81 -11.80
C SER B 277 0.38 6.59 -11.68
N TYR B 278 -0.42 7.23 -12.53
CA TYR B 278 -1.85 7.01 -12.47
C TYR B 278 -2.18 5.53 -12.70
N PHE B 279 -1.49 4.89 -13.64
CA PHE B 279 -1.71 3.47 -13.89
C PHE B 279 -1.23 2.60 -12.72
N LEU B 280 -0.02 2.85 -12.22
CA LEU B 280 0.61 1.92 -11.29
C LEU B 280 0.24 2.18 -9.83
N GLN B 281 0.07 3.44 -9.43
CA GLN B 281 -0.21 3.78 -8.04
C GLN B 281 -1.71 4.02 -7.82
N THR B 282 -2.29 4.99 -8.53
CA THR B 282 -3.71 5.30 -8.36
C THR B 282 -4.58 4.10 -8.69
N LEU B 283 -4.39 3.50 -9.87
CA LEU B 283 -5.24 2.38 -10.27
C LEU B 283 -4.78 1.04 -9.70
N LEU B 284 -3.58 0.59 -10.07
CA LEU B 284 -3.20 -0.79 -9.74
C LEU B 284 -3.12 -1.00 -8.23
N ARG B 285 -2.44 -0.09 -7.52
CA ARG B 285 -2.17 -0.29 -6.11
C ARG B 285 -3.24 0.30 -5.19
N ASP B 286 -3.86 1.41 -5.58
CA ASP B 286 -4.81 2.10 -4.73
C ASP B 286 -6.27 1.83 -5.09
N THR B 287 -6.54 1.17 -6.21
CA THR B 287 -7.92 0.92 -6.61
C THR B 287 -8.19 -0.53 -6.96
N PHE B 288 -7.17 -1.26 -7.44
CA PHE B 288 -7.37 -2.62 -7.93
C PHE B 288 -6.95 -3.68 -6.91
N GLY B 289 -6.44 -3.28 -5.75
CA GLY B 289 -6.12 -4.26 -4.73
C GLY B 289 -4.89 -5.09 -4.96
N PHE B 290 -3.89 -4.54 -5.64
CA PHE B 290 -2.62 -5.25 -5.80
C PHE B 290 -2.06 -5.58 -4.42
N VAL B 291 -1.48 -6.77 -4.28
CA VAL B 291 -0.98 -7.24 -2.98
C VAL B 291 0.00 -6.23 -2.40
N ASP B 292 0.20 -6.30 -1.09
CA ASP B 292 0.87 -5.22 -0.37
C ASP B 292 2.25 -4.92 -0.97
N HIS B 293 3.08 -5.94 -1.10
CA HIS B 293 4.45 -5.74 -1.55
C HIS B 293 4.70 -6.39 -2.91
N GLY B 294 3.66 -6.51 -3.73
CA GLY B 294 3.84 -7.00 -5.08
C GLY B 294 4.75 -6.09 -5.88
N TYR B 295 5.42 -6.67 -6.87
CA TYR B 295 6.41 -5.93 -7.65
C TYR B 295 5.95 -5.83 -9.09
N VAL B 296 6.24 -4.68 -9.71
CA VAL B 296 5.96 -4.42 -11.10
C VAL B 296 7.26 -4.53 -11.88
N SER B 297 7.26 -5.37 -12.91
CA SER B 297 8.37 -5.46 -13.84
C SER B 297 8.03 -4.71 -15.13
N SER B 298 9.02 -4.01 -15.67
CA SER B 298 8.83 -3.44 -17.00
C SER B 298 8.85 -4.55 -18.04
N ASP B 299 8.48 -4.20 -19.27
CA ASP B 299 8.71 -5.10 -20.40
C ASP B 299 10.17 -5.02 -20.82
N CYS B 300 10.55 -5.75 -21.87
CA CYS B 300 11.96 -5.93 -22.21
C CYS B 300 12.25 -5.26 -23.56
N ASP B 301 12.72 -4.01 -23.53
CA ASP B 301 12.99 -3.14 -22.37
C ASP B 301 12.22 -1.81 -22.47
N ALA B 302 11.04 -1.77 -21.84
CA ALA B 302 10.18 -0.58 -21.93
C ALA B 302 10.78 0.62 -21.19
N ALA B 303 11.57 0.37 -20.14
CA ALA B 303 12.19 1.47 -19.41
C ALA B 303 13.12 2.27 -20.31
N TYR B 304 13.96 1.57 -21.10
CA TYR B 304 14.79 2.26 -22.09
C TYR B 304 13.94 2.95 -23.14
N ASN B 305 12.78 2.37 -23.49
CA ASN B 305 11.91 2.98 -24.48
C ASN B 305 11.22 4.24 -23.97
N ILE B 306 11.17 4.44 -22.64
CA ILE B 306 10.70 5.73 -22.12
C ILE B 306 11.52 6.87 -22.70
N TYR B 307 12.85 6.68 -22.76
CA TYR B 307 13.75 7.67 -23.35
C TYR B 307 13.71 7.62 -24.87
N ASN B 308 14.02 6.46 -25.45
CA ASN B 308 14.08 6.29 -26.90
C ASN B 308 13.30 5.03 -27.25
N PRO B 309 12.28 5.09 -28.13
CA PRO B 309 11.85 6.22 -28.98
C PRO B 309 10.82 7.17 -28.39
N HIS B 310 10.31 6.97 -27.18
CA HIS B 310 9.19 7.77 -26.71
C HIS B 310 9.59 9.22 -26.45
N GLY B 311 10.77 9.44 -25.87
CA GLY B 311 11.21 10.79 -25.56
C GLY B 311 10.61 11.38 -24.31
N TYR B 312 9.84 10.61 -23.54
CA TYR B 312 9.28 11.12 -22.29
C TYR B 312 10.38 11.52 -21.32
N ALA B 313 11.55 10.89 -21.40
CA ALA B 313 12.71 11.24 -20.60
C ALA B 313 13.85 11.66 -21.54
N SER B 314 14.63 12.65 -21.10
CA SER B 314 15.72 13.16 -21.94
C SER B 314 16.95 12.27 -21.91
N SER B 315 17.07 11.38 -20.93
CA SER B 315 18.25 10.53 -20.82
C SER B 315 17.84 9.20 -20.21
N GLN B 316 18.74 8.23 -20.32
CA GLN B 316 18.44 6.92 -19.75
C GLN B 316 18.31 7.01 -18.23
N ALA B 317 19.11 7.86 -17.59
CA ALA B 317 19.03 8.01 -16.14
C ALA B 317 17.72 8.65 -15.71
N ALA B 318 17.31 9.72 -16.40
CA ALA B 318 16.01 10.32 -16.11
C ALA B 318 14.89 9.33 -16.37
N ALA B 319 15.00 8.53 -17.44
CA ALA B 319 13.99 7.53 -17.71
C ALA B 319 13.90 6.52 -16.57
N ALA B 320 15.04 6.05 -16.07
CA ALA B 320 15.02 5.09 -14.97
C ALA B 320 14.42 5.71 -13.71
N ALA B 321 14.77 6.97 -13.42
CA ALA B 321 14.22 7.63 -12.24
C ALA B 321 12.71 7.75 -12.36
N GLU B 322 12.22 8.18 -13.52
CA GLU B 322 10.77 8.31 -13.70
C GLU B 322 10.08 6.97 -13.55
N ALA B 323 10.64 5.93 -14.18
CA ALA B 323 10.06 4.59 -14.05
C ALA B 323 9.96 4.19 -12.59
N ILE B 324 11.06 4.30 -11.84
CA ILE B 324 11.01 3.89 -10.44
C ILE B 324 9.98 4.70 -9.68
N LEU B 325 10.03 6.03 -9.82
CA LEU B 325 9.16 6.89 -9.03
C LEU B 325 7.68 6.59 -9.31
N ALA B 326 7.37 6.15 -10.52
CA ALA B 326 5.98 5.84 -10.86
C ALA B 326 5.52 4.48 -10.35
N GLY B 327 6.42 3.64 -9.86
CA GLY B 327 6.07 2.31 -9.40
C GLY B 327 6.69 1.16 -10.15
N THR B 328 7.60 1.38 -11.11
CA THR B 328 8.22 0.28 -11.84
C THR B 328 9.41 -0.23 -11.04
N ASP B 329 9.21 -1.34 -10.32
CA ASP B 329 10.20 -1.78 -9.34
C ASP B 329 11.41 -2.45 -9.96
N ILE B 330 11.21 -3.29 -10.97
CA ILE B 330 12.29 -4.10 -11.56
C ILE B 330 12.31 -3.88 -13.07
N ASP B 331 13.50 -3.68 -13.63
CA ASP B 331 13.68 -3.40 -15.05
C ASP B 331 14.10 -4.67 -15.77
N CYS B 332 13.32 -5.05 -16.80
CA CYS B 332 13.74 -6.13 -17.70
C CYS B 332 14.66 -5.52 -18.75
N GLY B 333 15.95 -5.61 -18.49
CA GLY B 333 16.95 -5.00 -19.33
C GLY B 333 18.10 -4.51 -18.47
N THR B 334 18.86 -3.57 -19.02
CA THR B 334 20.03 -3.03 -18.33
C THR B 334 19.96 -1.53 -18.13
N THR B 335 18.81 -0.91 -18.37
CA THR B 335 18.69 0.53 -18.13
C THR B 335 18.96 0.87 -16.67
N TYR B 336 18.25 0.22 -15.75
CA TYR B 336 18.45 0.50 -14.33
C TYR B 336 19.89 0.19 -13.90
N GLN B 337 20.35 -1.03 -14.20
CA GLN B 337 21.63 -1.50 -13.68
C GLN B 337 22.80 -0.67 -14.20
N TRP B 338 22.64 -0.05 -15.37
CA TRP B 338 23.72 0.71 -15.98
C TRP B 338 23.57 2.21 -15.80
N HIS B 339 22.40 2.70 -15.40
CA HIS B 339 22.22 4.14 -15.32
C HIS B 339 21.65 4.66 -14.00
N LEU B 340 21.35 3.79 -13.02
CA LEU B 340 20.82 4.28 -11.76
C LEU B 340 21.88 5.06 -10.97
N ASN B 341 23.15 4.73 -11.16
CA ASN B 341 24.23 5.57 -10.65
C ASN B 341 24.07 7.00 -11.15
N GLU B 342 23.84 7.17 -12.46
CA GLU B 342 23.64 8.49 -13.03
C GLU B 342 22.37 9.14 -12.50
N SER B 343 21.32 8.34 -12.30
CA SER B 343 20.11 8.85 -11.67
C SER B 343 20.43 9.47 -10.31
N ILE B 344 21.16 8.73 -9.48
CA ILE B 344 21.56 9.24 -8.17
C ILE B 344 22.37 10.52 -8.33
N THR B 345 23.35 10.51 -9.23
CA THR B 345 24.24 11.67 -9.38
C THR B 345 23.45 12.90 -9.80
N ALA B 346 22.50 12.75 -10.72
CA ALA B 346 21.68 13.88 -11.13
C ALA B 346 20.66 14.29 -10.08
N GLY B 347 20.49 13.51 -9.02
CA GLY B 347 19.49 13.85 -8.01
C GLY B 347 18.06 13.59 -8.42
N ASP B 348 17.83 12.69 -9.37
CA ASP B 348 16.47 12.32 -9.76
C ASP B 348 15.81 11.36 -8.77
N LEU B 349 16.60 10.77 -7.87
CA LEU B 349 16.17 9.65 -7.06
C LEU B 349 16.89 9.71 -5.72
N SER B 350 16.47 8.85 -4.82
CA SER B 350 17.20 8.57 -3.60
C SER B 350 17.49 7.07 -3.55
N ARG B 351 18.47 6.70 -2.73
CA ARG B 351 18.71 5.28 -2.53
C ARG B 351 17.45 4.56 -2.07
N ASP B 352 16.67 5.20 -1.17
CA ASP B 352 15.47 4.55 -0.65
C ASP B 352 14.49 4.23 -1.77
N ASP B 353 14.33 5.16 -2.71
CA ASP B 353 13.49 4.92 -3.88
C ASP B 353 13.89 3.62 -4.60
N ILE B 354 15.20 3.39 -4.74
CA ILE B 354 15.65 2.17 -5.39
C ILE B 354 15.38 0.97 -4.51
N GLU B 355 15.63 1.10 -3.20
CA GLU B 355 15.49 -0.05 -2.31
C GLU B 355 14.06 -0.55 -2.27
N LYS B 356 13.07 0.32 -2.50
CA LYS B 356 11.68 -0.10 -2.41
C LYS B 356 11.39 -1.28 -3.35
N GLY B 357 11.76 -1.15 -4.63
CA GLY B 357 11.42 -2.19 -5.60
C GLY B 357 12.16 -3.50 -5.39
N VAL B 358 13.44 -3.41 -5.04
CA VAL B 358 14.19 -4.63 -4.79
C VAL B 358 13.63 -5.34 -3.58
N ILE B 359 13.22 -4.58 -2.55
CA ILE B 359 12.61 -5.20 -1.39
C ILE B 359 11.32 -5.90 -1.79
N ARG B 360 10.51 -5.27 -2.63
CA ARG B 360 9.27 -5.91 -3.07
C ARG B 360 9.55 -7.25 -3.75
N LEU B 361 10.47 -7.25 -4.71
CA LEU B 361 10.84 -8.50 -5.38
C LEU B 361 11.29 -9.55 -4.37
N TYR B 362 12.21 -9.19 -3.48
CA TYR B 362 12.72 -10.23 -2.59
C TYR B 362 11.71 -10.65 -1.55
N THR B 363 10.72 -9.81 -1.24
CA THR B 363 9.61 -10.27 -0.41
C THR B 363 8.86 -11.38 -1.10
N THR B 364 8.65 -11.22 -2.41
CA THR B 364 8.01 -12.31 -3.16
C THR B 364 8.87 -13.57 -3.11
N LEU B 365 10.18 -13.43 -3.25
CA LEU B 365 11.03 -14.61 -3.20
C LEU B 365 10.93 -15.30 -1.85
N VAL B 366 10.94 -14.52 -0.76
CA VAL B 366 10.78 -15.10 0.58
C VAL B 366 9.48 -15.87 0.67
N GLN B 367 8.38 -15.24 0.23
CA GLN B 367 7.10 -15.92 0.24
C GLN B 367 7.13 -17.22 -0.56
N ALA B 368 8.07 -17.34 -1.51
CA ALA B 368 8.20 -18.57 -2.29
C ALA B 368 9.17 -19.58 -1.68
N GLY B 369 9.79 -19.28 -0.54
CA GLY B 369 10.67 -20.22 0.13
C GLY B 369 12.14 -20.09 -0.19
N TYR B 370 12.53 -19.07 -0.95
CA TYR B 370 13.91 -18.95 -1.42
C TYR B 370 14.92 -19.07 -0.28
N PHE B 371 14.62 -18.47 0.87
CA PHE B 371 15.55 -18.43 2.01
C PHE B 371 15.17 -19.41 3.12
N ASP B 372 14.24 -20.32 2.87
CA ASP B 372 13.78 -21.26 3.87
C ASP B 372 14.39 -22.63 3.56
N SER B 373 14.90 -23.28 4.61
CA SER B 373 15.56 -24.58 4.46
C SER B 373 14.74 -25.56 3.61
N ASN B 379 9.82 -30.56 5.24
CA ASN B 379 10.17 -30.02 3.93
C ASN B 379 8.93 -29.66 3.12
N ASN B 380 9.08 -28.68 2.22
CA ASN B 380 7.97 -28.22 1.40
C ASN B 380 7.89 -29.04 0.13
N PRO B 381 6.79 -29.78 -0.12
CA PRO B 381 6.69 -30.61 -1.33
C PRO B 381 7.17 -29.91 -2.60
N TYR B 382 6.96 -28.60 -2.68
CA TYR B 382 7.39 -27.86 -3.87
C TYR B 382 8.87 -28.06 -4.14
N ARG B 383 9.68 -28.15 -3.10
CA ARG B 383 11.11 -28.35 -3.24
C ARG B 383 11.49 -29.82 -3.42
N ASP B 384 10.53 -30.73 -3.35
CA ASP B 384 10.78 -32.14 -3.60
C ASP B 384 10.40 -32.57 -5.01
N LEU B 385 9.77 -31.69 -5.79
CA LEU B 385 9.41 -32.01 -7.16
C LEU B 385 10.66 -32.22 -8.00
N THR B 386 10.55 -33.08 -9.02
CA THR B 386 11.73 -33.49 -9.78
C THR B 386 11.28 -33.91 -11.18
N TRP B 387 12.24 -34.44 -11.96
CA TRP B 387 11.97 -34.82 -13.34
C TRP B 387 10.82 -35.82 -13.44
N SER B 388 10.78 -36.78 -12.51
CA SER B 388 9.65 -37.70 -12.40
C SER B 388 8.34 -36.96 -12.59
N ASP B 389 8.18 -35.82 -11.91
CA ASP B 389 6.91 -35.11 -11.92
C ASP B 389 6.61 -34.52 -13.29
N VAL B 390 7.62 -33.98 -13.96
CA VAL B 390 7.42 -33.50 -15.33
C VAL B 390 6.92 -34.65 -16.20
N VAL B 391 7.58 -35.80 -16.12
CA VAL B 391 7.19 -36.92 -16.97
C VAL B 391 5.74 -37.32 -16.69
N GLU B 392 5.41 -37.47 -15.40
CA GLU B 392 4.07 -37.95 -15.03
C GLU B 392 2.98 -36.97 -15.45
N THR B 393 3.16 -35.68 -15.11
CA THR B 393 2.17 -34.67 -15.46
C THR B 393 2.01 -34.56 -16.97
N ASP B 394 3.12 -34.62 -17.71
CA ASP B 394 3.01 -34.60 -19.17
C ASP B 394 2.24 -35.81 -19.67
N ALA B 395 2.52 -36.98 -19.10
CA ALA B 395 1.82 -38.19 -19.52
C ALA B 395 0.34 -38.14 -19.23
N TRP B 396 -0.11 -37.27 -18.33
CA TRP B 396 -1.56 -37.06 -18.23
C TRP B 396 -2.15 -36.64 -19.56
N ASN B 397 -1.36 -36.00 -20.43
CA ASN B 397 -1.81 -35.54 -21.74
C ASN B 397 -2.94 -34.53 -21.62
N ILE B 398 -2.76 -33.55 -20.72
CA ILE B 398 -3.70 -32.44 -20.65
C ILE B 398 -3.58 -31.56 -21.90
N SER B 399 -2.40 -31.47 -22.51
CA SER B 399 -2.28 -30.66 -23.73
C SER B 399 -3.19 -31.20 -24.81
N TYR B 400 -3.15 -32.50 -25.03
CA TYR B 400 -4.05 -33.13 -26.01
C TYR B 400 -5.50 -32.82 -25.67
N GLN B 401 -5.87 -32.98 -24.39
CA GLN B 401 -7.26 -32.75 -23.99
C GLN B 401 -7.67 -31.32 -24.26
N ALA B 402 -6.80 -30.36 -23.92
CA ALA B 402 -7.08 -28.96 -24.17
C ALA B 402 -7.37 -28.72 -25.65
N ALA B 403 -6.49 -29.24 -26.52
CA ALA B 403 -6.70 -29.08 -27.96
C ALA B 403 -8.02 -29.69 -28.41
N THR B 404 -8.34 -30.89 -27.91
CA THR B 404 -9.60 -31.51 -28.29
C THR B 404 -10.80 -30.69 -27.81
N GLN B 405 -10.68 -30.03 -26.66
CA GLN B 405 -11.79 -29.25 -26.13
C GLN B 405 -11.93 -27.88 -26.79
N GLY B 406 -10.85 -27.33 -27.31
CA GLY B 406 -10.88 -25.99 -27.87
C GLY B 406 -11.17 -25.91 -29.36
N ILE B 407 -10.85 -26.96 -30.10
CA ILE B 407 -11.05 -26.91 -31.54
C ILE B 407 -12.50 -26.57 -31.84
N VAL B 408 -12.70 -25.59 -32.72
CA VAL B 408 -14.02 -25.05 -33.04
C VAL B 408 -14.46 -25.59 -34.39
N LEU B 409 -15.67 -26.13 -34.45
CA LEU B 409 -16.26 -26.61 -35.69
C LEU B 409 -17.12 -25.49 -36.26
N LEU B 410 -16.65 -24.90 -37.37
CA LEU B 410 -17.33 -23.76 -37.97
C LEU B 410 -18.42 -24.18 -38.94
N LYS B 411 -18.21 -25.26 -39.69
CA LYS B 411 -19.15 -25.64 -40.74
C LYS B 411 -19.14 -27.15 -40.88
N ASN B 412 -20.33 -27.77 -40.95
CA ASN B 412 -20.41 -29.20 -41.17
C ASN B 412 -21.68 -29.46 -41.99
N SER B 413 -21.51 -29.51 -43.31
CA SER B 413 -22.63 -29.64 -44.23
C SER B 413 -23.06 -31.10 -44.37
N ASN B 414 -24.36 -31.36 -44.21
CA ASN B 414 -24.92 -32.70 -44.39
C ASN B 414 -24.29 -33.70 -43.43
N ASN B 415 -23.79 -33.22 -42.29
CA ASN B 415 -23.19 -34.11 -41.29
C ASN B 415 -22.10 -34.99 -41.88
N VAL B 416 -21.35 -34.43 -42.84
CA VAL B 416 -20.26 -35.19 -43.44
C VAL B 416 -19.27 -35.64 -42.37
N LEU B 417 -18.99 -34.77 -41.41
CA LEU B 417 -18.22 -35.18 -40.25
C LEU B 417 -19.15 -35.59 -39.12
N PRO B 418 -18.67 -36.47 -38.24
CA PRO B 418 -17.33 -37.06 -38.21
C PRO B 418 -17.13 -38.07 -39.31
N LEU B 419 -15.88 -38.42 -39.60
CA LEU B 419 -15.53 -39.50 -40.51
C LEU B 419 -15.24 -40.74 -39.66
N THR B 420 -16.31 -41.44 -39.28
CA THR B 420 -16.20 -42.60 -38.41
C THR B 420 -15.28 -43.65 -39.02
N GLU B 421 -14.52 -44.34 -38.16
CA GLU B 421 -13.67 -45.42 -38.62
C GLU B 421 -14.48 -46.58 -39.18
N LYS B 422 -15.80 -46.57 -39.00
CA LYS B 422 -16.63 -47.55 -39.69
C LYS B 422 -16.89 -47.14 -41.13
N ALA B 423 -17.55 -46.00 -41.33
CA ALA B 423 -17.86 -45.52 -42.68
C ALA B 423 -16.60 -45.41 -43.52
N TYR B 424 -15.50 -44.92 -42.91
CA TYR B 424 -14.22 -44.71 -43.59
C TYR B 424 -13.15 -45.46 -42.82
N PRO B 425 -13.03 -46.76 -43.00
CA PRO B 425 -12.12 -47.57 -42.19
C PRO B 425 -10.67 -47.29 -42.56
N PRO B 426 -9.79 -47.15 -41.57
CA PRO B 426 -8.38 -46.86 -41.87
C PRO B 426 -7.75 -47.90 -42.79
N SER B 427 -8.16 -49.17 -42.68
CA SER B 427 -7.54 -50.22 -43.47
C SER B 427 -7.75 -50.03 -44.97
N ASN B 428 -8.92 -49.51 -45.36
CA ASN B 428 -9.29 -49.40 -46.77
C ASN B 428 -9.53 -47.95 -47.19
N THR B 429 -9.07 -47.00 -46.40
CA THR B 429 -9.30 -45.58 -46.65
C THR B 429 -7.99 -44.87 -46.91
N THR B 430 -7.95 -44.09 -48.00
CA THR B 430 -6.82 -43.23 -48.33
C THR B 430 -7.23 -41.77 -48.18
N VAL B 431 -6.47 -41.02 -47.38
CA VAL B 431 -6.74 -39.62 -47.07
C VAL B 431 -5.66 -38.76 -47.70
N ALA B 432 -6.08 -37.69 -48.37
CA ALA B 432 -5.18 -36.70 -48.92
C ALA B 432 -4.97 -35.59 -47.89
N LEU B 433 -3.72 -35.42 -47.45
CA LEU B 433 -3.31 -34.37 -46.52
C LEU B 433 -2.59 -33.29 -47.33
N ILE B 434 -3.27 -32.17 -47.55
CA ILE B 434 -2.77 -31.10 -48.40
C ILE B 434 -2.69 -29.81 -47.59
N GLY B 435 -1.60 -29.06 -47.77
CA GLY B 435 -1.53 -27.73 -47.24
C GLY B 435 -0.27 -27.42 -46.43
N PRO B 436 -0.04 -26.14 -46.19
CA PRO B 436 1.17 -25.73 -45.45
C PRO B 436 1.16 -26.11 -43.97
N TRP B 437 0.02 -26.58 -43.45
CA TRP B 437 -0.09 -27.03 -42.06
C TRP B 437 -0.18 -28.55 -41.92
N ALA B 438 -0.24 -29.31 -43.01
CA ALA B 438 -0.45 -30.75 -42.92
C ALA B 438 0.72 -31.45 -42.25
N ASN B 439 1.95 -31.02 -42.55
CA ASN B 439 3.17 -31.59 -41.98
C ASN B 439 3.71 -30.76 -40.83
N ALA B 440 2.84 -30.07 -40.09
CA ALA B 440 3.29 -29.10 -39.10
C ALA B 440 3.89 -29.79 -37.89
N THR B 441 5.10 -29.39 -37.51
CA THR B 441 5.63 -29.78 -36.21
C THR B 441 5.86 -28.57 -35.30
N THR B 442 6.68 -27.60 -35.71
CA THR B 442 6.89 -26.43 -34.87
C THR B 442 5.74 -25.45 -34.99
N GLN B 443 5.03 -25.44 -36.12
CA GLN B 443 3.88 -24.56 -36.26
C GLN B 443 2.83 -24.86 -35.21
N LEU B 444 2.79 -26.09 -34.72
CA LEU B 444 1.79 -26.45 -33.71
C LEU B 444 1.99 -25.67 -32.42
N LEU B 445 3.25 -25.35 -32.09
CA LEU B 445 3.59 -24.80 -30.79
C LEU B 445 3.38 -23.30 -30.69
N GLY B 446 3.00 -22.63 -31.77
CA GLY B 446 2.74 -21.21 -31.67
C GLY B 446 4.00 -20.38 -31.53
N ASN B 447 3.83 -19.17 -30.98
CA ASN B 447 4.87 -18.15 -31.07
C ASN B 447 6.16 -18.57 -30.35
N TYR B 448 6.07 -18.77 -29.03
CA TYR B 448 7.24 -19.08 -28.23
C TYR B 448 7.01 -20.38 -27.47
N TYR B 449 7.94 -21.31 -27.61
CA TYR B 449 7.82 -22.64 -27.04
C TYR B 449 9.20 -23.12 -26.59
N GLY B 450 9.19 -24.06 -25.65
CA GLY B 450 10.40 -24.73 -25.22
C GLY B 450 10.59 -26.07 -25.93
N ASN B 451 11.65 -26.78 -25.54
CA ASN B 451 11.85 -28.15 -26.01
C ASN B 451 10.64 -29.01 -25.65
N ALA B 452 9.90 -29.42 -26.65
CA ALA B 452 8.77 -30.30 -26.37
C ALA B 452 9.18 -31.76 -26.45
N PRO B 453 8.45 -32.66 -25.77
CA PRO B 453 8.74 -34.09 -25.92
C PRO B 453 8.51 -34.62 -27.33
N TYR B 454 7.65 -33.97 -28.11
CA TYR B 454 7.25 -34.47 -29.42
C TYR B 454 6.29 -33.46 -30.04
N MET B 455 6.12 -33.56 -31.35
CA MET B 455 5.22 -32.67 -32.09
C MET B 455 4.55 -33.52 -33.16
N ILE B 456 3.27 -33.82 -32.98
CA ILE B 456 2.57 -34.75 -33.86
C ILE B 456 1.98 -33.97 -35.03
N SER B 457 2.59 -34.10 -36.20
CA SER B 457 2.02 -33.49 -37.38
C SER B 457 0.70 -34.19 -37.72
N PRO B 458 -0.26 -33.48 -38.30
CA PRO B 458 -1.51 -34.15 -38.69
C PRO B 458 -1.27 -35.32 -39.61
N ARG B 459 -0.33 -35.16 -40.55
CA ARG B 459 0.03 -36.25 -41.45
C ARG B 459 0.51 -37.46 -40.66
N ALA B 460 1.44 -37.26 -39.73
CA ALA B 460 1.93 -38.36 -38.92
C ALA B 460 0.81 -39.02 -38.12
N ALA B 461 -0.18 -38.23 -37.68
CA ALA B 461 -1.28 -38.79 -36.90
C ALA B 461 -2.14 -39.71 -37.75
N PHE B 462 -2.55 -39.26 -38.94
CA PHE B 462 -3.31 -40.13 -39.81
C PHE B 462 -2.50 -41.36 -40.21
N GLU B 463 -1.19 -41.22 -40.38
CA GLU B 463 -0.35 -42.38 -40.65
C GLU B 463 -0.39 -43.37 -39.50
N GLU B 464 -0.29 -42.87 -38.26
CA GLU B 464 -0.30 -43.75 -37.10
C GLU B 464 -1.59 -44.56 -37.01
N ALA B 465 -2.71 -44.01 -37.48
CA ALA B 465 -4.00 -44.66 -37.37
C ALA B 465 -4.19 -45.80 -38.37
N GLY B 466 -3.22 -46.05 -39.24
CA GLY B 466 -3.37 -47.06 -40.27
C GLY B 466 -4.02 -46.58 -41.55
N TYR B 467 -4.26 -45.29 -41.70
CA TYR B 467 -4.72 -44.75 -42.97
C TYR B 467 -3.56 -44.70 -43.97
N ASN B 468 -3.89 -44.92 -45.24
CA ASN B 468 -2.95 -44.65 -46.32
C ASN B 468 -3.06 -43.16 -46.66
N VAL B 469 -1.97 -42.42 -46.46
CA VAL B 469 -1.98 -40.97 -46.56
C VAL B 469 -1.20 -40.54 -47.79
N ASN B 470 -1.82 -39.71 -48.61
CA ASN B 470 -1.15 -39.01 -49.71
C ASN B 470 -0.92 -37.58 -49.27
N PHE B 471 0.33 -37.24 -48.97
CA PHE B 471 0.66 -35.91 -48.46
C PHE B 471 1.21 -35.04 -49.58
N ALA B 472 0.74 -33.79 -49.63
CA ALA B 472 1.24 -32.83 -50.61
C ALA B 472 1.05 -31.43 -50.06
N GLU B 473 2.14 -30.68 -49.91
CA GLU B 473 2.05 -29.33 -49.37
C GLU B 473 1.10 -28.48 -50.21
N GLY B 474 1.15 -28.64 -51.54
CA GLY B 474 0.26 -27.92 -52.42
C GLY B 474 0.71 -26.49 -52.60
N THR B 475 0.98 -25.80 -51.51
CA THR B 475 1.43 -24.41 -51.56
C THR B 475 1.91 -24.03 -50.15
N GLY B 476 2.53 -22.86 -50.06
CA GLY B 476 3.00 -22.33 -48.80
C GLY B 476 1.96 -21.47 -48.11
N ILE B 477 2.36 -20.90 -46.98
CA ILE B 477 1.47 -19.99 -46.26
C ILE B 477 1.15 -18.78 -47.12
N SER B 478 2.19 -18.09 -47.62
CA SER B 478 2.03 -16.90 -48.46
C SER B 478 2.87 -17.12 -49.72
N SER B 479 2.30 -17.83 -50.69
CA SER B 479 3.01 -18.14 -51.92
C SER B 479 2.17 -17.72 -53.11
N THR B 480 2.86 -17.51 -54.22
CA THR B 480 2.20 -17.24 -55.47
C THR B 480 2.46 -18.31 -56.52
N SER B 481 3.25 -19.34 -56.19
CA SER B 481 3.56 -20.43 -57.11
C SER B 481 2.39 -21.40 -57.23
N THR B 482 2.51 -22.32 -58.19
CA THR B 482 1.45 -23.30 -58.46
C THR B 482 1.96 -24.73 -58.65
N SER B 483 3.27 -25.00 -58.54
CA SER B 483 3.78 -26.35 -58.77
C SER B 483 3.15 -27.39 -57.84
N GLY B 484 3.10 -27.06 -56.54
CA GLY B 484 2.45 -27.95 -55.61
C GLY B 484 1.00 -28.22 -55.98
N PHE B 485 0.32 -27.21 -56.53
CA PHE B 485 -1.06 -27.40 -56.97
C PHE B 485 -1.19 -28.66 -57.82
N ALA B 486 -0.41 -28.69 -58.91
CA ALA B 486 -0.33 -29.87 -59.75
C ALA B 486 -0.12 -31.12 -58.92
N ALA B 487 0.95 -31.14 -58.11
CA ALA B 487 1.24 -32.38 -57.39
C ALA B 487 0.09 -32.82 -56.48
N ALA B 488 -0.69 -31.86 -55.96
CA ALA B 488 -1.60 -32.14 -54.85
C ALA B 488 -2.99 -32.56 -55.34
N LEU B 489 -3.46 -31.97 -56.43
CA LEU B 489 -4.77 -32.37 -56.94
C LEU B 489 -4.79 -33.86 -57.29
N SER B 490 -3.63 -34.40 -57.66
CA SER B 490 -3.53 -35.83 -57.93
C SER B 490 -3.73 -36.64 -56.65
N ALA B 491 -3.01 -36.28 -55.57
CA ALA B 491 -3.24 -36.95 -54.29
C ALA B 491 -4.70 -36.87 -53.88
N ALA B 492 -5.40 -35.80 -54.28
CA ALA B 492 -6.83 -35.72 -54.02
C ALA B 492 -7.61 -36.76 -54.84
N GLN B 493 -7.38 -36.80 -56.16
CA GLN B 493 -8.17 -37.69 -57.02
C GLN B 493 -7.97 -39.15 -56.61
N SER B 494 -6.76 -39.53 -56.23
CA SER B 494 -6.47 -40.89 -55.81
C SER B 494 -6.84 -41.17 -54.34
N ALA B 495 -7.69 -40.34 -53.71
CA ALA B 495 -7.98 -40.48 -52.29
C ALA B 495 -9.48 -40.45 -52.03
N ASP B 496 -9.88 -41.18 -50.99
CA ASP B 496 -11.30 -41.22 -50.60
C ASP B 496 -11.75 -39.92 -49.93
N VAL B 497 -10.88 -39.32 -49.12
CA VAL B 497 -11.21 -38.11 -48.37
C VAL B 497 -10.05 -37.13 -48.49
N ILE B 498 -10.38 -35.84 -48.64
CA ILE B 498 -9.39 -34.78 -48.78
C ILE B 498 -9.46 -33.90 -47.54
N ILE B 499 -8.30 -33.69 -46.92
CA ILE B 499 -8.17 -32.79 -45.78
C ILE B 499 -7.08 -31.78 -46.11
N TYR B 500 -7.47 -30.51 -46.26
CA TYR B 500 -6.54 -29.42 -46.48
C TYR B 500 -6.30 -28.69 -45.15
N ALA B 501 -5.04 -28.64 -44.72
CA ALA B 501 -4.65 -27.97 -43.49
C ALA B 501 -3.77 -26.77 -43.83
N GLY B 502 -4.30 -25.57 -43.67
CA GLY B 502 -3.54 -24.36 -43.89
C GLY B 502 -4.07 -23.20 -43.07
N GLY B 503 -3.85 -21.98 -43.54
CA GLY B 503 -4.25 -20.80 -42.80
C GLY B 503 -3.10 -19.84 -42.61
N ILE B 504 -2.83 -19.46 -41.36
CA ILE B 504 -1.71 -18.59 -41.03
C ILE B 504 -0.86 -19.27 -39.98
N ASP B 505 0.33 -18.70 -39.75
CA ASP B 505 1.26 -19.26 -38.78
C ASP B 505 2.18 -18.14 -38.34
N ASN B 506 3.27 -18.50 -37.67
CA ASN B 506 4.13 -17.47 -37.08
C ASN B 506 4.96 -16.70 -38.10
N THR B 507 4.99 -17.13 -39.36
CA THR B 507 5.59 -16.26 -40.38
C THR B 507 4.67 -15.09 -40.74
N LEU B 508 3.41 -15.10 -40.30
CA LEU B 508 2.50 -13.99 -40.53
C LEU B 508 2.06 -13.24 -39.28
N GLU B 509 1.91 -13.91 -38.13
CA GLU B 509 1.48 -13.29 -36.88
C GLU B 509 2.43 -13.74 -35.77
N ALA B 510 3.14 -12.78 -35.17
CA ALA B 510 4.10 -13.10 -34.13
C ALA B 510 4.47 -11.81 -33.41
N GLU B 511 5.27 -11.94 -32.37
CA GLU B 511 5.77 -10.76 -31.67
C GLU B 511 6.59 -9.92 -32.64
N ALA B 512 6.34 -8.61 -32.65
CA ALA B 512 6.94 -7.66 -33.57
C ALA B 512 6.46 -7.84 -35.00
N LEU B 513 5.40 -8.63 -35.23
CA LEU B 513 4.93 -8.93 -36.58
C LEU B 513 3.41 -8.93 -36.58
N ASP B 514 2.82 -7.83 -37.04
CA ASP B 514 1.39 -7.73 -37.24
C ASP B 514 1.01 -8.13 -38.66
N ARG B 515 -0.23 -8.59 -38.81
CA ARG B 515 -0.80 -8.84 -40.13
C ARG B 515 -1.33 -7.54 -40.70
N GLU B 516 -1.16 -7.36 -42.01
CA GLU B 516 -1.76 -6.25 -42.71
C GLU B 516 -3.09 -6.61 -43.36
N SER B 517 -3.30 -7.88 -43.66
CA SER B 517 -4.57 -8.37 -44.16
C SER B 517 -5.08 -9.48 -43.26
N ILE B 518 -6.40 -9.55 -43.11
CA ILE B 518 -7.02 -10.67 -42.42
C ILE B 518 -7.74 -11.58 -43.41
N ALA B 519 -7.44 -11.46 -44.69
CA ALA B 519 -7.89 -12.44 -45.66
C ALA B 519 -6.94 -13.64 -45.64
N TRP B 520 -7.36 -14.74 -46.24
CA TRP B 520 -6.47 -15.88 -46.36
C TRP B 520 -5.19 -15.45 -47.06
N PRO B 521 -4.03 -15.97 -46.67
CA PRO B 521 -2.77 -15.56 -47.28
C PRO B 521 -2.50 -16.33 -48.58
N GLY B 522 -1.62 -15.74 -49.39
CA GLY B 522 -1.07 -16.45 -50.55
C GLY B 522 -2.14 -16.87 -51.53
N ASN B 523 -2.05 -18.13 -51.97
CA ASN B 523 -2.97 -18.71 -52.94
C ASN B 523 -3.63 -19.97 -52.38
N GLN B 524 -3.73 -20.04 -51.06
CA GLN B 524 -4.31 -21.22 -50.43
C GLN B 524 -5.78 -21.39 -50.81
N LEU B 525 -6.54 -20.30 -50.81
CA LEU B 525 -7.95 -20.38 -51.18
C LEU B 525 -8.10 -20.87 -52.61
N ASP B 526 -7.28 -20.38 -53.52
CA ASP B 526 -7.31 -20.83 -54.91
C ASP B 526 -7.16 -22.34 -55.02
N LEU B 527 -6.14 -22.88 -54.36
CA LEU B 527 -5.95 -24.33 -54.37
C LEU B 527 -7.14 -25.04 -53.79
N ILE B 528 -7.74 -24.49 -52.72
CA ILE B 528 -8.91 -25.13 -52.13
C ILE B 528 -10.06 -25.17 -53.11
N GLN B 529 -10.25 -24.08 -53.88
CA GLN B 529 -11.33 -24.05 -54.86
C GLN B 529 -11.11 -25.12 -55.93
N LYS B 530 -9.88 -25.25 -56.41
CA LYS B 530 -9.59 -26.30 -57.40
C LYS B 530 -9.88 -27.68 -56.81
N LEU B 531 -9.44 -27.91 -55.57
CA LEU B 531 -9.62 -29.21 -54.93
C LEU B 531 -11.10 -29.54 -54.78
N ALA B 532 -11.90 -28.55 -54.39
CA ALA B 532 -13.33 -28.78 -54.25
C ALA B 532 -13.98 -29.01 -55.61
N SER B 533 -13.52 -28.28 -56.64
CA SER B 533 -14.09 -28.45 -57.98
C SER B 533 -13.91 -29.87 -58.48
N SER B 534 -12.71 -30.44 -58.30
CA SER B 534 -12.49 -31.80 -58.76
C SER B 534 -12.91 -32.86 -57.74
N ALA B 535 -13.20 -32.47 -56.50
CA ALA B 535 -13.53 -33.44 -55.47
C ALA B 535 -14.85 -34.15 -55.77
N GLY B 536 -15.84 -33.40 -56.26
CA GLY B 536 -17.15 -33.99 -56.50
C GLY B 536 -17.82 -34.42 -55.23
N ASN B 537 -18.06 -35.71 -55.07
CA ASN B 537 -18.71 -36.25 -53.87
C ASN B 537 -17.74 -36.61 -52.76
N LYS B 538 -16.43 -36.48 -53.00
CA LYS B 538 -15.47 -36.79 -51.94
C LYS B 538 -15.57 -35.76 -50.83
N PRO B 539 -15.48 -36.17 -49.57
CA PRO B 539 -15.49 -35.20 -48.46
C PRO B 539 -14.27 -34.29 -48.53
N LEU B 540 -14.52 -32.98 -48.45
CA LEU B 540 -13.45 -31.99 -48.37
C LEU B 540 -13.55 -31.29 -47.02
N ILE B 541 -12.49 -31.42 -46.22
CA ILE B 541 -12.42 -30.86 -44.87
C ILE B 541 -11.25 -29.89 -44.83
N VAL B 542 -11.54 -28.65 -44.43
CA VAL B 542 -10.55 -27.59 -44.36
C VAL B 542 -10.22 -27.31 -42.89
N LEU B 543 -8.93 -27.27 -42.59
CA LEU B 543 -8.44 -26.93 -41.25
C LEU B 543 -7.88 -25.50 -41.31
N GLN B 544 -8.59 -24.58 -40.66
CA GLN B 544 -8.15 -23.18 -40.57
C GLN B 544 -7.32 -23.04 -39.29
N MET B 545 -6.00 -23.07 -39.44
CA MET B 545 -5.08 -22.96 -38.32
C MET B 545 -4.60 -21.52 -38.14
N GLY B 546 -3.96 -21.27 -37.01
CA GLY B 546 -3.44 -19.95 -36.69
C GLY B 546 -4.28 -19.25 -35.62
N GLY B 547 -3.62 -18.36 -34.87
CA GLY B 547 -4.26 -17.64 -33.78
C GLY B 547 -5.40 -16.73 -34.19
N GLY B 548 -5.09 -15.71 -34.98
CA GLY B 548 -6.12 -14.84 -35.51
C GLY B 548 -6.99 -15.57 -36.53
N GLN B 549 -8.10 -14.93 -36.87
CA GLN B 549 -9.03 -15.51 -37.82
C GLN B 549 -8.74 -15.00 -39.23
N VAL B 550 -9.12 -15.81 -40.22
CA VAL B 550 -9.04 -15.44 -41.63
C VAL B 550 -10.43 -15.53 -42.24
N ASP B 551 -10.74 -14.59 -43.12
CA ASP B 551 -12.07 -14.49 -43.72
C ASP B 551 -12.33 -15.72 -44.59
N SER B 552 -13.19 -16.60 -44.11
CA SER B 552 -13.52 -17.85 -44.79
C SER B 552 -14.94 -17.85 -45.35
N SER B 553 -15.44 -16.68 -45.75
CA SER B 553 -16.78 -16.62 -46.35
C SER B 553 -16.86 -17.42 -47.65
N SER B 554 -15.78 -17.47 -48.44
CA SER B 554 -15.81 -18.31 -49.64
C SER B 554 -16.00 -19.77 -49.27
N LEU B 555 -15.22 -20.26 -48.29
CA LEU B 555 -15.38 -21.64 -47.84
C LEU B 555 -16.77 -21.88 -47.26
N LYS B 556 -17.37 -20.85 -46.65
CA LYS B 556 -18.70 -21.00 -46.09
C LYS B 556 -19.75 -21.13 -47.19
N ASN B 557 -19.57 -20.41 -48.30
CA ASN B 557 -20.55 -20.38 -49.37
C ASN B 557 -20.32 -21.44 -50.44
N ASN B 558 -19.30 -22.28 -50.29
CA ASN B 558 -18.91 -23.25 -51.32
C ASN B 558 -19.41 -24.65 -50.95
N THR B 559 -20.39 -25.15 -51.70
CA THR B 559 -21.02 -26.42 -51.34
C THR B 559 -20.03 -27.57 -51.32
N ASN B 560 -19.01 -27.53 -52.19
CA ASN B 560 -18.07 -28.64 -52.24
C ASN B 560 -17.10 -28.64 -51.07
N VAL B 561 -17.06 -27.58 -50.28
CA VAL B 561 -16.25 -27.54 -49.06
C VAL B 561 -17.12 -28.10 -47.95
N SER B 562 -16.89 -29.36 -47.59
CA SER B 562 -17.81 -30.06 -46.71
C SER B 562 -17.81 -29.47 -45.30
N ALA B 563 -16.63 -29.36 -44.68
CA ALA B 563 -16.53 -28.95 -43.30
C ALA B 563 -15.35 -28.00 -43.10
N LEU B 564 -15.52 -27.08 -42.15
CA LEU B 564 -14.50 -26.10 -41.80
C LEU B 564 -14.35 -26.04 -40.30
N LEU B 565 -13.10 -26.19 -39.83
CA LEU B 565 -12.75 -26.19 -38.42
C LEU B 565 -11.60 -25.24 -38.17
N TRP B 566 -11.61 -24.62 -36.99
CA TRP B 566 -10.52 -23.75 -36.56
C TRP B 566 -9.67 -24.49 -35.52
N GLY B 567 -8.35 -24.44 -35.70
CA GLY B 567 -7.45 -25.22 -34.87
C GLY B 567 -6.46 -24.42 -34.05
N GLY B 568 -6.43 -23.10 -34.25
CA GLY B 568 -5.51 -22.26 -33.48
C GLY B 568 -4.12 -22.82 -33.56
N TYR B 569 -3.49 -22.97 -32.39
CA TYR B 569 -2.19 -23.64 -32.26
C TYR B 569 -2.38 -24.77 -31.25
N PRO B 570 -2.51 -26.02 -31.70
CA PRO B 570 -3.02 -27.08 -30.81
C PRO B 570 -1.96 -27.77 -29.96
N GLY B 571 -0.69 -27.42 -30.08
CA GLY B 571 0.30 -27.94 -29.16
C GLY B 571 0.90 -29.28 -29.54
N GLN B 572 1.67 -29.82 -28.61
CA GLN B 572 2.53 -30.97 -28.90
C GLN B 572 1.75 -32.13 -29.49
N SER B 573 0.53 -32.38 -29.01
CA SER B 573 -0.31 -33.44 -29.53
C SER B 573 -1.37 -32.91 -30.49
N GLY B 574 -1.06 -31.84 -31.22
CA GLY B 574 -2.07 -31.21 -32.06
C GLY B 574 -2.59 -32.14 -33.15
N GLY B 575 -1.71 -32.90 -33.78
CA GLY B 575 -2.13 -33.75 -34.89
C GLY B 575 -3.11 -34.82 -34.46
N PHE B 576 -2.81 -35.50 -33.35
CA PHE B 576 -3.74 -36.48 -32.80
C PHE B 576 -5.08 -35.83 -32.46
N ALA B 577 -5.05 -34.62 -31.91
CA ALA B 577 -6.31 -33.97 -31.54
C ALA B 577 -7.15 -33.66 -32.77
N LEU B 578 -6.54 -33.06 -33.80
CA LEU B 578 -7.28 -32.74 -35.01
C LEU B 578 -7.83 -33.99 -35.67
N ARG B 579 -7.00 -35.02 -35.81
CA ARG B 579 -7.49 -36.28 -36.38
C ARG B 579 -8.67 -36.81 -35.57
N ASP B 580 -8.49 -36.93 -34.25
CA ASP B 580 -9.52 -37.54 -33.40
C ASP B 580 -10.83 -36.77 -33.48
N ILE B 581 -10.77 -35.44 -33.55
CA ILE B 581 -12.00 -34.68 -33.74
C ILE B 581 -12.62 -35.01 -35.09
N ILE B 582 -11.79 -35.15 -36.13
CA ILE B 582 -12.34 -35.43 -37.46
C ILE B 582 -13.03 -36.79 -37.48
N THR B 583 -12.37 -37.82 -36.94
CA THR B 583 -12.90 -39.17 -36.98
C THR B 583 -14.11 -39.33 -36.06
N GLY B 584 -13.99 -38.90 -34.81
CA GLY B 584 -15.09 -39.06 -33.87
C GLY B 584 -14.61 -39.58 -32.53
N ARG B 585 -13.31 -39.88 -32.43
CA ARG B 585 -12.75 -40.27 -31.14
C ARG B 585 -13.04 -39.23 -30.08
N LYS B 586 -13.09 -37.96 -30.47
CA LYS B 586 -13.59 -36.88 -29.64
C LYS B 586 -14.57 -36.04 -30.44
N ASN B 587 -15.62 -35.57 -29.78
CA ASN B 587 -16.59 -34.74 -30.47
C ASN B 587 -16.39 -33.28 -30.11
N PRO B 588 -16.52 -32.36 -31.07
CA PRO B 588 -16.13 -30.97 -30.80
C PRO B 588 -17.23 -30.23 -30.06
N ALA B 589 -16.85 -29.53 -28.97
CA ALA B 589 -17.70 -28.50 -28.38
C ALA B 589 -16.83 -27.27 -28.09
N GLY B 590 -16.62 -26.44 -29.10
CA GLY B 590 -15.76 -25.28 -28.96
C GLY B 590 -16.35 -24.12 -29.71
N ARG B 591 -16.10 -22.92 -29.18
CA ARG B 591 -16.67 -21.71 -29.77
C ARG B 591 -15.58 -20.66 -29.90
N LEU B 592 -15.76 -19.77 -30.86
CA LEU B 592 -14.77 -18.73 -31.14
C LEU B 592 -14.74 -17.70 -30.02
N VAL B 593 -13.54 -17.40 -29.54
CA VAL B 593 -13.33 -16.33 -28.57
C VAL B 593 -12.83 -15.05 -29.24
N THR B 594 -12.71 -15.05 -30.57
CA THR B 594 -12.57 -13.83 -31.35
C THR B 594 -13.54 -13.88 -32.51
N THR B 595 -13.96 -12.71 -32.98
CA THR B 595 -14.86 -12.62 -34.12
C THR B 595 -14.07 -12.80 -35.41
N GLN B 596 -14.55 -13.66 -36.31
CA GLN B 596 -13.97 -13.77 -37.64
C GLN B 596 -14.58 -12.68 -38.50
N TYR B 597 -13.84 -11.54 -38.63
CA TYR B 597 -14.33 -10.38 -39.38
C TYR B 597 -14.19 -10.60 -40.88
N PRO B 598 -15.02 -9.94 -41.68
CA PRO B 598 -14.72 -9.83 -43.12
C PRO B 598 -13.40 -9.11 -43.32
N ALA B 599 -12.67 -9.51 -44.38
CA ALA B 599 -11.35 -8.93 -44.61
C ALA B 599 -11.40 -7.41 -44.72
N SER B 600 -12.49 -6.85 -45.25
CA SER B 600 -12.61 -5.40 -45.37
C SER B 600 -12.48 -4.71 -44.03
N TYR B 601 -12.86 -5.38 -42.94
CA TYR B 601 -12.70 -4.77 -41.61
C TYR B 601 -11.29 -4.24 -41.43
N ALA B 602 -10.28 -5.02 -41.81
CA ALA B 602 -8.88 -4.62 -41.57
C ALA B 602 -8.46 -3.39 -42.36
N GLU B 603 -9.22 -3.03 -43.40
CA GLU B 603 -8.93 -1.82 -44.16
C GLU B 603 -9.91 -0.69 -43.87
N GLU B 604 -10.93 -0.95 -43.05
CA GLU B 604 -12.02 0.02 -42.94
C GLU B 604 -11.64 1.21 -42.05
N PHE B 605 -10.72 1.01 -41.11
CA PHE B 605 -10.39 2.02 -40.11
C PHE B 605 -9.01 1.69 -39.54
N PRO B 606 -8.34 2.67 -38.92
CA PRO B 606 -6.99 2.40 -38.38
C PRO B 606 -7.03 1.38 -37.25
N ALA B 607 -6.18 0.36 -37.36
CA ALA B 607 -6.06 -0.62 -36.28
C ALA B 607 -5.58 0.03 -34.99
N THR B 608 -4.82 1.13 -35.09
CA THR B 608 -4.37 1.85 -33.91
C THR B 608 -5.48 2.63 -33.23
N ASP B 609 -6.66 2.69 -33.84
CA ASP B 609 -7.81 3.29 -33.18
C ASP B 609 -8.21 2.41 -32.00
N MET B 610 -8.29 3.01 -30.81
CA MET B 610 -8.55 2.27 -29.59
C MET B 610 -9.99 2.37 -29.10
N ASN B 611 -10.83 3.17 -29.77
CA ASN B 611 -12.21 3.34 -29.34
C ASN B 611 -13.03 2.09 -29.65
N LEU B 612 -13.69 1.53 -28.63
CA LEU B 612 -14.54 0.38 -28.90
C LEU B 612 -15.84 0.78 -29.59
N ARG B 613 -16.44 1.90 -29.17
CA ARG B 613 -17.76 2.26 -29.68
C ARG B 613 -17.63 2.81 -31.11
N PRO B 614 -18.65 2.60 -31.93
CA PRO B 614 -18.61 3.12 -33.31
C PRO B 614 -18.39 4.62 -33.32
N GLU B 615 -17.51 5.06 -34.22
CA GLU B 615 -17.18 6.46 -34.41
C GLU B 615 -16.32 6.58 -35.65
N GLY B 616 -16.60 7.56 -36.49
CA GLY B 616 -15.83 7.75 -37.71
C GLY B 616 -15.96 6.55 -38.64
N ASP B 617 -14.84 6.17 -39.26
CA ASP B 617 -14.83 4.99 -40.12
C ASP B 617 -14.95 3.70 -39.31
N ASN B 618 -14.79 3.79 -38.00
CA ASN B 618 -14.82 2.62 -37.14
C ASN B 618 -16.25 2.14 -36.96
N PRO B 619 -16.57 0.90 -37.30
CA PRO B 619 -17.95 0.39 -37.16
C PRO B 619 -18.26 -0.23 -35.81
N GLY B 620 -17.35 -0.14 -34.83
CA GLY B 620 -17.52 -0.84 -33.58
C GLY B 620 -16.66 -2.08 -33.54
N GLN B 621 -15.87 -2.24 -32.48
CA GLN B 621 -14.88 -3.31 -32.40
C GLN B 621 -15.34 -4.41 -31.45
N THR B 622 -14.95 -5.65 -31.77
CA THR B 622 -15.35 -6.83 -31.00
C THR B 622 -16.83 -7.09 -31.14
N TYR B 623 -17.26 -8.31 -30.78
CA TYR B 623 -18.65 -8.69 -30.94
C TYR B 623 -19.57 -7.66 -30.28
N LYS B 624 -19.12 -7.10 -29.15
CA LYS B 624 -20.00 -6.30 -28.31
C LYS B 624 -20.44 -5.01 -28.98
N TRP B 625 -19.62 -4.47 -29.88
CA TRP B 625 -19.93 -3.18 -30.50
C TRP B 625 -19.97 -3.21 -32.02
N TYR B 626 -19.49 -4.27 -32.67
CA TYR B 626 -19.39 -4.28 -34.13
C TYR B 626 -20.77 -4.30 -34.75
N THR B 627 -21.07 -3.26 -35.54
CA THR B 627 -22.36 -3.15 -36.21
C THR B 627 -22.41 -3.89 -37.54
N GLY B 628 -21.30 -4.46 -37.99
CA GLY B 628 -21.23 -5.11 -39.28
C GLY B 628 -21.68 -6.55 -39.24
N GLU B 629 -21.44 -7.25 -40.35
CA GLU B 629 -21.80 -8.66 -40.49
C GLU B 629 -20.53 -9.49 -40.44
N ALA B 630 -20.39 -10.26 -39.36
CA ALA B 630 -19.27 -11.16 -39.24
C ALA B 630 -19.47 -12.37 -40.14
N VAL B 631 -18.36 -12.90 -40.65
CA VAL B 631 -18.42 -14.19 -41.33
C VAL B 631 -18.85 -15.27 -40.34
N TYR B 632 -18.05 -15.44 -39.30
CA TYR B 632 -18.39 -16.29 -38.16
C TYR B 632 -18.33 -15.43 -36.91
N GLU B 633 -19.39 -15.49 -36.12
CA GLU B 633 -19.51 -14.63 -34.94
C GLU B 633 -18.75 -15.19 -33.76
N PHE B 634 -18.32 -14.29 -32.88
CA PHE B 634 -17.81 -14.68 -31.58
C PHE B 634 -18.83 -15.56 -30.87
N GLY B 635 -18.37 -16.74 -30.43
CA GLY B 635 -19.23 -17.71 -29.77
C GLY B 635 -19.86 -18.73 -30.69
N HIS B 636 -19.53 -18.72 -31.98
CA HIS B 636 -20.03 -19.72 -32.92
C HIS B 636 -19.34 -21.07 -32.68
N GLY B 637 -20.08 -22.14 -32.94
CA GLY B 637 -19.57 -23.49 -32.76
C GLY B 637 -20.65 -24.54 -32.91
N LEU B 638 -20.32 -25.61 -33.61
CA LEU B 638 -21.24 -26.69 -33.91
C LEU B 638 -20.79 -27.98 -33.22
N PHE B 639 -21.70 -28.93 -33.11
CA PHE B 639 -21.41 -30.19 -32.44
C PHE B 639 -21.75 -31.37 -33.35
N TYR B 640 -21.20 -32.54 -33.02
CA TYR B 640 -21.54 -33.76 -33.73
C TYR B 640 -22.90 -34.33 -33.31
N THR B 641 -23.69 -33.59 -32.54
CA THR B 641 -25.02 -34.02 -32.16
C THR B 641 -25.90 -32.79 -32.05
N THR B 642 -27.20 -33.00 -31.94
CA THR B 642 -28.15 -31.90 -31.84
C THR B 642 -28.59 -31.75 -30.39
N PHE B 643 -28.63 -30.50 -29.91
CA PHE B 643 -29.02 -30.17 -28.55
C PHE B 643 -30.27 -29.31 -28.58
N ALA B 644 -31.29 -29.73 -27.81
CA ALA B 644 -32.52 -28.99 -27.65
C ALA B 644 -32.44 -28.16 -26.38
N GLU B 645 -32.59 -26.84 -26.53
CA GLU B 645 -32.49 -25.89 -25.43
C GLU B 645 -33.90 -25.40 -25.10
N SER B 646 -34.32 -25.58 -23.85
CA SER B 646 -35.67 -25.21 -23.45
C SER B 646 -35.61 -24.49 -22.11
N SER B 647 -36.68 -23.76 -21.81
CA SER B 647 -36.79 -23.10 -20.52
C SER B 647 -36.97 -24.12 -19.41
N SER B 648 -36.50 -23.78 -18.21
CA SER B 648 -36.69 -24.66 -17.07
C SER B 648 -38.07 -24.52 -16.44
N ASN B 649 -38.80 -23.46 -16.77
CA ASN B 649 -40.10 -23.18 -16.15
C ASN B 649 -40.02 -23.17 -14.62
N ARG B 653 -40.22 -16.43 -17.28
CA ARG B 653 -40.88 -15.23 -16.76
C ARG B 653 -39.92 -14.04 -16.72
N GLU B 654 -40.23 -13.09 -15.85
CA GLU B 654 -39.46 -11.86 -15.71
C GLU B 654 -38.94 -11.74 -14.30
N ILE B 655 -37.66 -11.43 -14.17
CA ILE B 655 -37.00 -11.26 -12.88
C ILE B 655 -36.97 -9.76 -12.58
N LYS B 656 -37.54 -9.36 -11.44
CA LYS B 656 -37.54 -7.99 -10.99
C LYS B 656 -36.62 -7.87 -9.78
N LEU B 657 -35.77 -6.84 -9.79
CA LEU B 657 -34.81 -6.64 -8.71
C LEU B 657 -34.67 -5.14 -8.43
N ASN B 658 -34.44 -4.82 -7.16
CA ASN B 658 -34.18 -3.47 -6.73
C ASN B 658 -32.68 -3.28 -6.55
N ILE B 659 -32.15 -2.23 -7.17
CA ILE B 659 -30.70 -1.99 -7.10
C ILE B 659 -30.26 -1.85 -5.65
N GLN B 660 -30.96 -1.01 -4.88
CA GLN B 660 -30.55 -0.75 -3.51
C GLN B 660 -30.57 -2.04 -2.68
N ASP B 661 -31.60 -2.86 -2.85
CA ASP B 661 -31.66 -4.12 -2.13
C ASP B 661 -30.49 -5.02 -2.47
N ILE B 662 -30.25 -5.26 -3.76
CA ILE B 662 -29.22 -6.23 -4.12
C ILE B 662 -27.84 -5.72 -3.73
N LEU B 663 -27.62 -4.41 -3.80
CA LEU B 663 -26.31 -3.87 -3.44
C LEU B 663 -26.13 -3.67 -1.94
N SER B 664 -27.19 -3.81 -1.14
CA SER B 664 -27.02 -3.75 0.30
C SER B 664 -26.79 -5.12 0.94
N GLN B 665 -26.90 -6.20 0.18
CA GLN B 665 -26.82 -7.54 0.77
C GLN B 665 -25.39 -7.87 1.22
N THR B 666 -25.27 -8.98 1.95
CA THR B 666 -23.98 -9.51 2.35
C THR B 666 -23.36 -10.31 1.23
N HIS B 667 -22.03 -10.33 1.18
CA HIS B 667 -21.27 -10.96 0.10
C HIS B 667 -20.12 -11.81 0.67
N GLU B 668 -20.45 -12.69 1.61
CA GLU B 668 -19.45 -13.57 2.22
C GLU B 668 -18.55 -14.20 1.17
N ASP B 669 -17.24 -14.19 1.45
CA ASP B 669 -16.19 -14.84 0.66
C ASP B 669 -15.98 -14.19 -0.71
N LEU B 670 -16.56 -13.03 -0.94
CA LEU B 670 -16.34 -12.26 -2.16
C LEU B 670 -15.73 -10.93 -1.78
N ALA B 671 -14.72 -10.50 -2.54
CA ALA B 671 -14.04 -9.25 -2.22
C ALA B 671 -14.93 -8.04 -2.46
N SER B 672 -15.85 -8.12 -3.41
CA SER B 672 -16.68 -6.97 -3.75
C SER B 672 -18.12 -7.41 -3.97
N ILE B 673 -19.05 -6.55 -3.57
CA ILE B 673 -20.46 -6.78 -3.88
C ILE B 673 -20.67 -6.97 -5.37
N THR B 674 -19.78 -6.43 -6.20
CA THR B 674 -19.97 -6.57 -7.64
C THR B 674 -19.87 -8.02 -8.10
N GLN B 675 -19.24 -8.88 -7.32
CA GLN B 675 -19.11 -10.29 -7.66
C GLN B 675 -20.29 -11.14 -7.23
N LEU B 676 -21.24 -10.55 -6.49
CA LEU B 676 -22.36 -11.32 -5.93
C LEU B 676 -23.32 -11.75 -7.02
N PRO B 677 -23.65 -13.04 -7.13
CA PRO B 677 -24.65 -13.47 -8.11
C PRO B 677 -26.05 -12.97 -7.73
N VAL B 678 -26.74 -12.38 -8.70
CA VAL B 678 -28.08 -11.88 -8.49
C VAL B 678 -29.16 -12.81 -9.03
N LEU B 679 -28.81 -13.74 -9.92
CA LEU B 679 -29.77 -14.70 -10.45
C LEU B 679 -29.00 -15.81 -11.14
N ASN B 680 -29.67 -16.94 -11.34
CA ASN B 680 -29.13 -18.04 -12.14
C ASN B 680 -29.85 -18.05 -13.48
N PHE B 681 -29.09 -17.99 -14.56
CA PHE B 681 -29.64 -18.28 -15.88
C PHE B 681 -29.69 -19.79 -16.05
N THR B 682 -30.89 -20.33 -16.28
CA THR B 682 -31.07 -21.77 -16.35
C THR B 682 -31.71 -22.17 -17.67
N ALA B 683 -31.36 -23.37 -18.12
CA ALA B 683 -31.96 -23.97 -19.30
C ALA B 683 -31.87 -25.48 -19.17
N ASN B 684 -32.75 -26.15 -19.92
CA ASN B 684 -32.73 -27.60 -20.05
C ASN B 684 -32.09 -27.93 -21.39
N ILE B 685 -31.05 -28.76 -21.34
CA ILE B 685 -30.29 -29.16 -22.51
C ILE B 685 -30.51 -30.65 -22.73
N GLN B 686 -31.06 -31.01 -23.89
CA GLN B 686 -31.35 -32.40 -24.22
C GLN B 686 -30.52 -32.81 -25.43
N ASN B 687 -29.88 -33.98 -25.35
CA ASN B 687 -29.08 -34.47 -26.49
C ASN B 687 -29.99 -35.28 -27.40
N THR B 688 -30.68 -34.56 -28.30
CA THR B 688 -31.61 -35.20 -29.21
C THR B 688 -30.93 -35.80 -30.43
N GLY B 689 -29.62 -35.99 -30.39
CA GLY B 689 -28.90 -36.49 -31.56
C GLY B 689 -28.50 -37.95 -31.45
N LYS B 690 -27.39 -38.32 -32.09
CA LYS B 690 -26.97 -39.71 -32.15
C LYS B 690 -25.64 -39.97 -31.46
N VAL B 691 -25.02 -38.98 -30.81
CA VAL B 691 -23.71 -39.19 -30.20
C VAL B 691 -23.63 -38.39 -28.91
N GLU B 692 -23.04 -39.01 -27.88
CA GLU B 692 -22.76 -38.29 -26.65
C GLU B 692 -21.71 -37.22 -26.91
N SER B 693 -21.82 -36.09 -26.21
CA SER B 693 -20.94 -34.98 -26.50
C SER B 693 -20.99 -33.96 -25.36
N ASP B 694 -19.90 -33.23 -25.20
CA ASP B 694 -19.91 -32.07 -24.34
C ASP B 694 -20.77 -30.98 -24.97
N TYR B 695 -21.16 -30.00 -24.15
CA TYR B 695 -21.98 -28.89 -24.60
C TYR B 695 -21.43 -27.61 -23.99
N THR B 696 -21.17 -26.62 -24.82
CA THR B 696 -20.74 -25.32 -24.35
C THR B 696 -21.86 -24.31 -24.53
N ALA B 697 -21.88 -23.34 -23.63
CA ALA B 697 -22.92 -22.33 -23.64
C ALA B 697 -22.33 -20.98 -23.25
N MET B 698 -22.78 -19.95 -23.95
CA MET B 698 -22.52 -18.56 -23.63
C MET B 698 -23.86 -17.85 -23.41
N VAL B 699 -23.89 -16.97 -22.40
CA VAL B 699 -25.07 -16.20 -22.05
C VAL B 699 -24.78 -14.74 -22.39
N PHE B 700 -25.65 -14.14 -23.21
CA PHE B 700 -25.45 -12.76 -23.66
C PHE B 700 -26.55 -11.86 -23.11
N ALA B 701 -26.18 -10.63 -22.77
CA ALA B 701 -27.15 -9.65 -22.28
C ALA B 701 -27.19 -8.45 -23.23
N ASN B 702 -28.36 -7.86 -23.37
CA ASN B 702 -28.45 -6.59 -24.06
C ASN B 702 -29.54 -5.74 -23.41
N THR B 703 -29.39 -4.42 -23.53
CA THR B 703 -30.34 -3.46 -23.00
C THR B 703 -30.54 -2.34 -24.02
N SER B 704 -31.71 -1.70 -23.95
CA SER B 704 -31.98 -0.52 -24.76
C SER B 704 -32.26 0.74 -23.96
N ASP B 705 -32.49 0.63 -22.64
CA ASP B 705 -32.83 1.77 -21.82
C ASP B 705 -31.97 1.92 -20.56
N ALA B 706 -31.19 0.91 -20.18
CA ALA B 706 -30.45 0.94 -18.93
C ALA B 706 -29.13 1.68 -19.14
N GLY B 707 -29.05 2.92 -18.65
CA GLY B 707 -27.83 3.69 -18.76
C GLY B 707 -27.80 4.54 -20.01
N PRO B 708 -26.64 5.13 -20.30
CA PRO B 708 -26.52 6.06 -21.43
C PRO B 708 -26.26 5.36 -22.76
N ALA B 709 -26.62 6.07 -23.84
CA ALA B 709 -26.33 5.70 -25.21
C ALA B 709 -24.87 6.04 -25.52
N PRO B 710 -24.24 5.32 -26.46
CA PRO B 710 -24.75 4.21 -27.27
C PRO B 710 -24.92 2.91 -26.50
N TYR B 711 -25.72 1.94 -26.99
CA TYR B 711 -25.92 0.66 -26.34
C TYR B 711 -25.25 -0.47 -27.12
N PRO B 712 -24.61 -1.41 -26.43
CA PRO B 712 -23.89 -2.49 -27.12
C PRO B 712 -24.86 -3.40 -27.86
N VAL B 713 -24.33 -4.07 -28.89
CA VAL B 713 -25.11 -5.12 -29.53
C VAL B 713 -25.49 -6.18 -28.49
N LYS B 714 -24.51 -6.66 -27.76
CA LYS B 714 -24.69 -7.62 -26.68
C LYS B 714 -23.37 -7.67 -25.93
N TRP B 715 -23.38 -8.30 -24.76
CA TRP B 715 -22.15 -8.53 -24.02
C TRP B 715 -22.25 -9.86 -23.27
N LEU B 716 -21.11 -10.54 -23.17
CA LEU B 716 -21.07 -11.86 -22.54
C LEU B 716 -21.12 -11.73 -21.02
N VAL B 717 -22.12 -12.35 -20.40
CA VAL B 717 -22.27 -12.31 -18.94
C VAL B 717 -21.92 -13.62 -18.26
N GLY B 718 -21.88 -14.74 -18.97
CA GLY B 718 -21.52 -16.01 -18.34
C GLY B 718 -21.34 -17.10 -19.37
N TRP B 719 -20.82 -18.23 -18.92
CA TRP B 719 -20.57 -19.35 -19.83
C TRP B 719 -20.32 -20.61 -19.04
N ASP B 720 -20.57 -21.75 -19.68
CA ASP B 720 -20.34 -23.03 -19.03
C ASP B 720 -20.07 -24.11 -20.06
N ARG B 721 -19.54 -25.24 -19.56
CA ARG B 721 -19.34 -26.45 -20.34
C ARG B 721 -19.85 -27.64 -19.52
N LEU B 722 -20.67 -28.48 -20.15
CA LEU B 722 -21.28 -29.66 -19.55
C LEU B 722 -20.74 -30.91 -20.23
N GLY B 723 -20.33 -31.89 -19.43
CA GLY B 723 -19.58 -33.02 -19.94
C GLY B 723 -20.45 -34.23 -20.20
N ASP B 724 -20.13 -34.95 -21.28
CA ASP B 724 -20.71 -36.24 -21.61
C ASP B 724 -22.23 -36.27 -21.43
N VAL B 725 -22.93 -35.42 -22.18
CA VAL B 725 -24.38 -35.46 -22.20
C VAL B 725 -24.79 -36.67 -23.03
N LYS B 726 -25.14 -37.76 -22.35
CA LYS B 726 -25.51 -38.99 -23.03
C LYS B 726 -26.72 -38.75 -23.93
N VAL B 727 -26.84 -39.60 -24.97
CA VAL B 727 -27.94 -39.44 -25.91
C VAL B 727 -29.26 -39.50 -25.17
N GLY B 728 -30.10 -38.48 -25.38
CA GLY B 728 -31.39 -38.39 -24.74
C GLY B 728 -31.37 -37.77 -23.36
N GLU B 729 -30.21 -37.70 -22.71
CA GLU B 729 -30.12 -37.13 -21.38
C GLU B 729 -30.50 -35.66 -21.40
N THR B 730 -31.11 -35.21 -20.32
CA THR B 730 -31.43 -33.79 -20.14
C THR B 730 -30.67 -33.29 -18.92
N ARG B 731 -29.68 -32.43 -19.19
CA ARG B 731 -28.86 -31.80 -18.17
C ARG B 731 -29.31 -30.37 -18.00
N GLU B 732 -29.28 -29.86 -16.76
CA GLU B 732 -29.66 -28.48 -16.51
C GLU B 732 -28.43 -27.58 -16.58
N LEU B 733 -28.63 -26.40 -17.17
CA LEU B 733 -27.60 -25.38 -17.25
C LEU B 733 -27.89 -24.32 -16.20
N ARG B 734 -26.96 -24.10 -15.29
CA ARG B 734 -27.12 -23.10 -14.24
C ARG B 734 -25.93 -22.15 -14.29
N VAL B 735 -26.14 -20.95 -14.80
CA VAL B 735 -25.06 -19.98 -14.93
C VAL B 735 -25.33 -18.83 -13.95
N PRO B 736 -24.56 -18.70 -12.88
CA PRO B 736 -24.69 -17.51 -12.03
C PRO B 736 -24.36 -16.26 -12.82
N ILE B 737 -25.07 -15.18 -12.51
CA ILE B 737 -24.87 -13.90 -13.16
C ILE B 737 -24.54 -12.88 -12.08
N GLU B 738 -23.33 -12.34 -12.12
CA GLU B 738 -22.90 -11.41 -11.09
C GLU B 738 -23.51 -10.02 -11.32
N VAL B 739 -23.63 -9.27 -10.23
CA VAL B 739 -24.18 -7.92 -10.31
C VAL B 739 -23.36 -7.06 -11.25
N GLY B 740 -22.03 -7.21 -11.22
CA GLY B 740 -21.18 -6.42 -12.10
C GLY B 740 -21.53 -6.54 -13.56
N SER B 741 -21.96 -7.73 -13.98
CA SER B 741 -22.34 -7.95 -15.38
C SER B 741 -23.49 -7.05 -15.82
N PHE B 742 -24.35 -6.61 -14.89
CA PHE B 742 -25.44 -5.68 -15.20
C PHE B 742 -25.01 -4.22 -15.16
N ALA B 743 -23.80 -3.93 -14.69
CA ALA B 743 -23.32 -2.55 -14.61
C ALA B 743 -22.84 -2.06 -15.97
N ARG B 744 -22.88 -0.74 -16.14
CA ARG B 744 -22.43 -0.07 -17.34
C ARG B 744 -21.49 1.07 -16.94
N VAL B 745 -20.57 1.40 -17.84
CA VAL B 745 -19.53 2.37 -17.55
C VAL B 745 -19.88 3.71 -18.18
N ASN B 746 -19.89 4.77 -17.35
CA ASN B 746 -20.12 6.13 -17.81
C ASN B 746 -18.84 6.71 -18.41
N GLU B 747 -18.95 7.94 -18.91
CA GLU B 747 -17.81 8.60 -19.57
C GLU B 747 -16.68 8.90 -18.59
N ASP B 748 -17.00 9.19 -17.33
CA ASP B 748 -15.99 9.45 -16.33
C ASP B 748 -15.29 8.19 -15.85
N GLY B 749 -15.73 7.01 -16.30
CA GLY B 749 -15.16 5.75 -15.89
C GLY B 749 -15.92 5.00 -14.82
N ASP B 750 -16.89 5.63 -14.18
CA ASP B 750 -17.62 4.97 -13.10
C ASP B 750 -18.37 3.76 -13.62
N TRP B 751 -18.23 2.64 -12.92
CA TRP B 751 -19.14 1.52 -13.10
C TRP B 751 -20.38 1.80 -12.27
N VAL B 752 -21.53 1.91 -12.94
CA VAL B 752 -22.81 2.27 -12.33
C VAL B 752 -23.84 1.22 -12.70
N LEU B 753 -24.65 0.81 -11.73
CA LEU B 753 -25.80 -0.02 -12.00
C LEU B 753 -26.98 0.89 -12.30
N PHE B 754 -27.57 0.73 -13.49
CA PHE B 754 -28.67 1.58 -13.89
C PHE B 754 -29.98 0.79 -13.86
N PRO B 755 -31.08 1.43 -13.48
CA PRO B 755 -32.38 0.78 -13.65
C PRO B 755 -32.74 0.71 -15.13
N GLY B 756 -33.56 -0.27 -15.47
CA GLY B 756 -33.94 -0.49 -16.85
C GLY B 756 -34.20 -1.96 -17.09
N THR B 757 -34.34 -2.32 -18.36
CA THR B 757 -34.72 -3.68 -18.73
C THR B 757 -33.60 -4.34 -19.51
N PHE B 758 -33.25 -5.57 -19.11
CA PHE B 758 -32.19 -6.35 -19.71
C PHE B 758 -32.75 -7.65 -20.25
N GLU B 759 -32.20 -8.11 -21.36
CA GLU B 759 -32.56 -9.39 -21.95
C GLU B 759 -31.33 -10.29 -21.93
N LEU B 760 -31.50 -11.49 -21.40
CA LEU B 760 -30.45 -12.51 -21.38
C LEU B 760 -30.85 -13.64 -22.31
N GLY B 761 -29.96 -13.98 -23.23
CA GLY B 761 -30.25 -15.01 -24.21
C GLY B 761 -29.17 -16.06 -24.20
N LEU B 762 -29.57 -17.27 -24.56
CA LEU B 762 -28.68 -18.43 -24.56
C LEU B 762 -28.05 -18.58 -25.94
N ASN B 763 -26.73 -18.41 -26.01
CA ASN B 763 -25.97 -18.57 -27.25
C ASN B 763 -26.45 -17.60 -28.32
N LEU B 764 -25.94 -17.76 -29.55
CA LEU B 764 -26.25 -16.82 -30.62
C LEU B 764 -27.72 -16.90 -31.05
N GLU B 765 -28.29 -18.11 -31.05
CA GLU B 765 -29.68 -18.28 -31.49
C GLU B 765 -30.68 -17.63 -30.54
N ARG B 766 -30.32 -17.44 -29.27
CA ARG B 766 -31.17 -16.73 -28.30
C ARG B 766 -32.56 -17.37 -28.21
N LYS B 767 -32.59 -18.70 -28.09
CA LYS B 767 -33.87 -19.40 -28.00
C LYS B 767 -34.44 -19.29 -26.59
N VAL B 768 -33.73 -19.81 -25.61
CA VAL B 768 -34.09 -19.61 -24.20
C VAL B 768 -33.71 -18.19 -23.81
N ARG B 769 -34.65 -17.47 -23.20
CA ARG B 769 -34.41 -16.08 -22.84
C ARG B 769 -34.96 -15.80 -21.45
N VAL B 770 -34.48 -14.71 -20.87
CA VAL B 770 -34.90 -14.24 -19.56
C VAL B 770 -34.93 -12.71 -19.58
N LYS B 771 -35.99 -12.13 -19.04
CA LYS B 771 -36.11 -10.70 -18.92
C LYS B 771 -35.84 -10.30 -17.48
N VAL B 772 -34.95 -9.34 -17.27
CA VAL B 772 -34.57 -8.87 -15.95
C VAL B 772 -34.82 -7.37 -15.89
N VAL B 773 -35.69 -6.95 -14.99
CA VAL B 773 -36.02 -5.54 -14.84
C VAL B 773 -35.42 -5.05 -13.53
N LEU B 774 -34.58 -4.02 -13.61
CA LEU B 774 -33.94 -3.44 -12.43
C LEU B 774 -34.65 -2.13 -12.11
N SER B 775 -35.16 -2.04 -10.88
CA SER B 775 -35.81 -0.85 -10.35
C SER B 775 -34.92 -0.17 -9.33
N GLY B 776 -35.34 1.02 -8.90
CA GLY B 776 -34.59 1.79 -7.94
C GLY B 776 -33.88 2.97 -8.58
N GLU B 777 -32.87 3.48 -7.87
CA GLU B 777 -32.02 4.53 -8.38
C GLU B 777 -30.66 3.95 -8.74
N GLU B 778 -30.02 4.59 -9.73
CA GLU B 778 -28.70 4.17 -10.14
C GLU B 778 -27.72 4.26 -8.97
N GLU B 779 -26.78 3.32 -8.92
CA GLU B 779 -25.81 3.25 -7.85
C GLU B 779 -24.43 2.95 -8.44
N VAL B 780 -23.41 3.62 -7.91
CA VAL B 780 -22.05 3.46 -8.37
C VAL B 780 -21.42 2.29 -7.65
N VAL B 781 -20.91 1.33 -8.43
CA VAL B 781 -20.22 0.18 -7.87
C VAL B 781 -18.73 0.20 -8.17
N LEU B 782 -18.25 1.14 -8.99
CA LEU B 782 -16.80 1.39 -9.09
C LEU B 782 -16.60 2.87 -9.35
N LYS B 783 -16.06 3.59 -8.37
CA LYS B 783 -15.84 5.03 -8.49
C LYS B 783 -14.45 5.27 -9.07
N TRP B 784 -14.40 5.67 -10.33
CA TRP B 784 -13.13 5.75 -11.06
C TRP B 784 -12.26 6.88 -10.51
N PRO B 785 -11.03 6.60 -10.11
CA PRO B 785 -10.18 7.64 -9.51
C PRO B 785 -9.81 8.72 -10.52
N GLY B 786 -9.44 9.88 -9.99
CA GLY B 786 -8.92 10.97 -10.78
C GLY B 786 -7.43 11.20 -10.56
N LYS B 787 -6.93 12.24 -11.23
CA LYS B 787 -5.53 12.67 -11.12
C LYS B 787 -4.61 11.81 -12.00
C1 NAG C . 15.94 7.56 32.14
C2 NAG C . 16.88 7.46 33.34
C3 NAG C . 16.90 6.02 33.85
C4 NAG C . 15.49 5.52 34.11
C5 NAG C . 14.58 5.76 32.93
C6 NAG C . 13.12 5.50 33.26
C7 NAG C . 18.82 8.94 33.56
C8 NAG C . 18.03 9.66 34.62
N2 NAG C . 18.22 7.90 32.99
O3 NAG C . 17.66 6.00 35.05
O4 NAG C . 15.53 4.12 34.38
O5 NAG C . 14.65 7.13 32.51
O6 NAG C . 12.45 4.88 32.18
O7 NAG C . 19.96 9.28 33.25
C1 NAG C . 14.64 3.87 35.49
C2 NAG C . 14.21 2.41 35.51
C3 NAG C . 13.24 2.17 36.67
C4 NAG C . 13.83 2.68 37.98
C5 NAG C . 14.40 4.09 37.83
C6 NAG C . 15.18 4.55 39.04
C7 NAG C . 14.27 1.38 33.28
C8 NAG C . 13.49 1.06 32.04
N2 NAG C . 13.60 2.02 34.25
O3 NAG C . 12.93 0.78 36.76
O4 NAG C . 12.79 2.80 38.94
O5 NAG C . 15.29 4.18 36.71
O6 NAG C . 16.06 3.52 39.49
O7 NAG C . 15.45 1.08 33.40
C1 BMA C . 12.59 1.66 39.78
C2 BMA C . 11.69 2.19 40.96
C3 BMA C . 11.20 1.06 41.84
C4 BMA C . 10.61 -0.08 41.00
C5 BMA C . 11.62 -0.55 39.91
C6 BMA C . 11.05 -1.68 39.01
O2 BMA C . 10.52 2.84 40.47
O3 BMA C . 10.19 1.53 42.73
O4 BMA C . 10.25 -1.15 41.85
O5 BMA C . 12.00 0.58 39.07
O6 BMA C . 11.80 -1.75 37.78
C1 MAN C . 10.69 1.79 44.07
C2 MAN C . 9.44 1.88 45.01
C3 MAN C . 8.68 3.20 44.77
C4 MAN C . 9.64 4.40 44.86
C5 MAN C . 10.79 4.22 43.85
C6 MAN C . 11.82 5.34 43.92
O2 MAN C . 9.79 1.85 46.40
O3 MAN C . 7.59 3.38 45.68
O4 MAN C . 8.95 5.61 44.58
O5 MAN C . 11.50 2.97 44.12
O6 MAN C . 12.79 5.12 42.90
C1 MAN C . 10.33 0.56 46.76
C2 MAN C . 9.16 -0.44 46.83
C3 MAN C . 8.20 -0.09 48.01
C4 MAN C . 8.97 0.14 49.32
C5 MAN C . 10.15 1.12 49.10
C6 MAN C . 11.04 1.27 50.33
O2 MAN C . 9.64 -1.77 47.06
O3 MAN C . 7.18 -1.08 48.20
O4 MAN C . 8.09 0.65 50.32
O5 MAN C . 11.00 0.64 48.01
O6 MAN C . 12.05 2.23 50.01
C1 MAN C . 11.75 -3.10 37.28
C2 MAN C . 13.22 -3.47 36.94
C3 MAN C . 13.70 -2.64 35.75
C4 MAN C . 12.72 -2.76 34.56
C5 MAN C . 11.29 -2.35 35.02
C6 MAN C . 10.20 -2.40 33.92
O2 MAN C . 13.34 -4.84 36.55
O3 MAN C . 15.04 -2.95 35.35
O4 MAN C . 13.14 -1.94 33.48
O5 MAN C . 10.89 -3.19 36.15
O6 MAN C . 10.04 -3.73 33.43
C1 NAG D . 5.42 6.28 45.41
C2 NAG D . 5.01 7.66 45.83
C3 NAG D . 4.19 7.60 47.11
C4 NAG D . 3.00 6.65 46.92
C5 NAG D . 3.46 5.31 46.33
C6 NAG D . 2.32 4.41 45.89
C7 NAG D . 6.35 9.64 45.32
C8 NAG D . 5.24 10.01 44.39
N2 NAG D . 6.18 8.51 46.01
O3 NAG D . 3.72 8.91 47.42
O4 NAG D . 2.39 6.42 48.19
O5 NAG D . 4.27 5.52 45.17
O6 NAG D . 1.23 4.46 46.80
O7 NAG D . 7.36 10.35 45.47
C1 NAG D . 1.03 6.91 48.29
C2 NAG D . 0.43 6.30 49.55
C3 NAG D . -1.01 6.79 49.74
C4 NAG D . -1.02 8.31 49.80
C5 NAG D . -0.40 8.87 48.52
C6 NAG D . -0.29 10.38 48.55
C7 NAG D . 1.41 4.11 50.10
C8 NAG D . 1.30 2.63 49.94
N2 NAG D . 0.46 4.85 49.49
O3 NAG D . -1.58 6.26 50.93
O4 NAG D . -2.35 8.78 49.99
O5 NAG D . 0.93 8.36 48.35
O6 NAG D . 0.67 10.81 49.50
O7 NAG D . 2.31 4.63 50.77
C1 NAG E . -12.67 -29.37 -18.06
C2 NAG E . -13.48 -30.62 -18.34
C3 NAG E . -13.15 -31.71 -17.32
C4 NAG E . -11.65 -31.96 -17.28
C5 NAG E . -10.90 -30.65 -17.07
C6 NAG E . -9.40 -30.82 -17.21
C7 NAG E . -15.72 -30.48 -19.35
C8 NAG E . -15.08 -31.02 -20.61
N2 NAG E . -14.91 -30.32 -18.31
O3 NAG E . -13.83 -32.91 -17.67
O4 NAG E . -11.36 -32.84 -16.19
O5 NAG E . -11.29 -29.69 -18.07
O6 NAG E . -8.71 -29.91 -16.36
O7 NAG E . -16.91 -30.21 -19.29
C1 NAG E . -10.22 -33.66 -16.50
C2 NAG E . -9.51 -33.92 -15.20
C3 NAG E . -8.25 -34.74 -15.46
C4 NAG E . -8.56 -35.99 -16.28
C5 NAG E . -9.49 -35.70 -17.47
C6 NAG E . -10.08 -36.95 -18.06
C7 NAG E . -9.73 -32.36 -13.33
C8 NAG E . -9.29 -31.05 -12.76
N2 NAG E . -9.19 -32.70 -14.50
O3 NAG E . -7.68 -35.11 -14.20
O4 NAG E . -7.35 -36.47 -16.84
O5 NAG E . -10.60 -34.87 -17.09
O6 NAG E . -11.34 -36.70 -18.66
O7 NAG E . -10.54 -33.07 -12.76
C1 BMA E . -6.90 -37.71 -16.27
C2 BMA E . -6.01 -38.31 -17.36
C3 BMA E . -5.21 -39.51 -16.84
C4 BMA E . -4.58 -39.26 -15.47
C5 BMA E . -5.63 -38.68 -14.50
C6 BMA E . -5.01 -38.34 -13.14
O2 BMA E . -5.07 -37.35 -17.78
O3 BMA E . -4.16 -39.81 -17.77
O4 BMA E . -4.06 -40.46 -14.92
O5 BMA E . -6.19 -37.49 -15.07
O6 BMA E . -5.87 -37.45 -12.46
C1 MAN E . -4.38 -41.07 -18.40
C2 MAN E . -3.10 -41.40 -19.22
C3 MAN E . -3.05 -40.55 -20.51
C4 MAN E . -4.37 -40.61 -21.28
C5 MAN E . -5.51 -40.15 -20.35
C6 MAN E . -6.90 -40.17 -21.00
O2 MAN E . -3.09 -42.75 -19.64
O3 MAN E . -1.96 -40.93 -21.36
O4 MAN E . -4.29 -39.77 -22.43
O5 MAN E . -5.56 -41.03 -19.21
O6 MAN E . -7.88 -39.75 -20.04
C1 MAN E . -2.29 -43.49 -18.70
C2 MAN E . -1.67 -44.70 -19.45
C3 MAN E . -2.78 -45.70 -19.83
C4 MAN E . -3.65 -46.04 -18.60
C5 MAN E . -4.18 -44.75 -17.94
C6 MAN E . -4.96 -45.02 -16.67
O2 MAN E . -0.72 -45.42 -18.64
O3 MAN E . -2.25 -46.88 -20.43
O4 MAN E . -4.75 -46.84 -18.99
O5 MAN E . -3.07 -43.89 -17.60
O6 MAN E . -5.62 -43.82 -16.29
C1 MAN E . -5.47 -37.34 -11.10
C2 MAN E . -6.78 -37.47 -10.28
C3 MAN E . -7.67 -36.27 -10.58
C4 MAN E . -6.92 -34.93 -10.30
C5 MAN E . -5.58 -34.89 -11.11
C6 MAN E . -4.69 -33.65 -10.83
O2 MAN E . -6.54 -37.47 -8.86
O3 MAN E . -8.92 -36.33 -9.89
O4 MAN E . -7.76 -33.82 -10.64
O5 MAN E . -4.79 -36.11 -10.87
O6 MAN E . -4.54 -33.46 -9.41
C1 NAG F . -0.16 -39.62 -23.95
C2 NAG F . -0.02 -39.39 -25.45
C3 NAG F . 0.95 -40.42 -26.05
C4 NAG F . 2.27 -40.41 -25.29
C5 NAG F . 2.04 -40.55 -23.78
C6 NAG F . 3.30 -40.40 -22.95
C7 NAG F . -1.89 -38.40 -26.67
C8 NAG F . -3.24 -38.64 -27.28
N2 NAG F . -1.31 -39.46 -26.09
O3 NAG F . 1.19 -40.11 -27.42
O4 NAG F . 3.07 -41.49 -25.75
O5 NAG F . 1.12 -39.53 -23.33
O6 NAG F . 4.01 -39.22 -23.28
O7 NAG F . -1.34 -37.31 -26.71
C1 NAG F . 4.27 -40.98 -26.38
C2 NAG F . 5.30 -42.10 -26.44
C3 NAG F . 6.58 -41.62 -27.13
C4 NAG F . 6.26 -41.01 -28.48
C5 NAG F . 5.18 -39.95 -28.36
C6 NAG F . 4.73 -39.37 -29.68
C7 NAG F . 4.87 -43.51 -24.46
C8 NAG F . 5.34 -43.90 -23.10
N2 NAG F . 5.60 -42.60 -25.11
O3 NAG F . 7.47 -42.72 -27.29
O4 NAG F . 7.44 -40.39 -29.00
O5 NAG F . 4.01 -40.50 -27.73
O6 NAG F . 4.33 -40.40 -30.58
O7 NAG F . 3.86 -44.00 -24.97
C1 BMA F . 7.88 -41.04 -30.21
C2 BMA F . 8.67 -40.03 -31.07
C3 BMA F . 9.09 -40.70 -32.39
C4 BMA F . 9.68 -42.13 -32.20
C5 BMA F . 8.94 -42.96 -31.11
C6 BMA F . 9.70 -44.22 -30.70
O2 BMA F . 9.85 -39.61 -30.40
O3 BMA F . 10.01 -39.88 -33.15
O4 BMA F . 9.58 -42.81 -33.43
O5 BMA F . 8.72 -42.15 -29.95
O6 BMA F . 8.97 -44.88 -29.64
C1 NAG G . -18.19 0.52 32.70
C2 NAG G . -19.55 0.54 32.02
C3 NAG G . -20.52 -0.37 32.76
C4 NAG G . -19.94 -1.77 32.91
C5 NAG G . -18.56 -1.70 33.55
C6 NAG G . -17.87 -3.04 33.59
C7 NAG G . -19.99 2.68 30.87
C8 NAG G . -19.32 2.06 29.68
N2 NAG G . -20.08 1.90 31.96
O3 NAG G . -21.75 -0.41 32.03
O4 NAG G . -20.80 -2.56 33.73
O5 NAG G . -17.71 -0.82 32.79
O6 NAG G . -17.48 -3.45 32.29
O7 NAG G . -20.45 3.82 30.85
C1 NAG H . -6.65 23.70 48.40
C2 NAG H . -7.94 24.49 48.61
C3 NAG H . -8.96 23.64 49.36
C4 NAG H . -9.17 22.31 48.65
C5 NAG H . -7.82 21.61 48.43
C6 NAG H . -7.94 20.36 47.60
C7 NAG H . -7.84 26.94 48.74
C8 NAG H . -7.54 28.12 49.61
N2 NAG H . -7.69 25.73 49.31
O3 NAG H . -10.20 24.34 49.40
O4 NAG H . -10.03 21.49 49.43
O5 NAG H . -6.92 22.48 47.73
O6 NAG H . -8.57 20.62 46.34
O7 NAG H . -8.20 27.06 47.57
C1 NAG I . 30.28 5.22 18.25
C2 NAG I . 30.90 4.66 16.95
C3 NAG I . 30.67 3.15 16.83
C4 NAG I . 31.13 2.43 18.08
C5 NAG I . 30.42 3.02 19.29
C6 NAG I . 30.83 2.39 20.60
C7 NAG I . 31.11 5.75 14.74
C8 NAG I . 32.58 5.46 14.83
N2 NAG I . 30.37 5.36 15.78
O3 NAG I . 31.38 2.66 15.69
O4 NAG I . 30.87 1.04 17.98
O5 NAG I . 30.73 4.42 19.38
O6 NAG I . 32.13 2.84 21.01
O7 NAG I . 30.62 6.34 13.77
C1 NAG J . -29.33 8.04 6.25
C2 NAG J . -30.84 8.31 6.34
C3 NAG J . -31.14 9.17 7.57
C4 NAG J . -30.54 8.56 8.83
C5 NAG J . -29.05 8.28 8.63
C6 NAG J . -28.42 7.55 9.80
C7 NAG J . -32.13 8.30 4.25
C8 NAG J . -32.56 9.09 3.05
N2 NAG J . -31.34 8.92 5.13
O3 NAG J . -32.54 9.31 7.74
O4 NAG J . -30.70 9.44 9.93
O5 NAG J . -28.86 7.44 7.48
O6 NAG J . -28.93 6.24 9.97
O7 NAG J . -32.49 7.12 4.40
C1 GOL K . -6.36 14.34 25.80
O1 GOL K . -5.64 13.33 26.54
C2 GOL K . -6.39 13.89 24.30
O2 GOL K . -5.21 14.32 23.63
C3 GOL K . -7.66 14.52 23.67
O3 GOL K . -8.81 13.79 24.08
H11 GOL K . -5.93 15.21 25.86
H12 GOL K . -7.26 14.46 26.12
HO1 GOL K . -5.47 13.67 27.30
H2 GOL K . -6.44 12.93 24.24
HO2 GOL K . -4.79 14.88 24.15
H31 GOL K . -7.55 14.54 22.71
H32 GOL K . -7.70 15.45 23.94
HO3 GOL K . -9.41 13.94 23.51
C1 NAG L . 22.64 -25.10 -18.26
C2 NAG L . 23.84 -24.36 -17.69
C3 NAG L . 25.13 -24.99 -18.21
C4 NAG L . 25.14 -26.50 -17.96
C5 NAG L . 23.86 -27.13 -18.49
C6 NAG L . 23.73 -28.61 -18.15
C7 NAG L . 23.37 -22.00 -17.19
C8 NAG L . 23.38 -20.60 -17.72
N2 NAG L . 23.79 -22.95 -18.04
O3 NAG L . 26.25 -24.39 -17.57
O4 NAG L . 26.26 -27.10 -18.59
O5 NAG L . 22.71 -26.48 -17.91
O6 NAG L . 22.60 -29.18 -18.79
O7 NAG L . 23.01 -22.26 -16.05
C1 NAG M . 7.82 -32.89 -42.79
C2 NAG M . 8.95 -32.34 -43.66
C3 NAG M . 10.26 -33.07 -43.36
C4 NAG M . 10.56 -33.02 -41.88
C5 NAG M . 9.38 -33.54 -41.07
C6 NAG M . 9.56 -33.37 -39.58
C7 NAG M . 8.28 -31.34 -45.80
C8 NAG M . 8.29 -30.02 -45.08
N2 NAG M . 8.62 -32.41 -45.07
O3 NAG M . 11.31 -32.45 -44.10
O4 NAG M . 11.71 -33.82 -41.59
O5 NAG M . 8.19 -32.81 -41.41
O6 NAG M . 9.41 -32.01 -39.19
O7 NAG M . 8.00 -31.42 -46.99
C1 NAG N . -28.38 -20.33 -7.90
C2 NAG N . -28.95 -19.44 -6.78
C3 NAG N . -28.39 -19.86 -5.42
C4 NAG N . -28.57 -21.36 -5.19
C5 NAG N . -27.95 -22.12 -6.35
C6 NAG N . -28.13 -23.62 -6.24
C7 NAG N . -29.57 -17.06 -6.90
C8 NAG N . -30.95 -17.49 -6.46
N2 NAG N . -28.67 -18.04 -7.03
O3 NAG N . -29.03 -19.13 -4.39
O4 NAG N . -27.97 -21.77 -3.97
O5 NAG N . -28.58 -21.72 -7.58
O6 NAG N . -27.19 -24.31 -7.06
O7 NAG N . -29.30 -15.89 -7.13
C1 NAG O . -32.03 -7.34 -27.28
C2 NAG O . -33.10 -6.48 -26.58
C3 NAG O . -34.50 -6.88 -27.02
C4 NAG O . -34.60 -6.87 -28.54
C5 NAG O . -33.53 -7.79 -29.12
C6 NAG O . -33.55 -7.84 -30.63
C7 NAG O . -33.28 -5.57 -24.30
C8 NAG O . -33.71 -4.29 -24.94
N2 NAG O . -32.99 -6.58 -25.13
O3 NAG O . -35.45 -5.98 -26.48
O4 NAG O . -35.88 -7.31 -28.97
O5 NAG O . -32.24 -7.32 -28.72
O6 NAG O . -34.88 -7.97 -31.12
O7 NAG O . -33.18 -5.69 -23.09
C1 NAG P . 28.22 6.59 -8.83
C2 NAG P . 29.56 6.59 -9.60
C3 NAG P . 30.62 7.37 -8.82
C4 NAG P . 30.10 8.75 -8.41
C5 NAG P . 28.75 8.62 -7.71
C6 NAG P . 28.13 9.95 -7.32
C7 NAG P . 30.66 4.84 -10.95
C8 NAG P . 31.05 3.39 -11.01
N2 NAG P . 30.01 5.22 -9.83
O3 NAG P . 31.79 7.52 -9.62
O4 NAG P . 31.05 9.37 -7.54
O5 NAG P . 27.83 7.94 -8.56
O6 NAG P . 27.61 10.66 -8.42
O7 NAG P . 30.90 5.62 -11.87
C1 GOL Q . 7.61 -14.05 -23.75
O1 GOL Q . 8.86 -14.32 -23.11
C2 GOL Q . 6.53 -15.18 -23.50
O2 GOL Q . 5.25 -14.76 -23.85
C3 GOL Q . 7.08 -16.30 -24.41
O3 GOL Q . 6.17 -17.35 -24.44
H11 GOL Q . 7.72 -13.95 -24.71
H12 GOL Q . 7.23 -13.22 -23.44
HO1 GOL Q . 9.42 -13.72 -23.39
H2 GOL Q . 6.45 -15.47 -22.58
HO2 GOL Q . 5.31 -14.39 -24.59
H31 GOL Q . 7.95 -16.57 -24.07
H32 GOL Q . 7.26 -15.93 -25.28
HO3 GOL Q . 5.42 -17.01 -24.66
#